data_7WHW
#
_entry.id   7WHW
#
_cell.length_a   1.00
_cell.length_b   1.00
_cell.length_c   1.00
_cell.angle_alpha   90.00
_cell.angle_beta   90.00
_cell.angle_gamma   90.00
#
_symmetry.space_group_name_H-M   'P 1'
#
loop_
_entity.id
_entity.type
_entity.pdbx_description
1 polymer 'Phospholipid-transporting ATPase DNF1'
2 polymer 'Alkylphosphocholine resistance protein LEM3'
3 branched beta-D-mannopyranose-(1-4)-2-acetamido-2-deoxy-beta-D-glucopyranose-(1-4)-2-acetamido-2-deoxy-beta-D-glucopyranose
4 non-polymer 'PHOSPHOMETHYLPHOSPHONIC ACID ADENYLATE ESTER'
5 non-polymer 'MAGNESIUM ION'
#
loop_
_entity_poly.entity_id
_entity_poly.type
_entity_poly.pdbx_seq_one_letter_code
_entity_poly.pdbx_strand_id
1 'polypeptide(L)'
;MSGTFHGDGHAPMSPFEDTFQFEDNSSNEDTHIAPTHFDDGATSNKYSRPQVSFNDETPKNKREDAEEFTFNDDTEYDNH
SFQPTPKLNNGSGTFDDVELDNDSGEPHTNYDGMKRFRMGTKRNKKGNPIMGRSKTLKWARKNIPNPFEDFTKDDIDPGA
INRAQELRTVYYNMPLPKDMIDEEGNPIMQYPRNKIRTTKYTPLTFLPKNILFQFHNFANVYFLVLIILGAFQIFGVTNP
GLSAVPLVVIVIITAIKDAIEDSRRTVLDLEVNNTKTHILEGVENENVSTDNISLWRRFKKANSRLLFKFIQYCKEHLTE
EGKKKRMQRKRHELRVQKTVGTSGPRSSLDSIDSYRVSADYGRPSLDYDNLEQGAGEANIVDRSLPPRTDCKFAKNYWKG
VKVGDIVRIHNNDEIPADIILLSTSDTDGACYVETKNLDGETNLKVRQSLKCTNTIRTSKDIARTKFWIESEGPHSNLYT
YQGNMKWRNLADGEIRNEPITINNVLLRGCTLRNTKWAMGVVMFTGGDTKIMLNSGITPTKKSRISRELNFSVVINFVLL
FILCFVSGIANGVYYDKKGRSRFSYEFGTIAGSAATNGFVSFWVAVILYQSLVPISLYISVEIIKTAQAAFIYGDVLLYN
AKLDYPCTPKSWNISDDLGQVEYIFSDKTGTLTQNVMEFKKCTINGVSYGRAYTEALAGLRKRQGIDVETEGRREKAEIA
KDRDTMIDELRALSGNSQFYPEEVTFVSKEFVRDLKGASGEVQQRCCEHFMLALALCHSVLVEANPDNPKKLDLKAQSPD
EAALVATARDVGFSFVGKTKKGLIIEMQGIQKEFEILNILEFNSSRKRMSCIVKIPGLNPGDEPRALLICKGADSIIYSR
LSRQSGSNSEAILEKTALHLEQYATEGLRTLCIAQRELSWSEYEKWNEKYDIAAASLANREDELEVVADSIERELILLGG
TAIEDRLQDGVPDCIELLAEAGIKLWVLTGDKVETAINIGFSCNLLNNEMELLVIKTTGDDVKEFGSEPSEIVDALLSKY
LKEYFNLTGSEEEIFEAKKDHEFPKGNYAIVIDGDALKLALYGEDIRRKFLLLCKNCRAVLCCRVSPSQKAAVVKLVKDS
LDVMTLAIGDGSNDVAMIQSADVGIGIAGEEGRQAVMCSDYAIGQFRYLARLVLVHGRWSYKRLAEMIPEFFYKNMIFAL
ALFWYGIYNDFDGSYLYEYTYMMFYNLAFTSLPVIFLGILDQDVNDTISLVVPQLYRVGILRKEWNQRKFLWYMLDGLYQ
SIICFFFPYLVYHKNMIVTSNGLGLDHRYFVGVYVTTIAVISCNTYVLLHQYRWDWFSGLFIALSCLVVFAWTGIWSSAI
ASREFFKAAARIYGAPSFWAVFFVAVLFCLLPRFTYDSFQKFFYPTDVEIVREMWQHGHFDHYPPGYDPTDPNRPKVTKA
GQHGEKIIEGIALSDNLGGSNYSRDSVVTEEIPMTFMHGEDGSPSGYQKQETWMTSPKETQDLLQSPQFQQAQTFGRGPS
TNVRSSLDRTREQMIATNQLDNRYSVERARTSLDLPGVTNAASLIGTQQNN
;
A
2 'polypeptide(L)'
;MVNFDLGQVGEVFRRKDKGAIVSGDNPEEEEDVDASEFEEDEVKPVRTKNRRPKEDAFTQQRLAAINPVLTPRTVLPLYL
LIAVVFVIVGGCILAQNSKVDEVTIYYQDCMTNATSSWSDIPSEHWQFVFHKYKTYNTAPQWRFVDDESDDFTKQRGTCQ
IRFTTPSDMKNNVYLNYVLEKFAANHRRYVLSFSEDQIRGEDASYETVHDATGINCKPLSKNADGKIYYPCGLIANSMFN
DTFPLQLTNVGDTSNNYSLTNKGINWESDKKRYKKTKYNYTQIAPPPYWEKMYPDGYNETNIPDIQDWEEFQNWMRPGAF
DKITKLIRINKNDTLPAGEYQLDIGLHWPVLEFNGKKGIYLTHGSHLGGRNPFLGIVYLIGGCICAAMALILLTFWLFGG
RKIADASSLSWNMK
;
B
#
loop_
_chem_comp.id
_chem_comp.type
_chem_comp.name
_chem_comp.formula
ACP non-polymer 'PHOSPHOMETHYLPHOSPHONIC ACID ADENYLATE ESTER' 'C11 H18 N5 O12 P3'
BMA D-saccharide, beta linking beta-D-mannopyranose 'C6 H12 O6'
MG non-polymer 'MAGNESIUM ION' 'Mg 2'
NAG D-saccharide, beta linking 2-acetamido-2-deoxy-beta-D-glucopyranose 'C8 H15 N O6'
#
# COMPACT_ATOMS: atom_id res chain seq x y z
N PRO A 187 -13.65 41.87 -16.02
CA PRO A 187 -13.59 41.23 -17.33
C PRO A 187 -12.47 41.78 -18.21
N ILE A 188 -12.33 43.11 -18.22
CA ILE A 188 -11.31 43.74 -19.05
C ILE A 188 -9.93 43.51 -18.47
N MET A 189 -9.73 43.84 -17.20
CA MET A 189 -8.44 43.72 -16.56
C MET A 189 -8.16 42.32 -16.00
N GLN A 190 -8.93 41.32 -16.43
CA GLN A 190 -8.75 39.87 -16.24
C GLN A 190 -8.44 39.49 -14.79
N TYR A 191 -9.43 39.73 -13.94
CA TYR A 191 -9.34 39.33 -12.54
C TYR A 191 -10.42 38.29 -12.21
N PRO A 192 -10.07 37.01 -12.18
CA PRO A 192 -10.90 36.02 -11.48
C PRO A 192 -10.41 35.82 -10.06
N ARG A 193 -11.28 35.28 -9.22
CA ARG A 193 -10.97 35.05 -7.82
C ARG A 193 -10.47 33.61 -7.64
N ASN A 194 -9.64 33.42 -6.62
CA ASN A 194 -8.95 32.15 -6.42
C ASN A 194 -8.63 31.96 -4.95
N LYS A 195 -8.41 30.70 -4.57
CA LYS A 195 -7.89 30.41 -3.24
C LYS A 195 -6.37 30.54 -3.23
N ILE A 196 -5.79 30.31 -2.06
CA ILE A 196 -4.36 30.59 -1.87
C ILE A 196 -3.51 29.54 -2.57
N ARG A 197 -3.56 28.30 -2.11
CA ARG A 197 -2.78 27.23 -2.70
C ARG A 197 -3.72 26.16 -3.25
N THR A 198 -3.45 25.73 -4.49
CA THR A 198 -4.25 24.69 -5.11
C THR A 198 -3.94 23.32 -4.51
N THR A 199 -4.79 22.36 -4.84
CA THR A 199 -4.70 21.00 -4.31
C THR A 199 -4.86 19.98 -5.45
N LYS A 200 -4.90 20.47 -6.70
CA LYS A 200 -5.09 19.74 -7.97
C LYS A 200 -6.28 18.76 -7.96
N TYR A 201 -7.25 18.98 -7.07
CA TYR A 201 -8.55 18.28 -7.13
C TYR A 201 -9.59 19.33 -6.72
N THR A 202 -10.05 20.08 -7.70
CA THR A 202 -10.99 21.16 -7.43
C THR A 202 -12.37 20.58 -7.25
N PRO A 203 -13.11 20.95 -6.19
CA PRO A 203 -14.40 20.30 -5.92
C PRO A 203 -15.50 20.55 -6.94
N LEU A 204 -15.30 21.46 -7.90
CA LEU A 204 -16.21 21.54 -9.03
C LEU A 204 -15.74 20.68 -10.19
N THR A 205 -14.42 20.59 -10.40
CA THR A 205 -13.86 19.79 -11.49
C THR A 205 -13.15 18.55 -10.97
N PHE A 206 -13.65 17.97 -9.87
CA PHE A 206 -13.03 16.77 -9.33
C PHE A 206 -13.40 15.54 -10.14
N LEU A 207 -14.67 15.45 -10.55
CA LEU A 207 -15.18 14.22 -11.12
C LEU A 207 -14.64 13.89 -12.52
N PRO A 208 -14.59 14.80 -13.51
CA PRO A 208 -14.06 14.35 -14.82
C PRO A 208 -12.57 14.08 -14.82
N LYS A 209 -11.81 14.76 -13.98
CA LYS A 209 -10.37 14.50 -13.96
C LYS A 209 -10.05 13.25 -13.15
N ASN A 210 -10.93 12.87 -12.23
CA ASN A 210 -10.73 11.62 -11.51
C ASN A 210 -10.99 10.43 -12.42
N ILE A 211 -11.98 10.53 -13.31
CA ILE A 211 -12.33 9.42 -14.20
C ILE A 211 -11.19 9.12 -15.15
N LEU A 212 -10.66 10.15 -15.83
CA LEU A 212 -9.54 9.95 -16.74
C LEU A 212 -8.28 9.54 -16.00
N PHE A 213 -8.18 9.85 -14.71
CA PHE A 213 -7.08 9.33 -13.91
C PHE A 213 -7.25 7.85 -13.61
N GLN A 214 -8.49 7.38 -13.51
CA GLN A 214 -8.74 5.96 -13.21
C GLN A 214 -8.36 5.07 -14.40
N PHE A 215 -8.37 5.62 -15.61
CA PHE A 215 -8.15 4.81 -16.79
C PHE A 215 -6.74 4.94 -17.34
N HIS A 216 -5.78 5.41 -16.53
CA HIS A 216 -4.38 5.13 -16.83
C HIS A 216 -4.02 3.71 -16.41
N ASN A 217 -4.85 3.13 -15.54
CA ASN A 217 -4.76 1.72 -15.20
C ASN A 217 -5.24 0.88 -16.37
N PHE A 218 -4.41 -0.05 -16.84
CA PHE A 218 -4.76 -0.83 -18.02
C PHE A 218 -5.81 -1.89 -17.70
N ALA A 219 -5.81 -2.40 -16.47
CA ALA A 219 -6.86 -3.34 -16.07
C ALA A 219 -8.19 -2.63 -15.91
N ASN A 220 -8.17 -1.33 -15.66
CA ASN A 220 -9.39 -0.55 -15.54
C ASN A 220 -9.95 -0.23 -16.92
N VAL A 221 -9.09 0.08 -17.89
CA VAL A 221 -9.56 0.39 -19.23
C VAL A 221 -9.91 -0.88 -19.99
N TYR A 222 -9.47 -2.04 -19.50
CA TYR A 222 -9.88 -3.31 -20.06
C TYR A 222 -11.36 -3.58 -19.85
N PHE A 223 -11.98 -2.97 -18.83
CA PHE A 223 -13.43 -3.02 -18.67
C PHE A 223 -14.17 -2.07 -19.60
N LEU A 224 -13.57 -0.97 -20.02
CA LEU A 224 -14.22 -0.16 -21.05
C LEU A 224 -14.25 -0.89 -22.39
N VAL A 225 -13.33 -1.81 -22.63
CA VAL A 225 -13.42 -2.64 -23.83
C VAL A 225 -14.58 -3.62 -23.71
N LEU A 226 -14.63 -4.38 -22.61
CA LEU A 226 -15.61 -5.46 -22.52
C LEU A 226 -17.00 -4.99 -22.11
N ILE A 227 -17.20 -3.71 -21.84
CA ILE A 227 -18.56 -3.21 -21.64
C ILE A 227 -19.11 -2.61 -22.93
N ILE A 228 -18.26 -1.96 -23.72
CA ILE A 228 -18.75 -1.54 -25.03
C ILE A 228 -18.87 -2.73 -25.96
N LEU A 229 -18.05 -3.77 -25.78
CA LEU A 229 -18.28 -5.00 -26.51
C LEU A 229 -19.37 -5.83 -25.84
N GLY A 230 -19.78 -5.45 -24.64
CA GLY A 230 -20.95 -6.05 -24.04
C GLY A 230 -22.25 -5.61 -24.68
N ALA A 231 -22.28 -4.38 -25.21
CA ALA A 231 -23.50 -3.85 -25.78
C ALA A 231 -23.81 -4.48 -27.13
N PHE A 232 -22.79 -4.84 -27.89
CA PHE A 232 -23.02 -5.53 -29.16
C PHE A 232 -23.41 -6.97 -28.90
N GLN A 233 -24.45 -7.43 -29.61
CA GLN A 233 -25.10 -8.68 -29.26
C GLN A 233 -24.35 -9.91 -29.77
N ILE A 234 -23.36 -9.72 -30.64
CA ILE A 234 -22.75 -10.87 -31.31
C ILE A 234 -21.78 -11.59 -30.38
N PHE A 235 -21.41 -10.98 -29.25
CA PHE A 235 -20.52 -11.62 -28.31
C PHE A 235 -21.24 -12.40 -27.23
N GLY A 236 -22.56 -12.43 -27.28
CA GLY A 236 -23.35 -13.36 -26.49
C GLY A 236 -23.29 -13.15 -24.99
N VAL A 237 -23.39 -11.91 -24.55
CA VAL A 237 -23.36 -11.58 -23.13
C VAL A 237 -24.75 -11.11 -22.71
N THR A 238 -25.35 -11.85 -21.80
CA THR A 238 -26.59 -11.44 -21.17
C THR A 238 -26.27 -10.46 -20.05
N ASN A 239 -27.24 -9.61 -19.73
CA ASN A 239 -27.12 -8.44 -18.86
C ASN A 239 -25.94 -7.55 -19.23
N PRO A 240 -26.01 -6.78 -20.33
CA PRO A 240 -24.92 -5.84 -20.61
C PRO A 240 -25.00 -4.56 -19.81
N GLY A 241 -26.19 -4.16 -19.36
CA GLY A 241 -26.30 -3.01 -18.50
C GLY A 241 -25.84 -3.26 -17.10
N LEU A 242 -25.95 -4.48 -16.63
CA LEU A 242 -25.38 -4.91 -15.36
C LEU A 242 -23.92 -5.27 -15.49
N SER A 243 -23.39 -5.32 -16.72
CA SER A 243 -21.97 -5.57 -16.92
C SER A 243 -21.10 -4.41 -16.47
N ALA A 244 -21.69 -3.24 -16.27
CA ALA A 244 -20.99 -2.07 -15.79
C ALA A 244 -20.85 -2.04 -14.28
N VAL A 245 -21.53 -2.92 -13.55
CA VAL A 245 -21.62 -2.81 -12.09
C VAL A 245 -20.29 -3.11 -11.39
N PRO A 246 -19.52 -4.17 -11.70
CA PRO A 246 -18.18 -4.26 -11.10
C PRO A 246 -17.17 -3.28 -11.67
N LEU A 247 -17.55 -2.38 -12.55
CA LEU A 247 -16.67 -1.28 -12.91
C LEU A 247 -17.06 0.00 -12.17
N VAL A 248 -18.34 0.34 -12.19
CA VAL A 248 -18.82 1.57 -11.57
C VAL A 248 -18.67 1.51 -10.05
N VAL A 249 -18.83 0.34 -9.45
CA VAL A 249 -18.60 0.21 -8.01
C VAL A 249 -17.13 0.40 -7.68
N ILE A 250 -16.23 -0.14 -8.50
CA ILE A 250 -14.80 0.07 -8.28
C ILE A 250 -14.39 1.52 -8.55
N VAL A 251 -15.01 2.17 -9.54
CA VAL A 251 -14.66 3.55 -9.85
C VAL A 251 -15.15 4.50 -8.76
N ILE A 252 -16.35 4.26 -8.21
CA ILE A 252 -16.86 5.10 -7.12
C ILE A 252 -16.06 4.89 -5.84
N ILE A 253 -15.66 3.64 -5.56
CA ILE A 253 -14.88 3.39 -4.35
C ILE A 253 -13.46 3.94 -4.49
N THR A 254 -12.87 3.87 -5.69
CA THR A 254 -11.64 4.61 -5.91
C THR A 254 -11.85 6.12 -5.96
N ALA A 255 -13.10 6.58 -6.16
CA ALA A 255 -13.36 8.02 -6.10
C ALA A 255 -13.53 8.48 -4.66
N ILE A 256 -14.32 7.76 -3.87
CA ILE A 256 -14.52 8.17 -2.49
C ILE A 256 -13.29 7.88 -1.64
N LYS A 257 -12.37 7.05 -2.12
CA LYS A 257 -11.05 6.99 -1.52
C LYS A 257 -10.22 8.19 -1.93
N ASP A 258 -10.34 8.62 -3.19
CA ASP A 258 -9.61 9.80 -3.65
C ASP A 258 -10.21 11.07 -3.05
N ALA A 259 -11.50 11.07 -2.73
CA ALA A 259 -12.09 12.23 -2.06
C ALA A 259 -11.68 12.26 -0.60
N ILE A 260 -11.59 11.11 0.06
CA ILE A 260 -11.07 11.06 1.42
C ILE A 260 -9.59 11.38 1.44
N GLU A 261 -8.84 10.91 0.44
CA GLU A 261 -7.43 11.31 0.34
C GLU A 261 -7.28 12.75 -0.11
N ASP A 262 -8.35 13.38 -0.63
CA ASP A 262 -8.33 14.82 -0.82
C ASP A 262 -8.67 15.53 0.47
N SER A 263 -9.45 14.88 1.35
CA SER A 263 -10.00 15.52 2.54
C SER A 263 -8.91 15.92 3.53
N ARG A 264 -8.08 14.96 3.93
CA ARG A 264 -6.95 15.31 4.80
C ARG A 264 -5.84 16.03 4.04
N ARG A 265 -5.92 16.09 2.70
CA ARG A 265 -4.97 16.90 1.96
C ARG A 265 -5.43 18.36 1.86
N THR A 266 -6.72 18.58 1.60
CA THR A 266 -7.20 19.94 1.38
C THR A 266 -7.31 20.75 2.67
N VAL A 267 -7.27 20.10 3.85
CA VAL A 267 -7.36 20.85 5.09
C VAL A 267 -6.05 21.58 5.38
N LEU A 268 -4.95 21.16 4.77
CA LEU A 268 -3.73 21.95 4.81
C LEU A 268 -3.91 23.25 4.04
N ASP A 269 -4.57 23.18 2.88
CA ASP A 269 -4.81 24.39 2.11
C ASP A 269 -6.03 25.17 2.62
N LEU A 270 -6.98 24.49 3.25
CA LEU A 270 -8.15 25.19 3.78
C LEU A 270 -7.84 25.97 5.05
N GLU A 271 -6.94 25.46 5.89
CA GLU A 271 -6.58 26.15 7.12
C GLU A 271 -5.75 27.40 6.83
N VAL A 272 -4.92 27.36 5.79
CA VAL A 272 -4.15 28.56 5.45
C VAL A 272 -4.96 29.53 4.62
N ASN A 273 -6.09 29.10 4.06
CA ASN A 273 -6.87 29.94 3.15
C ASN A 273 -7.66 31.02 3.88
N ASN A 274 -8.64 30.60 4.69
CA ASN A 274 -9.59 31.53 5.28
C ASN A 274 -9.92 31.20 6.72
N THR A 275 -8.90 30.95 7.57
CA THR A 275 -9.20 30.69 8.97
C THR A 275 -9.34 31.99 9.76
N LYS A 276 -8.94 33.12 9.19
CA LYS A 276 -8.91 34.40 9.89
C LYS A 276 -9.19 35.53 8.92
N THR A 277 -9.80 36.60 9.40
CA THR A 277 -10.12 37.77 8.57
C THR A 277 -10.09 39.01 9.45
N HIS A 278 -9.30 40.01 9.04
CA HIS A 278 -9.21 41.26 9.79
C HIS A 278 -10.49 42.08 9.61
N ILE A 279 -10.66 43.08 10.48
CA ILE A 279 -11.94 43.76 10.57
C ILE A 279 -12.13 44.75 9.41
N LEU A 280 -11.08 45.52 9.08
CA LEU A 280 -11.05 46.52 8.00
C LEU A 280 -12.21 47.52 8.08
N GLU A 281 -12.29 48.20 9.22
CA GLU A 281 -13.34 49.18 9.42
C GLU A 281 -13.06 50.42 8.58
N GLY A 282 -14.06 50.83 7.80
CA GLY A 282 -13.95 51.95 6.89
C GLY A 282 -15.09 52.91 7.10
N VAL A 283 -15.45 53.11 8.37
CA VAL A 283 -16.57 53.97 8.73
C VAL A 283 -16.24 55.43 8.42
N GLU A 284 -14.97 55.81 8.50
CA GLU A 284 -14.52 57.17 8.28
C GLU A 284 -14.25 57.46 6.79
N ASN A 285 -15.21 57.11 5.94
CA ASN A 285 -15.01 57.22 4.50
C ASN A 285 -15.40 58.61 4.02
N LYS A 399 -5.26 33.23 5.16
CA LYS A 399 -5.95 33.95 6.22
C LYS A 399 -6.62 35.20 5.66
N GLY A 400 -7.56 35.00 4.75
CA GLY A 400 -8.29 36.09 4.14
C GLY A 400 -7.56 36.65 2.94
N VAL A 401 -8.23 36.64 1.78
CA VAL A 401 -7.62 37.08 0.53
C VAL A 401 -8.50 38.13 -0.12
N LYS A 402 -7.90 39.26 -0.48
CA LYS A 402 -8.60 40.35 -1.16
C LYS A 402 -7.56 41.24 -1.83
N VAL A 403 -7.65 41.35 -3.15
CA VAL A 403 -6.69 42.13 -3.93
C VAL A 403 -7.03 43.61 -3.79
N GLY A 404 -6.07 44.39 -3.31
CA GLY A 404 -6.28 45.80 -3.08
C GLY A 404 -6.52 46.19 -1.65
N ASP A 405 -6.38 45.26 -0.71
CA ASP A 405 -6.65 45.53 0.69
C ASP A 405 -5.52 46.33 1.31
N ILE A 406 -5.86 47.12 2.33
CA ILE A 406 -4.87 47.81 3.15
C ILE A 406 -4.90 47.15 4.52
N VAL A 407 -4.02 46.17 4.73
CA VAL A 407 -4.13 45.24 5.84
C VAL A 407 -3.14 45.60 6.94
N ARG A 408 -3.56 45.44 8.20
CA ARG A 408 -2.72 45.70 9.37
C ARG A 408 -2.21 44.37 9.92
N ILE A 409 -0.89 44.23 10.00
CA ILE A 409 -0.25 42.97 10.36
C ILE A 409 0.54 43.19 11.64
N HIS A 410 0.20 42.43 12.69
CA HIS A 410 0.90 42.50 13.97
C HIS A 410 2.14 41.62 13.95
N ASN A 411 2.69 41.35 15.13
CA ASN A 411 3.89 40.55 15.28
C ASN A 411 3.54 39.06 15.36
N ASN A 412 4.52 38.23 15.00
CA ASN A 412 4.56 36.79 15.29
C ASN A 412 3.41 36.04 14.61
N ASP A 413 3.35 36.16 13.29
CA ASP A 413 2.29 35.52 12.52
C ASP A 413 2.74 35.32 11.08
N GLU A 414 2.06 34.40 10.38
CA GLU A 414 2.32 34.16 8.97
C GLU A 414 1.52 35.15 8.14
N ILE A 415 2.13 35.65 7.06
CA ILE A 415 1.51 36.60 6.14
C ILE A 415 1.15 35.83 4.87
N PRO A 416 -0.13 35.49 4.63
CA PRO A 416 -0.52 34.73 3.44
C PRO A 416 -0.71 35.59 2.18
N ALA A 417 0.22 36.53 1.95
CA ALA A 417 0.12 37.49 0.87
C ALA A 417 1.50 38.10 0.63
N ASP A 418 1.56 38.97 -0.38
CA ASP A 418 2.77 39.75 -0.67
C ASP A 418 2.51 41.19 -0.25
N ILE A 419 2.86 41.49 1.00
CA ILE A 419 2.67 42.83 1.54
C ILE A 419 3.82 43.72 1.08
N ILE A 420 3.51 44.99 0.80
CA ILE A 420 4.50 45.99 0.41
C ILE A 420 4.59 47.00 1.54
N LEU A 421 5.73 47.02 2.24
CA LEU A 421 5.88 47.82 3.45
C LEU A 421 5.93 49.31 3.14
N LEU A 422 5.23 50.09 3.96
CA LEU A 422 5.28 51.55 3.89
C LEU A 422 5.86 52.17 5.15
N SER A 423 5.33 51.82 6.33
CA SER A 423 5.85 52.35 7.58
C SER A 423 5.53 51.35 8.68
N THR A 424 6.13 51.59 9.85
CA THR A 424 5.93 50.77 11.03
C THR A 424 6.28 51.62 12.26
N SER A 425 6.39 50.97 13.42
CA SER A 425 6.76 51.68 14.65
C SER A 425 8.22 52.11 14.67
N ASP A 426 9.02 51.68 13.70
CA ASP A 426 10.46 51.92 13.71
C ASP A 426 10.78 53.15 12.87
N THR A 427 12.07 53.49 12.78
CA THR A 427 12.51 54.73 12.14
C THR A 427 12.39 54.61 10.64
N ASP A 428 11.39 55.29 10.07
CA ASP A 428 11.12 55.37 8.62
C ASP A 428 10.91 54.00 7.98
N GLY A 429 10.29 53.08 8.72
CA GLY A 429 9.95 51.79 8.18
C GLY A 429 11.07 50.78 8.18
N ALA A 430 11.78 50.66 9.31
CA ALA A 430 12.86 49.69 9.44
C ALA A 430 12.26 48.37 9.92
N CYS A 431 11.89 47.51 8.99
CA CYS A 431 11.22 46.25 9.32
C CYS A 431 12.24 45.14 9.52
N TYR A 432 11.99 44.30 10.51
CA TYR A 432 12.78 43.10 10.79
C TYR A 432 11.92 41.86 10.58
N VAL A 433 12.53 40.82 10.03
CA VAL A 433 11.77 39.64 9.58
C VAL A 433 12.63 38.41 9.77
N GLU A 434 11.98 37.31 10.16
CA GLU A 434 12.59 35.99 10.26
C GLU A 434 12.06 35.16 9.09
N THR A 435 12.88 35.01 8.06
CA THR A 435 12.47 34.27 6.87
C THR A 435 12.91 32.82 7.08
N LYS A 436 12.05 32.04 7.73
CA LYS A 436 12.44 30.73 8.25
C LYS A 436 12.19 29.58 7.28
N ASN A 437 11.04 29.55 6.61
CA ASN A 437 10.67 28.40 5.80
C ASN A 437 10.98 28.58 4.31
N LEU A 438 11.59 29.71 3.94
CA LEU A 438 12.08 29.92 2.58
C LEU A 438 13.47 29.36 2.39
N ASP A 439 14.42 29.83 3.19
CA ASP A 439 15.82 29.42 3.10
C ASP A 439 16.32 29.16 4.51
N GLY A 440 17.64 29.05 4.66
CA GLY A 440 18.26 28.95 5.96
C GLY A 440 18.59 30.30 6.56
N GLU A 441 17.65 31.23 6.47
CA GLU A 441 17.85 32.62 6.90
C GLU A 441 17.53 32.71 8.38
N THR A 442 18.56 32.76 9.21
CA THR A 442 18.39 32.87 10.66
C THR A 442 18.70 34.26 11.19
N ASN A 443 18.99 35.22 10.32
CA ASN A 443 19.24 36.57 10.79
C ASN A 443 17.93 37.34 10.94
N LEU A 444 18.05 38.60 11.34
CA LEU A 444 16.95 39.57 11.28
C LEU A 444 17.18 40.38 10.01
N LYS A 445 16.56 39.94 8.92
CA LYS A 445 16.76 40.60 7.63
C LYS A 445 16.09 41.97 7.64
N VAL A 446 16.92 43.01 7.50
CA VAL A 446 16.41 44.37 7.57
C VAL A 446 15.64 44.71 6.30
N ARG A 447 14.44 45.25 6.47
CA ARG A 447 13.63 45.74 5.37
C ARG A 447 13.36 47.20 5.65
N GLN A 448 14.28 48.06 5.22
CA GLN A 448 14.10 49.50 5.35
C GLN A 448 13.10 49.95 4.30
N SER A 449 11.98 50.51 4.75
CA SER A 449 10.93 50.95 3.85
C SER A 449 11.23 52.37 3.37
N LEU A 450 10.21 53.00 2.77
CA LEU A 450 10.36 54.33 2.20
C LEU A 450 10.51 55.37 3.30
N LYS A 451 11.44 56.30 3.11
CA LYS A 451 11.60 57.44 3.99
C LYS A 451 10.71 58.62 3.61
N CYS A 452 9.82 58.45 2.64
CA CYS A 452 9.00 59.55 2.13
C CYS A 452 7.59 59.54 2.71
N THR A 453 6.88 58.42 2.59
CA THR A 453 5.47 58.34 2.98
C THR A 453 5.34 57.74 4.38
N ASN A 454 5.87 58.47 5.36
CA ASN A 454 5.77 58.10 6.77
C ASN A 454 4.77 58.98 7.51
N THR A 455 3.63 59.27 6.89
CA THR A 455 2.61 60.12 7.49
C THR A 455 1.40 59.35 8.01
N ILE A 456 1.25 58.07 7.66
CA ILE A 456 0.08 57.30 8.04
C ILE A 456 0.37 56.49 9.30
N ARG A 457 -0.62 56.43 10.19
CA ARG A 457 -0.52 55.68 11.44
C ARG A 457 -1.70 54.74 11.58
N THR A 458 -2.87 55.20 11.18
CA THR A 458 -4.14 54.55 11.41
C THR A 458 -4.74 54.22 10.05
N SER A 459 -5.80 53.40 10.03
CA SER A 459 -6.57 53.14 8.84
C SER A 459 -7.64 54.20 8.58
N LYS A 460 -7.48 55.40 9.14
CA LYS A 460 -8.44 56.48 8.97
C LYS A 460 -8.04 57.47 7.88
N ASP A 461 -6.78 57.46 7.45
CA ASP A 461 -6.33 58.29 6.34
C ASP A 461 -5.93 57.48 5.12
N ILE A 462 -5.44 56.26 5.31
CA ILE A 462 -5.04 55.40 4.20
C ILE A 462 -6.26 54.74 3.54
N ALA A 463 -7.39 54.67 4.23
CA ALA A 463 -8.60 54.11 3.64
C ALA A 463 -9.39 55.14 2.85
N ARG A 464 -8.92 56.38 2.76
CA ARG A 464 -9.54 57.38 1.90
C ARG A 464 -9.16 57.20 0.44
N THR A 465 -8.21 56.32 0.13
CA THR A 465 -7.80 56.02 -1.23
C THR A 465 -7.94 54.53 -1.45
N LYS A 466 -8.73 54.15 -2.46
CA LYS A 466 -8.92 52.75 -2.83
C LYS A 466 -8.32 52.54 -4.21
N PHE A 467 -7.16 51.88 -4.26
CA PHE A 467 -6.47 51.61 -5.52
C PHE A 467 -5.52 50.45 -5.31
N TRP A 468 -5.49 49.55 -6.29
CA TRP A 468 -4.44 48.53 -6.35
C TRP A 468 -3.67 48.72 -7.64
N ILE A 469 -2.43 48.25 -7.63
CA ILE A 469 -1.49 48.54 -8.70
C ILE A 469 -1.54 47.40 -9.73
N GLU A 470 -0.99 47.68 -10.90
CA GLU A 470 -0.89 46.71 -11.99
C GLU A 470 0.55 46.20 -12.06
N SER A 471 0.70 44.89 -12.25
CA SER A 471 2.01 44.27 -12.41
C SER A 471 1.95 43.27 -13.54
N GLU A 472 3.14 42.89 -14.02
CA GLU A 472 3.27 41.94 -15.12
C GLU A 472 3.23 40.51 -14.58
N GLY A 473 3.60 39.54 -15.42
CA GLY A 473 3.56 38.14 -15.06
C GLY A 473 4.57 37.75 -14.01
N PRO A 474 4.48 36.51 -13.52
CA PRO A 474 5.41 36.05 -12.49
C PRO A 474 6.80 35.80 -13.06
N HIS A 475 7.78 35.81 -12.14
CA HIS A 475 9.17 35.52 -12.48
C HIS A 475 9.77 34.39 -11.64
N SER A 476 9.19 34.07 -10.48
CA SER A 476 9.56 32.91 -9.64
C SER A 476 11.01 33.00 -9.15
N ASN A 477 11.37 34.15 -8.59
CA ASN A 477 12.70 34.37 -8.03
C ASN A 477 12.56 35.22 -6.77
N LEU A 478 13.46 35.01 -5.81
CA LEU A 478 13.28 35.60 -4.48
C LEU A 478 13.76 37.05 -4.44
N TYR A 479 15.02 37.30 -4.81
CA TYR A 479 15.70 38.55 -4.52
C TYR A 479 15.33 39.71 -5.45
N THR A 480 14.37 39.54 -6.36
CA THR A 480 13.99 40.59 -7.28
C THR A 480 12.54 41.00 -7.07
N TYR A 481 12.27 42.28 -7.31
CA TYR A 481 10.90 42.78 -7.45
C TYR A 481 10.92 43.92 -8.44
N GLN A 482 10.41 43.66 -9.65
CA GLN A 482 10.45 44.62 -10.75
C GLN A 482 9.22 45.51 -10.82
N GLY A 483 8.49 45.64 -9.71
CA GLY A 483 7.32 46.49 -9.66
C GLY A 483 7.65 47.86 -9.10
N ASN A 484 6.95 48.88 -9.62
CA ASN A 484 7.08 50.25 -9.14
C ASN A 484 5.70 50.88 -9.10
N MET A 485 5.35 51.47 -7.97
CA MET A 485 4.04 52.07 -7.77
C MET A 485 4.11 53.57 -7.98
N LYS A 486 3.11 54.12 -8.67
CA LYS A 486 3.02 55.54 -8.93
C LYS A 486 1.70 56.07 -8.39
N TRP A 487 1.74 57.29 -7.87
CA TRP A 487 0.60 57.86 -7.15
C TRP A 487 0.52 59.35 -7.45
N ARG A 488 -0.69 59.89 -7.33
CA ARG A 488 -0.98 61.28 -7.65
C ARG A 488 -1.33 62.03 -6.38
N ASN A 489 -0.64 63.14 -6.13
CA ASN A 489 -0.84 63.94 -4.94
C ASN A 489 -2.15 64.71 -5.04
N LEU A 490 -2.72 65.02 -3.88
CA LEU A 490 -3.91 65.86 -3.83
C LEU A 490 -3.52 67.33 -3.83
N ALA A 491 -4.22 68.12 -4.65
CA ALA A 491 -4.11 69.57 -4.77
C ALA A 491 -2.71 70.06 -5.13
N ASP A 492 -1.89 69.23 -5.77
CA ASP A 492 -0.53 69.60 -6.12
C ASP A 492 -0.09 68.78 -7.33
N GLY A 493 0.60 69.43 -8.25
CA GLY A 493 1.05 68.78 -9.47
C GLY A 493 2.45 68.21 -9.38
N GLU A 494 2.67 67.32 -8.42
CA GLU A 494 3.97 66.68 -8.22
C GLU A 494 3.81 65.18 -8.44
N ILE A 495 4.36 64.68 -9.54
CA ILE A 495 4.38 63.25 -9.81
C ILE A 495 5.54 62.62 -9.05
N ARG A 496 5.36 61.37 -8.64
CA ARG A 496 6.34 60.68 -7.83
C ARG A 496 6.33 59.20 -8.15
N ASN A 497 7.51 58.64 -8.38
CA ASN A 497 7.71 57.21 -8.53
C ASN A 497 8.52 56.76 -7.33
N GLU A 498 7.87 56.14 -6.36
CA GLU A 498 8.55 55.61 -5.19
C GLU A 498 9.40 54.41 -5.60
N PRO A 499 10.72 54.44 -5.40
CA PRO A 499 11.55 53.30 -5.82
C PRO A 499 11.35 52.10 -4.91
N ILE A 500 10.74 51.06 -5.46
CA ILE A 500 10.40 49.85 -4.72
C ILE A 500 11.38 48.75 -5.15
N THR A 501 12.16 48.25 -4.19
CA THR A 501 13.19 47.27 -4.47
C THR A 501 12.94 46.11 -3.50
N ILE A 502 13.86 45.13 -3.43
CA ILE A 502 13.73 44.01 -2.50
C ILE A 502 13.86 44.47 -1.04
N ASN A 503 14.47 45.64 -0.79
CA ASN A 503 14.57 46.16 0.56
C ASN A 503 13.24 46.69 1.10
N ASN A 504 12.24 46.88 0.25
CA ASN A 504 10.96 47.44 0.66
C ASN A 504 9.87 46.39 0.86
N VAL A 505 10.06 45.17 0.35
CA VAL A 505 9.01 44.16 0.36
C VAL A 505 9.51 42.88 1.01
N LEU A 506 8.58 41.99 1.30
CA LEU A 506 8.89 40.66 1.82
C LEU A 506 7.86 39.68 1.30
N LEU A 507 8.24 38.40 1.28
CA LEU A 507 7.48 37.37 0.57
C LEU A 507 6.34 36.85 1.46
N ARG A 508 5.72 35.76 1.03
CA ARG A 508 4.57 35.20 1.74
C ARG A 508 5.00 34.36 2.94
N GLY A 509 5.71 33.26 2.70
CA GLY A 509 5.95 32.27 3.74
C GLY A 509 7.04 32.57 4.75
N CYS A 510 7.16 33.81 5.18
CA CYS A 510 8.13 34.21 6.20
C CYS A 510 7.41 34.58 7.49
N THR A 511 8.20 34.87 8.52
CA THR A 511 7.69 35.16 9.87
C THR A 511 8.17 36.54 10.30
N LEU A 512 7.23 37.42 10.62
CA LEU A 512 7.56 38.77 11.04
C LEU A 512 7.93 38.80 12.51
N ARG A 513 8.97 39.58 12.85
CA ARG A 513 9.45 39.69 14.21
C ARG A 513 9.66 41.15 14.59
N ASN A 514 9.27 41.48 15.82
CA ASN A 514 9.65 42.66 16.60
C ASN A 514 9.09 43.99 16.07
N THR A 515 8.40 44.01 14.94
CA THR A 515 7.81 45.23 14.41
C THR A 515 6.29 45.16 14.53
N LYS A 516 5.66 46.33 14.54
CA LYS A 516 4.24 46.43 14.81
C LYS A 516 3.54 47.25 13.73
N TRP A 517 2.24 46.98 13.59
CA TRP A 517 1.32 47.54 12.59
C TRP A 517 1.94 47.60 11.20
N ALA A 518 2.35 46.43 10.71
CA ALA A 518 2.87 46.31 9.36
C ALA A 518 1.75 46.56 8.36
N MET A 519 1.79 47.70 7.70
CA MET A 519 0.74 48.14 6.79
C MET A 519 1.22 47.95 5.37
N GLY A 520 0.31 47.63 4.47
CA GLY A 520 0.69 47.44 3.09
C GLY A 520 -0.48 46.96 2.24
N VAL A 521 -0.13 46.56 1.01
CA VAL A 521 -1.10 46.23 -0.02
C VAL A 521 -0.95 44.75 -0.37
N VAL A 522 -2.08 44.04 -0.44
CA VAL A 522 -2.10 42.65 -0.86
C VAL A 522 -1.82 42.57 -2.36
N MET A 523 -1.20 41.46 -2.79
CA MET A 523 -0.77 41.24 -4.16
C MET A 523 -1.95 41.18 -5.14
N PHE A 524 -1.62 41.08 -6.42
CA PHE A 524 -2.58 40.88 -7.49
C PHE A 524 -2.74 39.39 -7.76
N THR A 525 -3.90 39.02 -8.30
CA THR A 525 -4.28 37.62 -8.45
C THR A 525 -3.46 36.93 -9.53
N GLY A 526 -3.64 35.62 -9.63
CA GLY A 526 -2.88 34.79 -10.53
C GLY A 526 -1.91 33.89 -9.78
N GLY A 527 -0.63 33.99 -10.12
CA GLY A 527 0.39 33.20 -9.44
C GLY A 527 1.59 34.04 -9.09
N ASP A 528 1.35 35.31 -8.74
CA ASP A 528 2.41 36.29 -8.52
C ASP A 528 3.23 36.02 -7.25
N THR A 529 2.78 35.12 -6.37
CA THR A 529 3.59 34.76 -5.21
C THR A 529 4.70 33.82 -5.65
N LYS A 530 5.93 34.12 -5.22
CA LYS A 530 7.13 33.45 -5.69
C LYS A 530 7.48 32.19 -4.91
N ILE A 531 6.54 31.64 -4.15
CA ILE A 531 6.76 30.37 -3.46
C ILE A 531 5.95 29.23 -4.05
N MET A 532 4.93 29.53 -4.86
CA MET A 532 4.05 28.51 -5.41
C MET A 532 4.73 27.62 -6.44
N LEU A 533 5.84 28.09 -7.04
CA LEU A 533 6.60 27.31 -8.00
C LEU A 533 7.94 26.84 -7.45
N ASN A 534 8.52 27.54 -6.48
CA ASN A 534 9.79 27.10 -5.90
C ASN A 534 9.63 25.84 -5.04
N SER A 535 8.52 25.72 -4.33
CA SER A 535 8.31 24.59 -3.44
C SER A 535 6.82 24.30 -3.31
N GLY A 536 6.45 23.04 -3.41
CA GLY A 536 5.05 22.64 -3.28
C GLY A 536 4.65 21.52 -4.21
N ILE A 537 5.36 21.38 -5.32
CA ILE A 537 5.10 20.34 -6.30
C ILE A 537 6.10 19.22 -6.03
N THR A 538 5.62 18.14 -5.38
CA THR A 538 6.47 17.06 -4.91
C THR A 538 6.12 15.74 -5.61
N PRO A 539 7.11 14.99 -6.06
CA PRO A 539 6.83 13.69 -6.69
C PRO A 539 6.47 12.63 -5.66
N THR A 540 5.36 11.95 -5.89
CA THR A 540 4.94 10.89 -4.98
C THR A 540 5.80 9.65 -5.17
N LYS A 541 5.68 8.73 -4.21
CA LYS A 541 6.41 7.48 -4.24
C LYS A 541 5.49 6.33 -3.87
N LYS A 542 5.81 5.17 -4.40
CA LYS A 542 5.15 3.93 -4.06
C LYS A 542 6.18 2.89 -3.69
N SER A 543 5.73 1.79 -3.11
CA SER A 543 6.58 0.77 -2.51
C SER A 543 7.26 -0.08 -3.58
N ARG A 544 8.18 -0.95 -3.15
CA ARG A 544 8.69 -1.98 -4.06
C ARG A 544 7.59 -2.93 -4.47
N ILE A 545 6.75 -3.32 -3.51
CA ILE A 545 5.67 -4.26 -3.78
C ILE A 545 4.64 -3.63 -4.71
N SER A 546 4.36 -2.34 -4.53
CA SER A 546 3.51 -1.61 -5.45
C SER A 546 4.19 -1.29 -6.77
N ARG A 547 5.50 -1.50 -6.89
CA ARG A 547 6.18 -1.40 -8.17
C ARG A 547 6.46 -2.75 -8.80
N GLU A 548 6.60 -3.79 -8.00
CA GLU A 548 6.72 -5.13 -8.55
C GLU A 548 5.36 -5.78 -8.76
N LEU A 549 4.29 -5.08 -8.39
CA LEU A 549 2.95 -5.54 -8.71
C LEU A 549 2.69 -5.45 -10.20
N ASN A 550 3.25 -4.45 -10.88
CA ASN A 550 2.97 -4.24 -12.29
C ASN A 550 3.61 -5.29 -13.18
N PHE A 551 4.55 -6.09 -12.67
CA PHE A 551 4.97 -7.28 -13.39
C PHE A 551 4.03 -8.44 -13.12
N SER A 552 3.40 -8.46 -11.95
CA SER A 552 2.43 -9.50 -11.64
C SER A 552 1.12 -9.26 -12.38
N VAL A 553 0.81 -8.02 -12.71
CA VAL A 553 -0.37 -7.74 -13.51
C VAL A 553 -0.15 -8.17 -14.97
N VAL A 554 1.09 -8.04 -15.45
CA VAL A 554 1.39 -8.40 -16.83
C VAL A 554 1.36 -9.91 -17.02
N ILE A 555 1.88 -10.66 -16.04
CA ILE A 555 1.77 -12.12 -16.07
C ILE A 555 0.32 -12.55 -16.00
N ASN A 556 -0.52 -11.78 -15.31
CA ASN A 556 -1.94 -12.10 -15.28
C ASN A 556 -2.60 -11.79 -16.60
N PHE A 557 -2.15 -10.73 -17.30
CA PHE A 557 -2.72 -10.42 -18.60
C PHE A 557 -2.12 -11.27 -19.72
N VAL A 558 -0.86 -11.71 -19.57
CA VAL A 558 -0.32 -12.67 -20.53
C VAL A 558 -1.06 -13.99 -20.44
N LEU A 559 -1.41 -14.41 -19.22
CA LEU A 559 -2.28 -15.59 -19.08
C LEU A 559 -3.67 -15.30 -19.60
N LEU A 560 -4.20 -14.11 -19.34
CA LEU A 560 -5.54 -13.75 -19.79
C LEU A 560 -5.63 -13.69 -21.31
N PHE A 561 -4.54 -13.36 -21.99
CA PHE A 561 -4.59 -13.39 -23.44
C PHE A 561 -4.06 -14.70 -24.01
N ILE A 562 -3.49 -15.60 -23.20
CA ILE A 562 -3.32 -16.97 -23.67
C ILE A 562 -4.66 -17.69 -23.69
N LEU A 563 -5.46 -17.51 -22.64
CA LEU A 563 -6.75 -18.20 -22.55
C LEU A 563 -7.73 -17.70 -23.59
N CYS A 564 -7.71 -16.39 -23.87
CA CYS A 564 -8.51 -15.87 -24.97
C CYS A 564 -8.01 -16.37 -26.32
N PHE A 565 -6.70 -16.57 -26.44
CA PHE A 565 -6.14 -17.08 -27.69
C PHE A 565 -6.46 -18.55 -27.88
N VAL A 566 -6.42 -19.33 -26.80
CA VAL A 566 -6.82 -20.73 -26.91
C VAL A 566 -8.32 -20.83 -27.13
N SER A 567 -9.09 -19.89 -26.57
CA SER A 567 -10.51 -19.82 -26.87
C SER A 567 -10.76 -19.44 -28.33
N GLY A 568 -9.86 -18.66 -28.92
CA GLY A 568 -10.03 -18.28 -30.31
C GLY A 568 -9.65 -19.38 -31.28
N ILE A 569 -8.50 -20.01 -31.07
CA ILE A 569 -8.05 -20.97 -32.07
C ILE A 569 -8.73 -22.32 -31.89
N ALA A 570 -9.19 -22.66 -30.68
CA ALA A 570 -9.89 -23.92 -30.53
C ALA A 570 -11.38 -23.78 -30.80
N ASN A 571 -11.88 -22.56 -31.00
CA ASN A 571 -13.19 -22.41 -31.61
C ASN A 571 -13.07 -22.16 -33.10
N GLY A 572 -11.88 -21.89 -33.62
CA GLY A 572 -11.70 -21.87 -35.04
C GLY A 572 -11.64 -23.30 -35.54
N VAL A 573 -11.03 -24.17 -34.74
CA VAL A 573 -10.98 -25.58 -35.05
C VAL A 573 -12.37 -26.20 -34.95
N TYR A 574 -13.26 -25.63 -34.14
CA TYR A 574 -14.61 -26.18 -34.06
C TYR A 574 -15.44 -25.84 -35.30
N TYR A 575 -15.33 -24.62 -35.83
CA TYR A 575 -16.23 -24.26 -36.92
C TYR A 575 -15.81 -24.82 -38.27
N ASP A 576 -14.62 -25.38 -38.41
CA ASP A 576 -14.37 -26.21 -39.57
C ASP A 576 -14.39 -27.69 -39.25
N LYS A 577 -15.10 -28.10 -38.19
CA LYS A 577 -15.49 -29.49 -38.06
C LYS A 577 -16.64 -29.78 -39.00
N LYS A 578 -16.70 -31.01 -39.50
CA LYS A 578 -17.60 -31.31 -40.62
C LYS A 578 -19.00 -31.68 -40.14
N GLY A 579 -19.11 -32.68 -39.26
CA GLY A 579 -20.42 -33.10 -38.82
C GLY A 579 -20.75 -32.72 -37.40
N ARG A 580 -21.53 -31.65 -37.21
CA ARG A 580 -21.78 -31.11 -35.88
C ARG A 580 -23.24 -30.66 -35.80
N SER A 581 -23.70 -30.45 -34.57
CA SER A 581 -25.08 -30.07 -34.29
C SER A 581 -25.39 -28.63 -34.65
N ARG A 582 -24.38 -27.82 -34.94
CA ARG A 582 -24.58 -26.43 -35.33
C ARG A 582 -25.04 -26.26 -36.77
N PHE A 583 -25.34 -27.35 -37.47
CA PHE A 583 -25.87 -27.28 -38.82
C PHE A 583 -27.37 -27.44 -38.85
N SER A 584 -27.89 -28.46 -38.15
CA SER A 584 -29.30 -28.75 -38.20
C SER A 584 -30.11 -27.88 -37.22
N TYR A 585 -29.80 -27.96 -35.93
CA TYR A 585 -30.67 -27.34 -34.92
C TYR A 585 -30.29 -25.90 -34.66
N GLU A 586 -29.08 -25.70 -34.18
CA GLU A 586 -28.47 -24.39 -34.11
C GLU A 586 -28.27 -23.89 -35.53
N PHE A 587 -28.87 -22.78 -35.90
CA PHE A 587 -28.65 -22.27 -37.23
C PHE A 587 -27.33 -21.54 -37.23
N GLY A 588 -26.42 -21.93 -38.13
CA GLY A 588 -25.03 -21.57 -38.02
C GLY A 588 -24.76 -20.10 -38.27
N THR A 589 -23.46 -19.78 -38.32
CA THR A 589 -22.93 -18.45 -38.61
C THR A 589 -23.44 -17.44 -37.56
N ILE A 590 -22.92 -17.60 -36.35
CA ILE A 590 -23.23 -16.64 -35.28
C ILE A 590 -22.75 -15.25 -35.67
N ALA A 591 -21.49 -15.12 -36.03
CA ALA A 591 -21.04 -13.91 -36.70
C ALA A 591 -20.51 -14.25 -38.08
N GLY A 592 -19.53 -15.14 -38.13
CA GLY A 592 -18.83 -15.38 -39.36
C GLY A 592 -18.94 -16.81 -39.85
N SER A 593 -18.32 -17.06 -41.00
CA SER A 593 -18.35 -18.40 -41.57
C SER A 593 -17.39 -19.35 -40.86
N ALA A 594 -16.09 -19.12 -41.00
CA ALA A 594 -15.16 -20.13 -40.50
C ALA A 594 -14.21 -19.65 -39.41
N ALA A 595 -13.39 -18.65 -39.72
CA ALA A 595 -12.35 -18.22 -38.79
C ALA A 595 -12.69 -16.87 -38.20
N THR A 596 -13.45 -16.06 -38.94
CA THR A 596 -14.01 -14.84 -38.35
C THR A 596 -15.06 -15.17 -37.30
N ASN A 597 -15.64 -16.37 -37.36
CA ASN A 597 -16.45 -16.84 -36.25
C ASN A 597 -15.58 -17.14 -35.04
N GLY A 598 -14.37 -17.65 -35.27
CA GLY A 598 -13.44 -17.87 -34.18
C GLY A 598 -12.75 -16.61 -33.71
N PHE A 599 -12.63 -15.60 -34.59
CA PHE A 599 -12.06 -14.32 -34.18
C PHE A 599 -13.01 -13.56 -33.28
N VAL A 600 -14.32 -13.65 -33.55
CA VAL A 600 -15.30 -13.06 -32.65
C VAL A 600 -15.26 -13.78 -31.31
N SER A 601 -15.07 -15.09 -31.33
CA SER A 601 -15.00 -15.89 -30.11
C SER A 601 -13.75 -15.63 -29.29
N PHE A 602 -12.72 -15.00 -29.87
CA PHE A 602 -11.65 -14.42 -29.07
C PHE A 602 -12.21 -13.35 -28.15
N TRP A 603 -12.94 -12.40 -28.72
CA TRP A 603 -13.43 -11.28 -27.94
C TRP A 603 -14.62 -11.66 -27.08
N VAL A 604 -15.25 -12.80 -27.34
CA VAL A 604 -16.19 -13.35 -26.37
C VAL A 604 -15.46 -13.72 -25.09
N ALA A 605 -14.29 -14.33 -25.23
CA ALA A 605 -13.51 -14.76 -24.07
C ALA A 605 -12.94 -13.58 -23.31
N VAL A 606 -12.70 -12.45 -24.00
CA VAL A 606 -12.33 -11.21 -23.33
C VAL A 606 -13.44 -10.76 -22.39
N ILE A 607 -14.69 -10.87 -22.83
CA ILE A 607 -15.79 -10.52 -21.96
C ILE A 607 -16.05 -11.64 -20.97
N LEU A 608 -15.75 -12.88 -21.36
CA LEU A 608 -15.99 -14.03 -20.50
C LEU A 608 -15.02 -14.05 -19.34
N TYR A 609 -13.76 -13.67 -19.59
CA TYR A 609 -12.74 -13.66 -18.53
C TYR A 609 -12.59 -12.23 -18.01
N GLN A 610 -13.71 -11.69 -17.55
CA GLN A 610 -13.75 -10.35 -17.01
C GLN A 610 -13.49 -10.32 -15.53
N SER A 611 -13.31 -11.49 -14.91
CA SER A 611 -12.96 -11.55 -13.50
C SER A 611 -11.50 -11.95 -13.31
N LEU A 612 -10.80 -12.25 -14.41
CA LEU A 612 -9.38 -12.50 -14.36
C LEU A 612 -8.58 -11.22 -14.42
N VAL A 613 -9.12 -10.21 -15.09
CA VAL A 613 -8.54 -8.87 -15.08
C VAL A 613 -8.67 -8.29 -13.68
N PRO A 614 -7.57 -7.88 -13.07
CA PRO A 614 -7.66 -7.36 -11.71
C PRO A 614 -8.17 -5.94 -11.67
N ILE A 615 -9.46 -5.79 -11.39
CA ILE A 615 -10.05 -4.46 -11.32
C ILE A 615 -10.07 -3.95 -9.88
N SER A 616 -10.37 -4.83 -8.94
CA SER A 616 -10.31 -4.47 -7.53
C SER A 616 -8.99 -4.86 -6.90
N LEU A 617 -7.91 -4.92 -7.69
CA LEU A 617 -6.58 -5.08 -7.12
C LEU A 617 -6.08 -3.78 -6.54
N TYR A 618 -6.19 -2.70 -7.31
CA TYR A 618 -5.56 -1.45 -6.91
C TYR A 618 -6.38 -0.75 -5.84
N ILE A 619 -7.70 -0.97 -5.80
CA ILE A 619 -8.43 -0.48 -4.64
C ILE A 619 -8.21 -1.41 -3.45
N SER A 620 -7.82 -2.68 -3.70
CA SER A 620 -7.46 -3.52 -2.57
C SER A 620 -6.11 -3.11 -1.98
N VAL A 621 -5.12 -2.81 -2.82
CA VAL A 621 -3.83 -2.41 -2.27
C VAL A 621 -3.92 -1.03 -1.63
N GLU A 622 -4.86 -0.18 -2.06
CA GLU A 622 -4.90 1.17 -1.53
C GLU A 622 -5.86 1.34 -0.36
N ILE A 623 -6.85 0.47 -0.21
CA ILE A 623 -7.59 0.45 1.06
C ILE A 623 -6.70 -0.11 2.16
N ILE A 624 -5.91 -1.13 1.83
CA ILE A 624 -5.08 -1.80 2.83
C ILE A 624 -3.93 -0.93 3.27
N LYS A 625 -3.23 -0.28 2.33
CA LYS A 625 -2.17 0.65 2.70
C LYS A 625 -2.70 1.85 3.48
N THR A 626 -3.94 2.28 3.20
CA THR A 626 -4.52 3.36 3.97
C THR A 626 -4.87 2.92 5.39
N ALA A 627 -5.44 1.73 5.53
CA ALA A 627 -5.78 1.24 6.86
C ALA A 627 -4.54 0.82 7.65
N GLN A 628 -3.48 0.41 6.96
CA GLN A 628 -2.23 0.12 7.66
C GLN A 628 -1.55 1.39 8.14
N ALA A 629 -1.84 2.53 7.51
CA ALA A 629 -1.31 3.78 7.98
C ALA A 629 -2.24 4.49 8.95
N ALA A 630 -3.53 4.18 8.90
CA ALA A 630 -4.46 4.69 9.90
C ALA A 630 -4.33 3.98 11.23
N PHE A 631 -3.64 2.84 11.26
CA PHE A 631 -3.27 2.17 12.49
C PHE A 631 -1.88 2.58 12.97
N ILE A 632 -1.00 2.96 12.04
CA ILE A 632 0.19 3.72 12.39
C ILE A 632 -0.20 5.03 13.07
N TYR A 633 -1.20 5.71 12.51
CA TYR A 633 -1.72 6.92 13.11
C TYR A 633 -2.41 6.62 14.44
N GLY A 634 -3.22 5.57 14.47
CA GLY A 634 -4.03 5.30 15.63
C GLY A 634 -3.37 4.41 16.66
N ASP A 635 -2.05 4.43 16.75
CA ASP A 635 -1.35 3.72 17.81
C ASP A 635 -1.05 4.69 18.94
N VAL A 636 -1.38 4.30 20.16
CA VAL A 636 -1.14 5.18 21.30
C VAL A 636 0.26 4.97 21.86
N LEU A 637 0.95 3.93 21.44
CA LEU A 637 2.35 3.75 21.83
C LEU A 637 3.30 4.47 20.90
N LEU A 638 2.87 4.79 19.68
CA LEU A 638 3.60 5.68 18.78
C LEU A 638 3.22 7.13 19.02
N TYR A 639 2.69 7.44 20.18
CA TYR A 639 2.16 8.75 20.53
C TYR A 639 3.08 9.41 21.54
N ASN A 640 3.41 10.67 21.32
CA ASN A 640 4.26 11.41 22.24
C ASN A 640 3.34 12.17 23.18
N ALA A 641 3.28 11.73 24.44
CA ALA A 641 2.36 12.34 25.39
C ALA A 641 2.83 13.73 25.80
N LYS A 642 4.15 13.93 25.89
CA LYS A 642 4.68 15.21 26.35
C LYS A 642 4.53 16.29 25.28
N LEU A 643 4.47 15.89 24.02
CA LEU A 643 4.34 16.83 22.92
C LEU A 643 2.95 16.84 22.31
N ASP A 644 2.11 15.87 22.69
CA ASP A 644 0.74 15.69 22.19
C ASP A 644 0.74 15.52 20.67
N TYR A 645 1.37 14.44 20.22
CA TYR A 645 1.62 14.29 18.81
C TYR A 645 1.59 12.82 18.41
N PRO A 646 0.53 12.36 17.76
CA PRO A 646 0.50 10.99 17.24
C PRO A 646 1.42 10.88 16.03
N CYS A 647 1.84 9.65 15.74
CA CYS A 647 2.64 9.39 14.54
C CYS A 647 1.80 9.68 13.30
N THR A 648 2.28 10.59 12.47
CA THR A 648 1.49 11.09 11.35
C THR A 648 2.10 10.59 10.04
N PRO A 649 1.43 9.67 9.35
CA PRO A 649 1.86 9.31 7.99
C PRO A 649 1.56 10.43 7.00
N LYS A 650 2.62 10.97 6.40
CA LYS A 650 2.41 11.87 5.28
C LYS A 650 2.22 11.09 3.99
N SER A 651 2.64 9.83 3.97
CA SER A 651 2.45 8.93 2.84
C SER A 651 1.71 7.71 3.36
N TRP A 652 0.46 7.57 2.92
CA TRP A 652 -0.34 6.43 3.33
C TRP A 652 -0.15 5.23 2.40
N ASN A 653 0.84 5.25 1.51
CA ASN A 653 0.98 4.18 0.54
C ASN A 653 2.35 3.49 0.54
N ILE A 654 3.20 3.73 1.54
CA ILE A 654 4.50 3.07 1.61
C ILE A 654 4.71 2.34 2.93
N SER A 655 3.64 1.81 3.53
CA SER A 655 3.75 1.20 4.85
C SER A 655 4.53 -0.10 4.78
N ASP A 656 4.47 -0.81 3.66
CA ASP A 656 5.22 -2.05 3.52
C ASP A 656 6.68 -1.78 3.20
N ASP A 657 7.03 -0.55 2.84
CA ASP A 657 8.45 -0.19 2.75
C ASP A 657 9.10 -0.17 4.12
N LEU A 658 8.32 0.10 5.16
CA LEU A 658 8.85 0.05 6.51
C LEU A 658 9.08 -1.38 6.97
N GLY A 659 8.69 -2.37 6.18
CA GLY A 659 8.96 -3.73 6.57
C GLY A 659 10.15 -4.37 5.92
N GLN A 660 10.80 -3.67 5.01
CA GLN A 660 11.87 -4.26 4.22
C GLN A 660 13.04 -3.31 4.06
N VAL A 661 13.30 -2.46 5.06
CA VAL A 661 14.38 -1.49 5.01
C VAL A 661 15.65 -2.16 5.53
N GLU A 662 16.79 -1.80 4.94
CA GLU A 662 18.07 -2.33 5.37
C GLU A 662 19.05 -1.24 5.83
N TYR A 663 18.83 0.01 5.46
CA TYR A 663 19.76 1.08 5.81
C TYR A 663 18.98 2.22 6.47
N ILE A 664 19.35 2.59 7.68
CA ILE A 664 18.75 3.73 8.35
C ILE A 664 19.79 4.81 8.56
N PHE A 665 19.56 5.96 7.92
CA PHE A 665 20.50 7.07 7.91
C PHE A 665 20.09 8.17 8.87
N SER A 666 20.14 7.94 10.18
CA SER A 666 19.76 8.97 11.14
C SER A 666 20.85 10.03 11.22
N ASP A 667 20.47 11.28 11.46
CA ASP A 667 21.47 12.25 11.89
C ASP A 667 21.52 12.28 13.41
N LYS A 668 22.53 12.93 13.97
CA LYS A 668 22.81 12.67 15.37
C LYS A 668 22.10 13.64 16.31
N THR A 669 22.37 14.94 16.18
CA THR A 669 22.09 15.85 17.30
C THR A 669 20.61 16.14 17.47
N GLY A 670 19.89 16.40 16.39
CA GLY A 670 18.47 16.65 16.54
C GLY A 670 17.68 15.39 16.81
N THR A 671 18.09 14.29 16.18
CA THR A 671 17.28 13.08 16.17
C THR A 671 17.63 12.17 17.33
N LEU A 672 18.88 11.73 17.39
CA LEU A 672 19.30 10.82 18.45
C LEU A 672 19.43 11.50 19.81
N THR A 673 19.57 12.82 19.86
CA THR A 673 19.74 13.51 21.13
C THR A 673 18.63 14.52 21.32
N GLN A 674 18.48 14.99 22.58
CA GLN A 674 17.37 15.84 22.98
C GLN A 674 17.37 17.19 22.29
N ASN A 675 18.52 17.58 21.75
CA ASN A 675 18.97 18.94 21.39
C ASN A 675 18.53 20.01 22.37
N VAL A 676 18.58 19.73 23.67
CA VAL A 676 18.63 20.75 24.70
C VAL A 676 20.01 20.63 25.36
N MET A 677 20.76 21.72 25.32
CA MET A 677 22.14 21.68 25.77
C MET A 677 22.26 22.37 27.12
N GLU A 678 22.86 21.68 28.09
CA GLU A 678 22.90 22.18 29.46
C GLU A 678 24.29 22.67 29.86
N PHE A 679 25.31 21.83 29.75
CA PHE A 679 26.58 22.12 30.40
C PHE A 679 27.36 23.14 29.56
N LYS A 680 28.35 23.79 30.16
CA LYS A 680 29.16 24.75 29.42
C LYS A 680 30.49 24.15 28.95
N LYS A 681 31.35 23.79 29.91
CA LYS A 681 32.74 23.35 29.67
C LYS A 681 33.52 24.32 28.77
N CYS A 682 33.80 25.51 29.30
CA CYS A 682 34.62 26.47 28.58
C CYS A 682 36.09 26.05 28.54
N THR A 683 36.76 26.36 27.43
CA THR A 683 38.22 26.34 27.34
C THR A 683 38.65 27.69 26.79
N ILE A 684 39.59 28.33 27.48
CA ILE A 684 40.07 29.64 27.07
C ILE A 684 41.58 29.73 27.30
N ASN A 685 42.29 30.17 26.26
CA ASN A 685 43.71 30.53 26.31
C ASN A 685 44.59 29.36 26.73
N GLY A 686 44.20 28.14 26.34
CA GLY A 686 44.99 26.98 26.65
C GLY A 686 44.69 26.29 27.96
N VAL A 687 43.61 26.68 28.64
CA VAL A 687 43.22 26.03 29.89
C VAL A 687 41.70 25.89 29.88
N SER A 688 41.20 24.84 30.51
CA SER A 688 39.82 24.43 30.42
C SER A 688 39.09 24.73 31.71
N TYR A 689 37.92 25.37 31.60
CA TYR A 689 37.14 25.82 32.75
C TYR A 689 35.78 25.12 32.74
N GLY A 690 35.65 24.08 33.57
CA GLY A 690 34.42 23.33 33.70
C GLY A 690 34.64 21.96 34.29
N ARG A 691 33.66 21.41 35.00
CA ARG A 691 33.74 20.07 35.57
C ARG A 691 32.39 19.39 35.39
N ALA A 692 32.37 18.25 34.71
CA ALA A 692 31.14 17.54 34.44
C ALA A 692 31.36 16.05 34.57
N TYR A 693 30.31 15.33 34.95
CA TYR A 693 30.33 13.88 34.93
C TYR A 693 29.04 13.32 34.31
N THR A 694 28.37 14.10 33.47
CA THR A 694 27.17 13.60 32.81
C THR A 694 27.53 12.58 31.74
N GLU A 695 28.50 12.90 30.89
CA GLU A 695 28.91 12.03 29.81
C GLU A 695 30.41 11.72 29.89
N ALA A 696 31.06 12.05 31.01
CA ALA A 696 32.40 11.54 31.26
C ALA A 696 32.43 10.03 31.50
N LEU A 697 31.26 9.42 31.72
CA LEU A 697 31.04 7.98 31.69
C LEU A 697 31.03 7.39 30.28
N ALA A 698 31.38 8.16 29.24
CA ALA A 698 31.43 7.58 27.90
C ALA A 698 32.56 6.57 27.76
N GLY A 699 33.71 6.85 28.37
CA GLY A 699 34.79 5.88 28.44
C GLY A 699 34.65 4.99 29.64
N LEU A 700 33.59 4.17 29.66
CA LEU A 700 33.33 3.28 30.78
C LEU A 700 34.00 1.93 30.64
N ARG A 701 34.85 1.75 29.62
CA ARG A 701 35.57 0.49 29.46
C ARG A 701 36.61 0.28 30.55
N LYS A 702 37.21 1.36 31.06
CA LYS A 702 38.18 1.27 32.17
C LYS A 702 37.78 2.27 33.26
N ARG A 703 36.82 1.87 34.08
CA ARG A 703 36.41 2.58 35.29
C ARG A 703 35.50 1.64 36.07
N GLN A 704 35.30 1.95 37.34
CA GLN A 704 34.58 1.07 38.25
C GLN A 704 33.07 1.31 38.11
N GLY A 705 32.29 0.66 38.96
CA GLY A 705 30.86 0.56 38.78
C GLY A 705 30.05 1.81 39.04
N ILE A 706 30.02 2.29 40.28
CA ILE A 706 29.24 3.46 40.65
C ILE A 706 30.20 4.56 41.10
N ASP A 707 30.03 5.75 40.54
CA ASP A 707 30.95 6.86 40.75
C ASP A 707 30.10 8.11 40.99
N VAL A 708 29.76 8.37 42.24
CA VAL A 708 28.93 9.51 42.60
C VAL A 708 29.75 10.47 43.44
N GLU A 709 30.95 10.05 43.84
CA GLU A 709 31.80 10.91 44.65
C GLU A 709 32.32 12.10 43.87
N THR A 710 32.45 11.97 42.56
CA THR A 710 32.77 13.13 41.73
C THR A 710 31.54 13.98 41.43
N GLU A 711 30.35 13.39 41.52
CA GLU A 711 29.12 14.14 41.29
C GLU A 711 28.79 15.03 42.47
N GLY A 712 29.18 14.64 43.68
CA GLY A 712 29.08 15.53 44.82
C GLY A 712 30.13 16.62 44.79
N ARG A 713 31.28 16.36 44.18
CA ARG A 713 32.31 17.39 44.04
C ARG A 713 31.89 18.46 43.03
N ARG A 714 30.95 18.14 42.13
CA ARG A 714 30.36 19.18 41.31
C ARG A 714 29.56 20.15 42.15
N GLU A 715 28.63 19.62 42.97
CA GLU A 715 27.79 20.44 43.83
C GLU A 715 28.60 21.14 44.91
N LYS A 716 29.68 20.50 45.39
CA LYS A 716 30.55 21.14 46.38
C LYS A 716 31.29 22.32 45.78
N ALA A 717 31.71 22.21 44.53
CA ALA A 717 32.30 23.34 43.82
C ALA A 717 31.24 24.27 43.24
N GLU A 718 29.98 23.83 43.19
CA GLU A 718 28.92 24.70 42.66
C GLU A 718 28.44 25.69 43.72
N ILE A 719 28.36 25.25 44.98
CA ILE A 719 27.99 26.15 46.05
C ILE A 719 29.13 27.06 46.47
N ALA A 720 30.37 26.74 46.07
CA ALA A 720 31.46 27.70 46.18
C ALA A 720 31.54 28.60 44.95
N LYS A 721 30.66 28.40 43.98
CA LYS A 721 30.68 29.17 42.74
C LYS A 721 29.56 30.20 42.68
N ASP A 722 28.40 29.93 43.29
CA ASP A 722 27.33 30.91 43.25
C ASP A 722 27.53 32.03 44.26
N ARG A 723 28.46 31.86 45.19
CA ARG A 723 28.69 32.89 46.21
C ARG A 723 29.67 33.94 45.70
N ASP A 724 30.81 33.51 45.17
CA ASP A 724 31.82 34.47 44.73
C ASP A 724 31.51 35.05 43.35
N THR A 725 30.49 34.53 42.66
CA THR A 725 30.02 35.19 41.46
C THR A 725 28.85 36.12 41.74
N MET A 726 28.20 35.95 42.90
CA MET A 726 27.17 36.89 43.33
C MET A 726 27.85 37.94 44.22
N ILE A 727 28.66 38.78 43.58
CA ILE A 727 29.22 39.95 44.24
C ILE A 727 28.73 41.15 43.45
N ASP A 728 28.45 40.95 42.15
CA ASP A 728 28.01 42.02 41.28
C ASP A 728 26.99 41.54 40.25
N GLU A 729 26.03 40.71 40.65
CA GLU A 729 25.06 40.24 39.68
C GLU A 729 23.70 40.03 40.34
N LEU A 730 22.64 40.36 39.60
CA LEU A 730 21.26 40.22 40.07
C LEU A 730 20.44 39.24 39.24
N ARG A 731 21.08 38.27 38.59
CA ARG A 731 20.38 37.18 37.91
C ARG A 731 20.11 36.05 38.91
N ALA A 732 19.80 34.86 38.41
CA ALA A 732 19.41 33.75 39.28
C ALA A 732 20.59 33.22 40.07
N LEU A 733 21.57 32.63 39.37
CA LEU A 733 22.80 32.07 39.94
C LEU A 733 22.50 31.08 41.06
N SER A 734 21.65 30.10 40.76
CA SER A 734 21.15 29.19 41.79
C SER A 734 21.28 27.77 41.27
N GLY A 735 20.66 26.84 42.01
CA GLY A 735 20.66 25.45 41.61
C GLY A 735 19.85 25.24 40.35
N ASN A 736 20.43 24.52 39.38
CA ASN A 736 19.90 24.34 38.02
C ASN A 736 19.66 25.68 37.32
N SER A 737 20.45 26.70 37.68
CA SER A 737 20.49 27.96 36.96
C SER A 737 21.86 28.19 36.35
N GLN A 738 22.91 28.18 37.18
CA GLN A 738 24.26 28.16 36.67
C GLN A 738 24.64 26.74 36.25
N PHE A 739 25.56 26.65 35.29
CA PHE A 739 25.72 25.40 34.56
C PHE A 739 27.04 24.70 34.79
N TYR A 740 28.17 25.42 34.83
CA TYR A 740 29.44 24.73 35.00
C TYR A 740 30.03 25.01 36.36
N PRO A 741 30.29 23.97 37.16
CA PRO A 741 31.09 24.16 38.38
C PRO A 741 32.58 24.21 38.09
N GLU A 742 33.15 25.42 38.17
CA GLU A 742 34.58 25.63 38.04
C GLU A 742 34.91 26.96 38.68
N GLU A 743 35.91 26.98 39.55
CA GLU A 743 36.40 28.22 40.14
C GLU A 743 37.14 29.00 39.06
N VAL A 744 36.61 30.16 38.69
CA VAL A 744 37.21 30.99 37.65
C VAL A 744 38.04 32.05 38.37
N THR A 745 39.30 31.71 38.64
CA THR A 745 40.39 32.56 39.12
C THR A 745 40.12 33.23 40.48
N PHE A 746 39.05 32.85 41.17
CA PHE A 746 38.63 33.40 42.48
C PHE A 746 38.54 34.92 42.47
N VAL A 747 37.65 35.43 41.62
CA VAL A 747 37.47 36.87 41.48
C VAL A 747 36.79 37.44 42.70
N GLY A 760 50.51 41.64 35.63
CA GLY A 760 50.33 40.39 34.94
C GLY A 760 48.89 39.89 34.96
N GLU A 761 48.75 38.55 34.98
CA GLU A 761 47.47 37.85 35.05
C GLU A 761 46.57 38.23 33.87
N VAL A 762 47.01 37.84 32.67
CA VAL A 762 46.24 38.12 31.47
C VAL A 762 45.13 37.07 31.30
N GLN A 763 45.26 35.93 31.98
CA GLN A 763 44.28 34.85 31.86
C GLN A 763 42.95 35.24 32.48
N GLN A 764 43.00 36.02 33.57
CA GLN A 764 41.77 36.42 34.27
C GLN A 764 40.94 37.39 33.44
N ARG A 765 41.59 38.24 32.65
CA ARG A 765 40.85 39.03 31.68
C ARG A 765 40.38 38.16 30.51
N CYS A 766 41.23 37.22 30.09
CA CYS A 766 40.97 36.50 28.84
C CYS A 766 39.79 35.55 28.97
N CYS A 767 39.52 35.04 30.18
CA CYS A 767 38.28 34.32 30.41
C CYS A 767 37.10 35.28 30.46
N GLU A 768 37.29 36.46 31.07
CA GLU A 768 36.23 37.46 31.09
C GLU A 768 36.03 38.09 29.72
N HIS A 769 37.10 38.19 28.93
CA HIS A 769 36.94 38.65 27.54
C HIS A 769 36.26 37.58 26.69
N PHE A 770 36.45 36.31 27.02
CA PHE A 770 35.80 35.23 26.28
C PHE A 770 34.29 35.26 26.50
N MET A 771 33.86 35.34 27.77
CA MET A 771 32.45 35.24 28.10
C MET A 771 31.65 36.43 27.60
N LEU A 772 32.27 37.61 27.51
CA LEU A 772 31.56 38.73 26.88
C LEU A 772 31.48 38.53 25.37
N ALA A 773 32.59 38.14 24.73
CA ALA A 773 32.61 37.93 23.29
C ALA A 773 31.80 36.71 22.88
N LEU A 774 31.66 35.73 23.77
CA LEU A 774 30.71 34.64 23.56
C LEU A 774 29.28 35.15 23.63
N ALA A 775 28.98 36.00 24.61
CA ALA A 775 27.67 36.61 24.71
C ALA A 775 27.42 37.62 23.61
N LEU A 776 28.48 38.16 23.00
CA LEU A 776 28.29 39.10 21.91
C LEU A 776 28.03 38.38 20.59
N CYS A 777 28.70 37.24 20.37
CA CYS A 777 28.46 36.46 19.16
C CYS A 777 27.26 35.56 19.42
N HIS A 778 26.07 36.13 19.32
CA HIS A 778 24.89 35.35 19.63
C HIS A 778 23.74 35.74 18.70
N SER A 779 22.79 34.81 18.59
CA SER A 779 21.55 35.02 17.86
C SER A 779 20.36 34.88 18.79
N VAL A 780 20.54 35.31 20.04
CA VAL A 780 19.54 35.16 21.09
C VAL A 780 18.80 36.47 21.27
N LEU A 781 17.50 36.45 21.06
CA LEU A 781 16.64 37.56 21.42
C LEU A 781 16.05 37.29 22.80
N VAL A 782 16.07 38.30 23.66
CA VAL A 782 15.46 38.15 24.98
C VAL A 782 13.95 38.12 24.84
N GLU A 783 13.31 37.58 25.87
CA GLU A 783 11.86 37.43 25.87
C GLU A 783 11.34 37.91 27.22
N ALA A 784 10.23 38.64 27.19
CA ALA A 784 9.61 39.10 28.42
C ALA A 784 8.98 37.93 29.14
N ASN A 785 9.63 37.46 30.20
CA ASN A 785 9.13 36.38 31.03
C ASN A 785 7.87 36.83 31.75
N PRO A 786 6.71 36.20 31.53
CA PRO A 786 5.47 36.73 32.12
C PRO A 786 5.38 36.52 33.63
N ASP A 787 5.76 35.35 34.13
CA ASP A 787 5.91 35.14 35.56
C ASP A 787 7.34 35.49 35.98
N ASN A 788 7.46 36.28 37.04
CA ASN A 788 8.69 36.92 37.53
C ASN A 788 9.35 37.71 36.40
N PRO A 789 8.81 38.87 36.00
CA PRO A 789 9.42 39.62 34.90
C PRO A 789 10.72 40.33 35.26
N LYS A 790 11.13 40.30 36.52
CA LYS A 790 12.41 40.85 36.92
C LYS A 790 13.59 40.00 36.45
N LYS A 791 13.36 38.73 36.14
CA LYS A 791 14.36 37.84 35.56
C LYS A 791 13.83 37.36 34.21
N LEU A 792 14.28 37.98 33.13
CA LEU A 792 13.81 37.65 31.80
C LEU A 792 14.68 36.57 31.17
N ASP A 793 14.06 35.76 30.32
CA ASP A 793 14.69 34.56 29.78
C ASP A 793 15.24 34.80 28.37
N LEU A 794 15.66 33.70 27.74
CA LEU A 794 16.40 33.74 26.48
C LEU A 794 15.74 32.79 25.48
N LYS A 795 15.81 33.15 24.20
CA LYS A 795 15.27 32.32 23.12
C LYS A 795 16.28 32.28 21.98
N ALA A 796 16.55 31.09 21.47
CA ALA A 796 17.46 30.91 20.35
C ALA A 796 16.93 29.86 19.38
N GLN A 797 17.05 30.14 18.09
CA GLN A 797 16.71 29.15 17.08
C GLN A 797 17.72 28.00 17.05
N SER A 798 18.94 28.25 17.50
CA SER A 798 19.95 27.20 17.62
C SER A 798 20.12 26.87 19.10
N PRO A 799 19.69 25.69 19.55
CA PRO A 799 19.69 25.43 20.99
C PRO A 799 21.05 25.20 21.58
N ASP A 800 22.03 24.79 20.77
CA ASP A 800 23.41 24.79 21.22
C ASP A 800 23.89 26.21 21.47
N GLU A 801 23.42 27.15 20.66
CA GLU A 801 23.84 28.55 20.77
C GLU A 801 23.18 29.23 21.97
N ALA A 802 22.09 28.65 22.50
CA ALA A 802 21.47 29.22 23.70
C ALA A 802 22.24 28.86 24.96
N ALA A 803 22.86 27.68 24.99
CA ALA A 803 23.53 27.19 26.20
C ALA A 803 24.78 28.01 26.50
N LEU A 804 25.44 28.51 25.46
CA LEU A 804 26.58 29.40 25.67
C LEU A 804 26.12 30.73 26.22
N VAL A 805 24.91 31.16 25.81
CA VAL A 805 24.37 32.44 26.22
C VAL A 805 23.69 32.35 27.59
N ALA A 806 23.06 31.21 27.89
CA ALA A 806 22.45 31.01 29.19
C ALA A 806 23.49 30.91 30.29
N THR A 807 24.73 30.57 29.93
CA THR A 807 25.79 30.42 30.90
C THR A 807 26.61 31.69 31.08
N ALA A 808 26.68 32.55 30.06
CA ALA A 808 27.28 33.86 30.23
C ALA A 808 26.43 34.72 31.16
N ARG A 809 25.11 34.50 31.15
CA ARG A 809 24.20 35.07 32.12
C ARG A 809 24.50 34.60 33.54
N ASP A 810 25.15 33.46 33.69
CA ASP A 810 25.46 32.90 35.00
C ASP A 810 26.82 33.33 35.52
N VAL A 811 27.78 33.61 34.62
CA VAL A 811 29.09 34.07 35.04
C VAL A 811 29.12 35.58 35.20
N GLY A 812 28.08 36.28 34.75
CA GLY A 812 27.95 37.72 34.94
C GLY A 812 27.86 38.51 33.66
N PHE A 813 28.13 37.92 32.49
CA PHE A 813 28.08 38.63 31.22
C PHE A 813 26.75 38.33 30.53
N SER A 814 25.67 38.75 31.17
CA SER A 814 24.34 38.63 30.61
C SER A 814 24.07 39.81 29.68
N PHE A 815 22.91 39.79 29.03
CA PHE A 815 22.48 40.95 28.28
C PHE A 815 20.98 41.14 28.44
N VAL A 816 20.58 42.40 28.64
CA VAL A 816 19.20 42.73 28.97
C VAL A 816 18.31 42.77 27.73
N GLY A 817 18.76 43.40 26.66
CA GLY A 817 17.91 43.57 25.50
C GLY A 817 18.70 43.76 24.22
N LYS A 818 18.10 44.51 23.30
CA LYS A 818 18.62 44.66 21.94
C LYS A 818 18.00 45.91 21.32
N THR A 819 18.82 46.92 21.04
CA THR A 819 18.33 48.13 20.40
C THR A 819 18.30 47.96 18.88
N LYS A 820 18.04 49.05 18.17
CA LYS A 820 17.88 48.99 16.72
C LYS A 820 19.20 48.76 16.00
N LYS A 821 20.19 49.60 16.26
CA LYS A 821 21.51 49.44 15.66
C LYS A 821 22.43 48.60 16.52
N GLY A 822 22.36 48.74 17.83
CA GLY A 822 23.26 48.03 18.71
C GLY A 822 22.60 46.99 19.58
N LEU A 823 22.95 46.98 20.86
CA LEU A 823 22.58 45.90 21.75
C LEU A 823 22.65 46.40 23.18
N ILE A 824 21.74 45.90 24.02
CA ILE A 824 21.73 46.22 25.44
C ILE A 824 22.34 45.03 26.17
N ILE A 825 23.38 45.28 26.96
CA ILE A 825 24.14 44.21 27.58
C ILE A 825 24.48 44.58 29.01
N GLU A 826 24.37 43.62 29.92
CA GLU A 826 24.66 43.82 31.33
C GLU A 826 25.86 42.96 31.69
N MET A 827 27.05 43.54 31.57
CA MET A 827 28.29 42.81 31.80
C MET A 827 28.83 43.17 33.19
N GLN A 828 28.90 42.15 34.07
CA GLN A 828 29.47 42.23 35.42
C GLN A 828 28.82 43.32 36.27
N GLY A 829 27.50 43.38 36.21
CA GLY A 829 26.76 44.38 36.95
C GLY A 829 26.45 45.65 36.17
N ILE A 830 27.48 46.27 35.58
CA ILE A 830 27.26 47.50 34.83
C ILE A 830 26.60 47.14 33.50
N GLN A 831 25.83 48.09 32.97
CA GLN A 831 24.99 47.87 31.80
C GLN A 831 25.56 48.68 30.64
N LYS A 832 26.44 48.05 29.86
CA LYS A 832 27.06 48.69 28.71
C LYS A 832 26.13 48.57 27.50
N GLU A 833 26.51 49.18 26.38
CA GLU A 833 25.80 49.00 25.11
C GLU A 833 26.85 48.74 24.03
N PHE A 834 27.18 47.47 23.79
CA PHE A 834 28.02 47.13 22.66
C PHE A 834 27.24 47.32 21.36
N GLU A 835 27.86 48.02 20.42
CA GLU A 835 27.22 48.39 19.17
C GLU A 835 27.68 47.45 18.07
N ILE A 836 26.75 46.64 17.56
CA ILE A 836 27.06 45.65 16.54
C ILE A 836 26.52 46.18 15.22
N LEU A 837 27.43 46.73 14.40
CA LEU A 837 27.00 47.35 13.16
C LEU A 837 26.77 46.31 12.07
N ASN A 838 27.46 45.18 12.14
CA ASN A 838 27.41 44.20 11.08
C ASN A 838 27.43 42.81 11.68
N ILE A 839 26.78 41.87 11.00
CA ILE A 839 26.72 40.48 11.42
C ILE A 839 26.45 39.64 10.17
N LEU A 840 26.95 38.41 10.19
CA LEU A 840 26.70 37.46 9.11
C LEU A 840 25.82 36.32 9.61
N GLU A 841 25.24 35.62 8.66
CA GLU A 841 24.20 34.62 8.91
C GLU A 841 24.82 33.30 9.38
N PHE A 842 23.97 32.32 9.59
CA PHE A 842 24.42 30.95 9.85
C PHE A 842 23.81 30.01 8.82
N ASN A 843 24.67 29.29 8.11
CA ASN A 843 24.27 28.21 7.21
C ASN A 843 24.76 26.90 7.80
N SER A 844 24.09 25.81 7.41
CA SER A 844 24.51 24.49 7.89
C SER A 844 25.81 24.06 7.22
N SER A 845 26.06 24.52 6.00
CA SER A 845 27.26 24.11 5.27
C SER A 845 28.49 24.88 5.76
N ARG A 846 28.31 26.14 6.14
CA ARG A 846 29.45 26.99 6.48
C ARG A 846 30.02 26.66 7.86
N LYS A 847 29.19 26.11 8.75
CA LYS A 847 29.50 25.86 10.17
C LYS A 847 29.97 27.12 10.88
N ARG A 848 29.43 28.29 10.57
CA ARG A 848 29.97 29.52 11.14
C ARG A 848 28.88 30.51 11.47
N MET A 849 28.98 31.09 12.67
CA MET A 849 28.19 32.24 13.08
C MET A 849 29.18 33.25 13.63
N SER A 850 29.18 34.46 13.06
CA SER A 850 30.19 35.47 13.38
C SER A 850 29.55 36.84 13.54
N CYS A 851 30.11 37.63 14.45
CA CYS A 851 29.69 39.01 14.66
C CYS A 851 30.90 39.94 14.49
N ILE A 852 30.61 41.18 14.10
CA ILE A 852 31.66 42.18 13.87
C ILE A 852 31.35 43.41 14.73
N VAL A 853 30.95 43.16 15.99
CA VAL A 853 30.54 44.22 16.91
C VAL A 853 31.64 45.28 17.11
N LYS A 854 31.23 46.54 17.11
CA LYS A 854 32.13 47.67 17.25
C LYS A 854 32.35 48.01 18.73
N ILE A 855 33.61 48.24 19.10
CA ILE A 855 33.95 48.63 20.47
C ILE A 855 34.50 50.05 20.48
N PRO A 856 34.37 50.79 21.57
CA PRO A 856 35.00 52.10 21.64
C PRO A 856 36.47 52.01 22.02
N GLY A 857 37.21 53.07 21.69
CA GLY A 857 38.61 53.13 22.06
C GLY A 857 38.76 53.44 23.54
N LEU A 858 39.80 52.87 24.15
CA LEU A 858 39.99 53.04 25.58
C LEU A 858 40.49 54.43 25.92
N ASN A 859 41.59 54.87 25.31
CA ASN A 859 41.99 56.24 25.55
C ASN A 859 41.10 57.20 24.77
N PRO A 860 40.70 58.32 25.39
CA PRO A 860 39.88 59.30 24.68
C PRO A 860 40.67 60.08 23.65
N GLY A 861 40.05 60.30 22.49
CA GLY A 861 40.70 60.99 21.40
C GLY A 861 41.44 60.07 20.45
N ASP A 862 40.75 59.06 19.92
CA ASP A 862 41.33 58.13 18.98
C ASP A 862 40.29 57.72 17.95
N GLU A 863 40.66 56.76 17.10
CA GLU A 863 39.70 56.10 16.24
C GLU A 863 39.36 54.75 16.86
N PRO A 864 38.11 54.50 17.24
CA PRO A 864 37.77 53.24 17.89
C PRO A 864 37.77 52.07 16.91
N ARG A 865 38.60 51.06 17.20
CA ARG A 865 38.70 49.86 16.38
C ARG A 865 37.50 48.94 16.63
N ALA A 866 37.49 47.77 16.00
CA ALA A 866 36.40 46.82 16.15
C ALA A 866 36.95 45.41 16.35
N LEU A 867 36.05 44.49 16.67
CA LEU A 867 36.38 43.10 16.90
C LEU A 867 35.75 42.22 15.82
N LEU A 868 36.16 40.94 15.81
CA LEU A 868 35.60 39.95 14.90
C LEU A 868 35.58 38.61 15.64
N ILE A 869 34.39 38.22 16.11
CA ILE A 869 34.22 37.02 16.92
C ILE A 869 33.48 36.01 16.06
N CYS A 870 34.21 35.02 15.54
CA CYS A 870 33.64 33.96 14.73
C CYS A 870 33.43 32.73 15.61
N LYS A 871 32.22 32.20 15.62
CA LYS A 871 31.89 31.01 16.39
C LYS A 871 31.56 29.87 15.44
N GLY A 872 32.34 28.79 15.51
CA GLY A 872 32.16 27.66 14.63
C GLY A 872 32.72 26.38 15.19
N ALA A 873 33.12 25.47 14.32
CA ALA A 873 33.59 24.16 14.75
C ALA A 873 35.10 24.16 14.95
N ASP A 874 35.61 23.05 15.49
CA ASP A 874 37.03 22.86 15.74
C ASP A 874 37.79 22.32 14.53
N SER A 875 37.23 22.44 13.34
CA SER A 875 37.92 22.11 12.10
C SER A 875 37.77 23.16 11.02
N ILE A 876 36.87 24.12 11.17
CA ILE A 876 36.75 25.19 10.18
C ILE A 876 37.69 26.34 10.50
N ILE A 877 37.59 26.90 11.72
CA ILE A 877 38.41 28.07 12.02
C ILE A 877 39.85 27.71 12.33
N TYR A 878 40.15 26.44 12.57
CA TYR A 878 41.55 26.00 12.58
C TYR A 878 42.13 25.94 11.17
N SER A 879 41.28 25.89 10.14
CA SER A 879 41.70 26.14 8.78
C SER A 879 41.56 27.61 8.41
N ARG A 880 41.19 28.46 9.37
CA ARG A 880 41.08 29.90 9.19
C ARG A 880 41.91 30.67 10.21
N LEU A 881 43.07 30.14 10.55
CA LEU A 881 43.83 30.57 11.72
C LEU A 881 45.23 31.00 11.30
N SER A 882 45.75 32.02 11.98
CA SER A 882 47.05 32.59 11.65
C SER A 882 48.17 31.67 12.13
N ARG A 883 49.06 31.28 11.22
CA ARG A 883 50.13 30.36 11.59
C ARG A 883 51.29 31.10 12.24
N GLN A 884 51.93 32.01 11.51
CA GLN A 884 53.03 32.80 12.08
C GLN A 884 52.48 34.05 12.74
N SER A 885 53.00 34.36 13.92
CA SER A 885 52.65 35.56 14.68
C SER A 885 53.72 35.80 15.74
N GLY A 886 53.86 37.06 16.13
CA GLY A 886 54.72 37.45 17.23
C GLY A 886 54.08 37.37 18.59
N SER A 887 52.84 36.89 18.66
CA SER A 887 52.07 36.77 19.88
C SER A 887 52.06 35.32 20.36
N ASN A 888 51.20 35.03 21.35
CA ASN A 888 51.02 33.69 21.87
C ASN A 888 49.84 32.98 21.20
N SER A 889 49.63 33.23 19.91
CA SER A 889 48.53 32.60 19.20
C SER A 889 48.91 31.23 18.67
N GLU A 890 50.19 30.85 18.75
CA GLU A 890 50.61 29.54 18.27
C GLU A 890 50.67 28.51 19.38
N ALA A 891 51.26 28.86 20.53
CA ALA A 891 51.57 27.86 21.55
C ALA A 891 50.32 27.43 22.32
N ILE A 892 49.21 28.12 22.14
CA ILE A 892 47.96 27.71 22.80
C ILE A 892 47.31 26.54 22.08
N LEU A 893 47.69 26.29 20.82
CA LEU A 893 46.96 25.37 19.96
C LEU A 893 47.13 23.92 20.38
N GLU A 894 48.36 23.53 20.71
CA GLU A 894 48.60 22.18 21.22
C GLU A 894 48.02 21.99 22.62
N LYS A 895 47.64 23.06 23.30
CA LYS A 895 46.85 22.93 24.52
C LYS A 895 45.36 22.82 24.21
N THR A 896 44.82 23.75 23.41
CA THR A 896 43.37 23.85 23.26
C THR A 896 42.80 22.77 22.35
N ALA A 897 43.58 22.23 21.42
CA ALA A 897 43.11 21.11 20.64
C ALA A 897 43.28 19.80 21.39
N LEU A 898 44.17 19.78 22.39
CA LEU A 898 44.26 18.61 23.26
C LEU A 898 43.07 18.54 24.19
N HIS A 899 42.55 19.69 24.62
CA HIS A 899 41.38 19.71 25.50
C HIS A 899 40.15 19.23 24.75
N LEU A 900 39.96 19.65 23.50
CA LEU A 900 38.77 19.27 22.76
C LEU A 900 38.81 17.80 22.34
N GLU A 901 40.00 17.22 22.18
CA GLU A 901 40.09 15.78 22.05
C GLU A 901 39.66 15.08 23.33
N GLN A 902 40.01 15.65 24.48
CA GLN A 902 39.49 15.15 25.75
C GLN A 902 38.01 15.47 25.89
N TYR A 903 37.55 16.55 25.27
CA TYR A 903 36.17 16.99 25.38
C TYR A 903 35.33 16.55 24.20
N ALA A 904 35.88 15.75 23.31
CA ALA A 904 35.08 14.98 22.38
C ALA A 904 34.89 13.55 22.85
N THR A 905 35.94 12.93 23.39
CA THR A 905 35.88 11.54 23.82
C THR A 905 35.02 11.35 25.07
N GLU A 906 34.62 12.43 25.75
CA GLU A 906 33.55 12.34 26.73
C GLU A 906 32.23 12.87 26.19
N GLY A 907 32.04 12.81 24.88
CA GLY A 907 30.74 12.98 24.27
C GLY A 907 30.16 14.37 24.32
N LEU A 908 30.98 15.40 24.38
CA LEU A 908 30.49 16.75 24.55
C LEU A 908 30.56 17.50 23.22
N ARG A 909 29.46 18.15 22.86
CA ARG A 909 29.41 18.89 21.61
C ARG A 909 30.29 20.13 21.69
N THR A 910 31.15 20.30 20.70
CA THR A 910 32.20 21.31 20.75
C THR A 910 31.91 22.48 19.83
N LEU A 911 32.37 23.65 20.24
CA LEU A 911 32.41 24.85 19.42
C LEU A 911 33.79 25.46 19.58
N CYS A 912 34.07 26.52 18.80
CA CYS A 912 35.31 27.27 18.93
C CYS A 912 35.06 28.73 18.62
N ILE A 913 35.85 29.60 19.26
CA ILE A 913 35.72 31.05 19.13
C ILE A 913 37.11 31.65 18.96
N ALA A 914 37.31 32.38 17.86
CA ALA A 914 38.55 33.11 17.61
C ALA A 914 38.25 34.59 17.46
N GLN A 915 39.32 35.40 17.49
CA GLN A 915 39.17 36.85 17.53
C GLN A 915 40.42 37.51 16.95
N ARG A 916 40.23 38.34 15.92
CA ARG A 916 41.32 39.15 15.39
C ARG A 916 41.09 40.62 15.70
N GLU A 917 42.19 41.33 15.94
CA GLU A 917 42.15 42.76 16.27
C GLU A 917 42.27 43.56 14.97
N LEU A 918 41.12 43.75 14.32
CA LEU A 918 41.10 44.49 13.06
C LEU A 918 41.06 45.98 13.30
N SER A 919 41.45 46.74 12.28
CA SER A 919 41.27 48.18 12.24
C SER A 919 40.31 48.55 11.13
N TRP A 920 39.76 49.76 11.22
CA TRP A 920 38.81 50.24 10.22
C TRP A 920 39.49 50.60 8.91
N SER A 921 40.81 50.73 8.91
CA SER A 921 41.55 50.95 7.67
C SER A 921 41.44 49.77 6.73
N GLU A 922 41.33 48.56 7.28
CA GLU A 922 41.11 47.37 6.48
C GLU A 922 39.66 46.88 6.52
N TYR A 923 38.84 47.44 7.40
CA TYR A 923 37.49 46.90 7.58
C TYR A 923 36.44 47.63 6.76
N GLU A 924 36.58 48.95 6.58
CA GLU A 924 35.55 49.74 5.91
C GLU A 924 35.41 49.38 4.43
N LYS A 925 36.42 48.76 3.84
CA LYS A 925 36.25 48.19 2.50
C LYS A 925 35.50 46.87 2.53
N TRP A 926 35.81 45.99 3.50
CA TRP A 926 35.11 44.72 3.59
C TRP A 926 33.68 44.88 4.08
N ASN A 927 33.42 45.94 4.86
CA ASN A 927 32.05 46.26 5.23
C ASN A 927 31.24 46.68 4.01
N GLU A 928 31.79 47.60 3.19
CA GLU A 928 31.10 48.02 1.99
C GLU A 928 31.07 46.94 0.94
N LYS A 929 32.07 46.05 0.92
CA LYS A 929 32.03 44.90 0.01
C LYS A 929 30.91 43.95 0.39
N TYR A 930 30.62 43.83 1.68
CA TYR A 930 29.45 43.07 2.11
C TYR A 930 28.16 43.86 1.99
N ASP A 931 28.21 45.18 2.18
CA ASP A 931 26.99 45.99 2.12
C ASP A 931 26.49 46.17 0.69
N ILE A 932 27.40 46.32 -0.28
CA ILE A 932 27.00 46.29 -1.68
C ILE A 932 26.47 44.90 -2.04
N ALA A 933 27.08 43.85 -1.49
CA ALA A 933 26.58 42.49 -1.66
C ALA A 933 25.51 42.13 -0.64
N ALA A 934 24.88 43.11 0.01
CA ALA A 934 23.76 42.84 0.90
C ALA A 934 22.41 43.14 0.27
N ALA A 935 22.36 44.02 -0.72
CA ALA A 935 21.15 44.26 -1.49
C ALA A 935 21.34 43.89 -2.96
N SER A 936 22.31 43.02 -3.26
CA SER A 936 22.66 42.68 -4.64
C SER A 936 21.87 41.46 -5.10
N LEU A 937 22.28 40.89 -6.24
CA LEU A 937 21.61 39.73 -6.80
C LEU A 937 21.96 38.43 -6.08
N ALA A 938 23.16 38.33 -5.51
CA ALA A 938 23.64 37.11 -4.89
C ALA A 938 23.41 37.07 -3.39
N ASN A 939 22.30 37.66 -2.92
CA ASN A 939 21.99 37.60 -1.50
C ASN A 939 21.52 36.22 -1.06
N ARG A 940 21.07 35.39 -2.00
CA ARG A 940 20.66 34.02 -1.71
C ARG A 940 21.52 33.03 -2.49
N GLU A 941 22.71 33.45 -2.89
CA GLU A 941 23.63 32.61 -3.63
C GLU A 941 24.86 32.31 -2.76
N ASP A 942 25.81 31.61 -3.34
CA ASP A 942 27.03 31.22 -2.64
C ASP A 942 28.13 32.26 -2.79
N GLU A 943 27.84 33.41 -3.40
CA GLU A 943 28.84 34.45 -3.53
C GLU A 943 29.00 35.27 -2.26
N LEU A 944 28.15 35.07 -1.25
CA LEU A 944 28.32 35.75 0.02
C LEU A 944 29.45 35.18 0.86
N GLU A 945 29.70 33.87 0.77
CA GLU A 945 30.71 33.25 1.61
C GLU A 945 32.11 33.64 1.17
N VAL A 946 32.33 33.82 -0.13
CA VAL A 946 33.64 34.25 -0.61
C VAL A 946 33.87 35.73 -0.30
N VAL A 947 32.80 36.53 -0.20
CA VAL A 947 32.92 37.87 0.36
C VAL A 947 33.24 37.80 1.85
N ALA A 948 32.62 36.86 2.55
CA ALA A 948 32.79 36.67 3.99
C ALA A 948 33.91 35.70 4.34
N ASP A 949 34.94 35.59 3.48
CA ASP A 949 36.09 34.72 3.73
C ASP A 949 37.40 35.50 3.76
N SER A 950 37.46 36.68 3.13
CA SER A 950 38.74 37.35 2.93
C SER A 950 39.29 37.98 4.21
N ILE A 951 38.43 38.47 5.10
CA ILE A 951 38.90 39.09 6.34
C ILE A 951 39.18 38.06 7.42
N GLU A 952 38.76 36.81 7.24
CA GLU A 952 39.06 35.74 8.19
C GLU A 952 40.21 34.86 7.73
N ARG A 953 41.16 35.44 6.99
CA ARG A 953 42.32 34.66 6.56
C ARG A 953 43.26 34.38 7.72
N GLU A 954 43.44 35.36 8.60
CA GLU A 954 44.22 35.19 9.82
C GLU A 954 43.34 35.46 11.03
N LEU A 955 43.48 34.62 12.05
CA LEU A 955 42.72 34.77 13.28
C LEU A 955 43.61 34.40 14.46
N ILE A 956 43.31 34.99 15.62
CA ILE A 956 43.94 34.62 16.88
C ILE A 956 42.86 33.94 17.72
N LEU A 957 43.13 32.69 18.09
CA LEU A 957 42.12 31.87 18.73
C LEU A 957 41.95 32.24 20.19
N LEU A 958 40.70 32.48 20.60
CA LEU A 958 40.41 32.67 22.02
C LEU A 958 40.34 31.29 22.68
N GLY A 959 39.34 30.50 22.29
CA GLY A 959 39.22 29.16 22.83
C GLY A 959 37.97 28.50 22.29
N GLY A 960 37.70 27.31 22.84
CA GLY A 960 36.56 26.54 22.42
C GLY A 960 35.68 26.20 23.60
N THR A 961 34.45 25.82 23.28
CA THR A 961 33.49 25.43 24.30
C THR A 961 33.05 24.00 24.04
N ALA A 962 32.58 23.33 25.09
CA ALA A 962 32.35 21.89 25.03
C ALA A 962 31.04 21.50 25.72
N ILE A 963 29.93 22.12 25.29
CA ILE A 963 28.61 21.86 25.86
C ILE A 963 28.17 20.41 25.63
N GLU A 964 27.18 19.97 26.41
CA GLU A 964 26.72 18.59 26.35
C GLU A 964 25.39 18.52 25.62
N ASP A 965 25.03 17.30 25.21
CA ASP A 965 23.79 17.10 24.47
C ASP A 965 23.34 15.67 24.77
N ARG A 966 22.41 15.54 25.72
CA ARG A 966 22.01 14.23 26.19
C ARG A 966 21.02 13.58 25.22
N LEU A 967 21.00 12.26 25.22
CA LEU A 967 20.32 11.50 24.19
C LEU A 967 18.80 11.58 24.32
N GLN A 968 18.13 11.28 23.22
CA GLN A 968 16.69 11.28 23.06
C GLN A 968 16.09 9.95 23.51
N ASP A 969 16.71 9.31 24.52
CA ASP A 969 16.43 7.98 25.11
C ASP A 969 16.13 6.89 24.06
N GLY A 970 16.86 6.97 22.94
CA GLY A 970 16.91 5.97 21.90
C GLY A 970 18.12 5.10 22.07
N VAL A 971 18.43 4.78 23.32
CA VAL A 971 19.42 3.74 23.60
C VAL A 971 18.84 2.34 23.47
N PRO A 972 17.68 1.98 24.05
CA PRO A 972 17.26 0.58 23.94
C PRO A 972 16.69 0.19 22.59
N ASP A 973 16.65 1.07 21.59
CA ASP A 973 16.26 0.58 20.28
C ASP A 973 17.47 0.41 19.36
N CYS A 974 18.43 1.32 19.45
CA CYS A 974 19.34 1.64 18.35
C CYS A 974 20.21 0.46 17.95
N ILE A 975 20.54 -0.44 18.89
CA ILE A 975 20.84 -1.82 18.52
C ILE A 975 19.94 -2.81 19.23
N GLU A 976 19.49 -2.50 20.45
CA GLU A 976 18.81 -3.52 21.25
C GLU A 976 17.45 -3.89 20.67
N LEU A 977 16.91 -3.08 19.76
CA LEU A 977 15.84 -3.47 18.88
C LEU A 977 16.23 -3.39 17.42
N LEU A 978 16.84 -2.29 17.01
CA LEU A 978 16.67 -1.80 15.65
C LEU A 978 17.90 -1.99 14.77
N ALA A 979 19.00 -2.47 15.31
CA ALA A 979 20.11 -2.96 14.50
C ALA A 979 20.45 -4.40 14.77
N GLU A 980 20.01 -4.96 15.88
CA GLU A 980 19.95 -6.41 16.03
C GLU A 980 18.62 -6.92 15.49
N ALA A 981 17.78 -6.01 14.98
CA ALA A 981 16.80 -6.38 13.97
C ALA A 981 17.47 -6.98 12.76
N GLY A 982 18.45 -6.29 12.21
CA GLY A 982 19.13 -6.73 11.02
C GLY A 982 19.42 -5.54 10.12
N ILE A 983 19.02 -4.39 10.57
CA ILE A 983 19.16 -3.18 9.78
C ILE A 983 20.54 -2.59 10.04
N LYS A 984 21.21 -2.14 8.98
CA LYS A 984 22.51 -1.52 9.08
C LYS A 984 22.30 -0.02 9.25
N LEU A 985 22.58 0.48 10.45
CA LEU A 985 22.37 1.88 10.77
C LEU A 985 23.57 2.71 10.38
N TRP A 986 23.32 4.01 10.23
CA TRP A 986 24.24 4.94 9.57
C TRP A 986 24.03 6.31 10.20
N VAL A 987 24.87 6.69 11.14
CA VAL A 987 24.74 8.02 11.68
C VAL A 987 25.35 8.98 10.68
N LEU A 988 24.81 10.19 10.59
CA LEU A 988 25.25 11.18 9.62
C LEU A 988 25.38 12.53 10.33
N THR A 989 26.21 12.55 11.39
CA THR A 989 26.23 13.57 12.42
C THR A 989 26.35 15.01 11.94
N GLY A 990 27.49 15.36 11.35
CA GLY A 990 27.87 16.74 11.24
C GLY A 990 28.68 17.25 12.42
N ASP A 991 28.87 16.42 13.44
CA ASP A 991 29.78 16.67 14.54
C ASP A 991 31.06 15.85 14.26
N LYS A 992 32.00 15.86 15.19
CA LYS A 992 33.35 15.44 14.83
C LYS A 992 33.55 13.95 15.09
N VAL A 993 34.75 13.47 14.81
CA VAL A 993 35.01 12.04 14.72
C VAL A 993 35.07 11.38 16.09
N GLU A 994 35.79 11.99 17.02
CA GLU A 994 35.96 11.37 18.33
C GLU A 994 34.69 11.47 19.16
N THR A 995 33.92 12.55 19.00
CA THR A 995 32.68 12.70 19.73
C THR A 995 31.53 11.91 19.13
N ALA A 996 31.71 11.36 17.93
CA ALA A 996 30.68 10.49 17.39
C ALA A 996 30.95 9.03 17.68
N ILE A 997 32.21 8.64 17.79
CA ILE A 997 32.54 7.29 18.23
C ILE A 997 32.08 7.09 19.67
N ASN A 998 32.42 8.04 20.53
CA ASN A 998 32.03 7.98 21.93
C ASN A 998 30.62 8.50 22.19
N ILE A 999 29.85 8.76 21.14
CA ILE A 999 28.40 8.80 21.26
C ILE A 999 27.76 7.60 20.59
N GLY A 1000 28.49 6.91 19.69
CA GLY A 1000 28.00 5.68 19.15
C GLY A 1000 28.03 4.56 20.17
N PHE A 1001 29.00 4.58 21.08
CA PHE A 1001 28.98 3.63 22.18
C PHE A 1001 27.87 3.95 23.17
N SER A 1002 27.56 5.23 23.33
CA SER A 1002 26.58 5.63 24.35
C SER A 1002 25.17 5.32 23.89
N CYS A 1003 24.87 5.51 22.61
CA CYS A 1003 23.59 5.07 22.05
C CYS A 1003 23.65 3.63 21.57
N ASN A 1004 24.72 2.91 21.92
CA ASN A 1004 24.96 1.50 21.66
C ASN A 1004 25.04 1.13 20.19
N LEU A 1005 25.04 2.12 19.28
CA LEU A 1005 25.05 1.85 17.84
C LEU A 1005 26.28 1.07 17.39
N LEU A 1006 27.46 1.55 17.74
CA LEU A 1006 28.66 0.75 17.69
C LEU A 1006 28.96 0.29 19.11
N ASN A 1007 29.30 -0.96 19.27
CA ASN A 1007 29.38 -1.55 20.60
C ASN A 1007 30.80 -2.07 20.87
N ASN A 1008 30.95 -2.72 22.01
CA ASN A 1008 32.21 -3.37 22.32
C ASN A 1008 32.38 -4.59 21.43
N GLU A 1009 33.64 -4.99 21.21
CA GLU A 1009 34.05 -5.96 20.20
C GLU A 1009 33.51 -5.59 18.82
N MET A 1010 33.85 -4.38 18.36
CA MET A 1010 33.48 -3.92 17.03
C MET A 1010 34.66 -3.19 16.43
N GLU A 1011 35.15 -3.68 15.30
CA GLU A 1011 36.29 -3.08 14.63
C GLU A 1011 35.92 -1.71 14.08
N LEU A 1012 36.60 -0.69 14.55
CA LEU A 1012 36.29 0.69 14.17
C LEU A 1012 37.33 1.08 13.13
N LEU A 1013 37.07 0.74 11.88
CA LEU A 1013 37.96 1.12 10.80
C LEU A 1013 37.61 2.55 10.39
N VAL A 1014 38.58 3.44 10.53
CA VAL A 1014 38.35 4.87 10.32
C VAL A 1014 39.11 5.30 9.08
N ILE A 1015 38.45 6.09 8.24
CA ILE A 1015 39.06 6.53 6.99
C ILE A 1015 40.11 7.61 7.27
N LYS A 1016 39.69 8.76 7.80
CA LYS A 1016 40.57 9.73 8.47
C LYS A 1016 41.66 10.27 7.54
N THR A 1017 41.25 11.10 6.58
CA THR A 1017 42.22 11.84 5.79
C THR A 1017 43.07 12.73 6.70
N THR A 1018 44.36 12.81 6.40
CA THR A 1018 45.30 13.45 7.32
C THR A 1018 45.51 14.92 7.04
N GLY A 1019 45.60 15.31 5.77
CA GLY A 1019 45.83 16.71 5.40
C GLY A 1019 44.65 17.26 4.62
N ASP A 1020 44.31 18.51 4.90
CA ASP A 1020 43.13 19.17 4.33
C ASP A 1020 43.54 20.50 3.70
N ASP A 1021 43.63 20.51 2.38
CA ASP A 1021 43.97 21.73 1.65
C ASP A 1021 43.39 21.68 0.23
N VAL A 1022 43.17 22.85 -0.34
CA VAL A 1022 42.61 22.99 -1.67
C VAL A 1022 43.73 23.04 -2.69
N LYS A 1023 43.48 22.51 -3.89
CA LYS A 1023 44.44 22.53 -4.98
C LYS A 1023 44.06 23.60 -6.00
N GLU A 1024 45.07 24.27 -6.54
CA GLU A 1024 44.85 25.20 -7.65
C GLU A 1024 45.89 25.10 -8.77
N PHE A 1025 47.09 24.58 -8.52
CA PHE A 1025 48.06 24.36 -9.59
C PHE A 1025 48.98 23.21 -9.20
N GLY A 1026 49.67 22.68 -10.20
CA GLY A 1026 50.71 21.68 -9.97
C GLY A 1026 50.15 20.30 -9.66
N SER A 1027 51.05 19.46 -9.12
CA SER A 1027 50.78 18.09 -8.67
C SER A 1027 50.25 17.19 -9.79
N GLU A 1028 50.75 17.40 -11.01
CA GLU A 1028 50.42 16.48 -12.11
C GLU A 1028 51.17 15.14 -12.16
N PRO A 1029 52.47 14.98 -11.81
CA PRO A 1029 53.04 13.63 -11.93
C PRO A 1029 52.77 12.72 -10.75
N SER A 1030 52.34 13.26 -9.61
CA SER A 1030 52.13 12.47 -8.40
C SER A 1030 50.82 12.90 -7.73
N GLU A 1031 50.42 12.13 -6.73
CA GLU A 1031 49.21 12.43 -5.96
C GLU A 1031 49.33 11.90 -4.55
N ILE A 1032 48.99 12.74 -3.57
CA ILE A 1032 49.09 12.40 -2.16
C ILE A 1032 47.73 12.48 -1.46
N VAL A 1033 47.04 13.60 -1.58
CA VAL A 1033 45.86 13.88 -0.76
C VAL A 1033 44.62 13.13 -1.25
N ASP A 1034 44.64 12.58 -2.46
CA ASP A 1034 43.56 11.71 -2.91
C ASP A 1034 44.00 10.26 -3.05
N ALA A 1035 45.29 10.01 -3.25
CA ALA A 1035 45.76 8.64 -3.39
C ALA A 1035 45.79 7.91 -2.06
N LEU A 1036 45.77 8.62 -0.94
CA LEU A 1036 45.91 7.91 0.33
C LEU A 1036 44.60 7.25 0.74
N LEU A 1037 43.46 7.92 0.55
CA LEU A 1037 42.22 7.31 1.01
C LEU A 1037 41.71 6.26 0.02
N SER A 1038 42.22 6.26 -1.21
CA SER A 1038 41.90 5.18 -2.13
C SER A 1038 42.58 3.88 -1.73
N LYS A 1039 43.79 3.97 -1.15
CA LYS A 1039 44.59 2.76 -1.01
C LYS A 1039 44.22 1.94 0.22
N TYR A 1040 43.72 2.54 1.29
CA TYR A 1040 43.32 1.67 2.40
C TYR A 1040 41.89 1.20 2.29
N LEU A 1041 41.09 1.73 1.37
CA LEU A 1041 39.87 1.03 0.98
C LEU A 1041 40.21 -0.32 0.35
N LYS A 1042 41.37 -0.41 -0.31
CA LYS A 1042 41.92 -1.72 -0.65
C LYS A 1042 42.47 -2.43 0.58
N GLU A 1043 43.14 -1.70 1.48
CA GLU A 1043 43.79 -2.36 2.62
C GLU A 1043 42.79 -2.76 3.70
N TYR A 1044 41.63 -2.11 3.76
CA TYR A 1044 40.57 -2.66 4.59
C TYR A 1044 39.79 -3.77 3.89
N PHE A 1045 40.22 -4.18 2.70
CA PHE A 1045 39.70 -5.37 2.03
C PHE A 1045 40.61 -6.58 2.24
N ASN A 1046 41.25 -6.66 3.40
CA ASN A 1046 41.69 -7.94 3.95
C ASN A 1046 40.79 -8.39 5.08
N LEU A 1047 40.11 -7.44 5.73
CA LEU A 1047 39.06 -7.76 6.69
C LEU A 1047 37.89 -8.44 5.99
N THR A 1048 37.50 -7.90 4.83
CA THR A 1048 36.57 -8.53 3.91
C THR A 1048 37.35 -8.80 2.64
N GLY A 1049 37.79 -10.05 2.46
CA GLY A 1049 38.76 -10.35 1.42
C GLY A 1049 38.22 -10.35 0.02
N SER A 1050 37.90 -9.17 -0.50
CA SER A 1050 37.34 -9.02 -1.83
C SER A 1050 37.94 -7.78 -2.48
N GLU A 1051 37.43 -7.46 -3.67
CA GLU A 1051 37.90 -6.32 -4.45
C GLU A 1051 36.71 -5.47 -4.87
N GLU A 1052 37.02 -4.43 -5.66
CA GLU A 1052 36.03 -3.40 -6.00
C GLU A 1052 35.12 -3.83 -7.16
N GLU A 1053 35.63 -4.67 -8.07
CA GLU A 1053 35.19 -4.68 -9.47
C GLU A 1053 33.73 -5.06 -9.66
N ILE A 1054 33.23 -6.01 -8.87
CA ILE A 1054 31.95 -6.63 -9.14
C ILE A 1054 30.93 -6.21 -8.09
N PHE A 1055 29.66 -6.16 -8.49
CA PHE A 1055 28.54 -6.06 -7.55
C PHE A 1055 27.88 -7.42 -7.39
N GLU A 1056 28.56 -8.28 -6.64
CA GLU A 1056 27.92 -9.49 -6.14
C GLU A 1056 27.01 -9.15 -4.96
N ALA A 1057 27.27 -8.03 -4.30
CA ALA A 1057 26.51 -7.65 -3.11
C ALA A 1057 25.13 -7.11 -3.44
N LYS A 1058 24.88 -6.75 -4.70
CA LYS A 1058 23.55 -6.25 -5.06
C LYS A 1058 22.52 -7.37 -5.01
N LYS A 1059 22.94 -8.60 -5.34
CA LYS A 1059 22.08 -9.77 -5.24
C LYS A 1059 22.30 -10.55 -3.96
N ASP A 1060 22.89 -9.93 -2.95
CA ASP A 1060 23.13 -10.56 -1.65
C ASP A 1060 22.78 -9.54 -0.58
N HIS A 1061 21.56 -9.62 -0.05
CA HIS A 1061 21.14 -8.82 1.10
C HIS A 1061 21.25 -9.69 2.33
N GLU A 1062 22.12 -9.32 3.26
CA GLU A 1062 22.42 -10.18 4.39
C GLU A 1062 23.06 -9.34 5.48
N PHE A 1063 22.67 -9.60 6.71
CA PHE A 1063 23.29 -8.93 7.84
C PHE A 1063 24.67 -9.53 8.04
N PRO A 1064 25.75 -8.75 7.92
CA PRO A 1064 27.07 -9.35 7.75
C PRO A 1064 27.69 -9.89 9.02
N LYS A 1065 28.33 -11.05 8.92
CA LYS A 1065 29.14 -11.57 10.02
C LYS A 1065 30.43 -10.78 10.08
N GLY A 1066 30.84 -10.40 11.29
CA GLY A 1066 31.96 -9.51 11.42
C GLY A 1066 31.45 -8.10 11.54
N ASN A 1067 31.87 -7.40 12.58
CA ASN A 1067 31.17 -6.18 12.99
C ASN A 1067 31.54 -4.99 12.10
N TYR A 1068 32.79 -4.52 12.20
CA TYR A 1068 33.44 -3.63 11.25
C TYR A 1068 32.69 -2.32 10.98
N ALA A 1069 32.60 -1.45 11.99
CA ALA A 1069 32.03 -0.13 11.77
C ALA A 1069 32.98 0.74 10.95
N ILE A 1070 32.40 1.75 10.30
CA ILE A 1070 33.15 2.69 9.45
C ILE A 1070 32.97 4.08 10.04
N VAL A 1071 34.07 4.81 10.17
CA VAL A 1071 34.04 6.14 10.77
C VAL A 1071 34.55 7.19 9.77
N ILE A 1072 34.12 7.12 8.51
CA ILE A 1072 34.50 8.15 7.54
C ILE A 1072 33.95 9.51 7.96
N ASP A 1073 34.67 10.57 7.63
CA ASP A 1073 34.29 11.92 8.00
C ASP A 1073 34.38 12.86 6.80
N GLY A 1074 33.62 13.95 6.89
CA GLY A 1074 33.91 15.24 6.28
C GLY A 1074 34.52 15.31 4.89
N ASP A 1075 35.77 15.81 4.84
CA ASP A 1075 36.49 15.92 3.57
C ASP A 1075 36.85 14.55 3.02
N ALA A 1076 37.03 13.55 3.88
CA ALA A 1076 37.34 12.20 3.41
C ALA A 1076 36.15 11.59 2.70
N LEU A 1077 34.94 12.03 3.03
CA LEU A 1077 33.77 11.53 2.33
C LEU A 1077 33.67 12.16 0.94
N LYS A 1078 33.95 13.47 0.84
CA LYS A 1078 33.91 14.19 -0.44
C LYS A 1078 34.85 13.58 -1.46
N LEU A 1079 36.03 13.14 -1.01
CA LEU A 1079 36.95 12.48 -1.90
C LEU A 1079 36.52 11.04 -2.16
N ALA A 1080 35.71 10.46 -1.28
CA ALA A 1080 35.27 9.08 -1.45
C ALA A 1080 34.07 8.98 -2.37
N LEU A 1081 33.32 10.06 -2.56
CA LEU A 1081 32.20 10.05 -3.49
C LEU A 1081 32.40 11.00 -4.65
N TYR A 1082 33.63 11.44 -4.91
CA TYR A 1082 33.85 12.37 -6.02
C TYR A 1082 33.76 11.66 -7.36
N GLY A 1083 34.61 10.66 -7.57
CA GLY A 1083 34.68 10.01 -8.86
C GLY A 1083 34.41 8.53 -8.74
N GLU A 1084 34.42 7.87 -9.89
CA GLU A 1084 34.21 6.44 -9.95
C GLU A 1084 35.46 5.72 -9.43
N ASP A 1085 35.31 4.42 -9.15
CA ASP A 1085 36.32 3.45 -8.69
C ASP A 1085 36.69 3.69 -7.22
N ILE A 1086 36.16 4.76 -6.62
CA ILE A 1086 36.31 4.97 -5.19
C ILE A 1086 34.91 4.91 -4.58
N ARG A 1087 33.88 5.20 -5.38
CA ARG A 1087 32.51 5.04 -4.88
C ARG A 1087 32.15 3.57 -4.76
N ARG A 1088 32.46 2.79 -5.78
CA ARG A 1088 32.18 1.36 -5.69
C ARG A 1088 33.10 0.67 -4.68
N LYS A 1089 34.28 1.24 -4.43
CA LYS A 1089 35.19 0.63 -3.47
C LYS A 1089 34.79 1.00 -2.04
N PHE A 1090 34.22 2.19 -1.86
CA PHE A 1090 33.71 2.58 -0.55
C PHE A 1090 32.42 1.85 -0.22
N LEU A 1091 31.58 1.63 -1.22
CA LEU A 1091 30.24 1.11 -0.97
C LEU A 1091 30.26 -0.39 -0.71
N LEU A 1092 31.22 -1.12 -1.28
CA LEU A 1092 31.37 -2.52 -0.90
C LEU A 1092 31.88 -2.66 0.52
N LEU A 1093 32.69 -1.71 0.99
CA LEU A 1093 33.04 -1.70 2.40
C LEU A 1093 31.84 -1.32 3.26
N CYS A 1094 30.91 -0.54 2.69
CA CYS A 1094 29.71 -0.14 3.40
C CYS A 1094 28.57 -1.14 3.31
N LYS A 1095 28.71 -2.21 2.56
CA LYS A 1095 27.72 -3.26 2.67
C LYS A 1095 28.08 -4.21 3.80
N ASN A 1096 29.36 -4.46 4.02
CA ASN A 1096 29.79 -5.45 4.99
C ASN A 1096 30.02 -4.88 6.37
N CYS A 1097 29.56 -3.65 6.60
CA CYS A 1097 29.70 -2.95 7.87
C CYS A 1097 28.41 -3.09 8.65
N ARG A 1098 28.31 -2.39 9.78
CA ARG A 1098 27.05 -2.33 10.51
C ARG A 1098 26.74 -0.92 10.96
N ALA A 1099 27.67 0.01 10.76
CA ALA A 1099 27.59 1.35 11.32
C ALA A 1099 28.56 2.25 10.58
N VAL A 1100 28.04 3.35 10.01
CA VAL A 1100 28.86 4.35 9.33
C VAL A 1100 28.48 5.73 9.89
N LEU A 1101 29.47 6.58 10.18
CA LEU A 1101 29.36 7.42 11.38
C LEU A 1101 29.24 8.94 11.20
N CYS A 1102 30.22 9.66 10.66
CA CYS A 1102 30.40 10.98 11.26
C CYS A 1102 30.76 12.07 10.26
N CYS A 1103 30.55 13.31 10.72
CA CYS A 1103 30.93 14.57 10.06
C CYS A 1103 30.32 14.71 8.67
N ARG A 1104 29.07 14.26 8.54
CA ARG A 1104 28.33 14.40 7.28
C ARG A 1104 27.64 15.76 7.24
N VAL A 1105 28.46 16.80 7.37
CA VAL A 1105 27.95 18.16 7.41
C VAL A 1105 27.61 18.55 5.99
N SER A 1106 26.93 19.71 5.83
CA SER A 1106 26.54 20.32 4.56
C SER A 1106 25.68 19.35 3.78
N PRO A 1107 24.38 19.28 4.08
CA PRO A 1107 23.52 18.08 3.84
C PRO A 1107 23.63 17.37 2.49
N SER A 1108 24.31 17.94 1.49
CA SER A 1108 24.66 17.22 0.29
C SER A 1108 25.41 15.93 0.60
N GLN A 1109 26.30 15.93 1.61
CA GLN A 1109 26.93 14.70 2.02
C GLN A 1109 25.94 13.72 2.63
N LYS A 1110 24.93 14.22 3.34
CA LYS A 1110 23.90 13.31 3.82
C LYS A 1110 22.98 12.86 2.70
N ALA A 1111 22.76 13.69 1.68
CA ALA A 1111 21.84 13.33 0.61
C ALA A 1111 22.51 12.52 -0.48
N ALA A 1112 23.81 12.70 -0.71
CA ALA A 1112 24.48 11.88 -1.71
C ALA A 1112 24.75 10.48 -1.18
N VAL A 1113 24.92 10.33 0.13
CA VAL A 1113 25.19 9.02 0.72
C VAL A 1113 23.93 8.17 0.73
N VAL A 1114 22.78 8.76 1.04
CA VAL A 1114 21.54 8.00 0.98
C VAL A 1114 21.15 7.67 -0.45
N LYS A 1115 21.68 8.39 -1.43
CA LYS A 1115 21.40 8.14 -2.84
C LYS A 1115 22.46 7.23 -3.45
N LEU A 1116 23.64 7.16 -2.83
CA LEU A 1116 24.66 6.22 -3.28
C LEU A 1116 24.28 4.80 -2.92
N VAL A 1117 23.64 4.60 -1.77
CA VAL A 1117 23.25 3.26 -1.35
C VAL A 1117 21.92 2.86 -1.99
N LYS A 1118 21.01 3.81 -2.19
CA LYS A 1118 19.70 3.53 -2.77
C LYS A 1118 19.80 3.15 -4.23
N ASP A 1119 20.70 3.77 -4.98
CA ASP A 1119 20.72 3.55 -6.42
C ASP A 1119 21.67 2.43 -6.80
N SER A 1120 22.88 2.44 -6.26
CA SER A 1120 23.87 1.46 -6.64
C SER A 1120 23.66 0.09 -5.99
N LEU A 1121 22.76 0.02 -5.01
CA LEU A 1121 22.25 -1.24 -4.48
C LEU A 1121 20.73 -1.12 -4.47
N ASP A 1122 20.04 -2.07 -5.09
CA ASP A 1122 18.58 -1.98 -5.11
C ASP A 1122 18.04 -2.34 -3.74
N VAL A 1123 18.01 -1.35 -2.84
CA VAL A 1123 17.81 -1.60 -1.41
C VAL A 1123 17.00 -0.44 -0.84
N MET A 1124 16.30 -0.73 0.27
CA MET A 1124 15.42 0.24 0.93
C MET A 1124 16.19 1.03 1.99
N THR A 1125 16.05 2.35 1.93
CA THR A 1125 16.74 3.28 2.82
C THR A 1125 15.71 4.10 3.59
N LEU A 1126 16.06 4.52 4.80
CA LEU A 1126 15.07 5.15 5.65
C LEU A 1126 15.37 6.61 6.01
N ALA A 1127 16.54 6.92 6.57
CA ALA A 1127 17.00 8.28 6.81
C ALA A 1127 16.05 9.13 7.65
N ILE A 1128 15.91 8.73 8.91
CA ILE A 1128 15.13 9.50 9.88
C ILE A 1128 15.92 10.75 10.27
N GLY A 1129 15.22 11.85 10.53
CA GLY A 1129 15.93 13.06 10.88
C GLY A 1129 14.99 14.13 11.40
N ASP A 1130 15.56 15.30 11.65
CA ASP A 1130 14.77 16.49 11.93
C ASP A 1130 15.54 17.74 11.53
N GLY A 1131 14.81 18.83 11.37
CA GLY A 1131 15.41 20.09 11.01
C GLY A 1131 15.58 20.25 9.52
N SER A 1132 15.88 21.48 9.12
CA SER A 1132 15.98 21.82 7.70
C SER A 1132 17.24 21.24 7.04
N ASN A 1133 18.16 20.67 7.82
CA ASN A 1133 19.34 20.05 7.20
C ASN A 1133 19.06 18.62 6.77
N ASP A 1134 17.83 18.15 6.88
CA ASP A 1134 17.50 16.79 6.49
C ASP A 1134 16.44 16.72 5.40
N VAL A 1135 15.96 17.87 4.90
CA VAL A 1135 14.95 17.85 3.85
C VAL A 1135 15.52 17.38 2.52
N ALA A 1136 16.85 17.33 2.40
CA ALA A 1136 17.47 16.63 1.29
C ALA A 1136 17.72 15.17 1.62
N MET A 1137 18.02 14.85 2.89
CA MET A 1137 18.29 13.47 3.27
C MET A 1137 17.01 12.64 3.31
N ILE A 1138 15.94 13.21 3.84
CA ILE A 1138 14.68 12.50 3.99
C ILE A 1138 14.02 12.26 2.64
N GLN A 1139 13.97 13.31 1.81
CA GLN A 1139 13.31 13.21 0.52
C GLN A 1139 14.05 12.30 -0.45
N SER A 1140 15.37 12.18 -0.29
CA SER A 1140 16.13 11.36 -1.23
C SER A 1140 16.02 9.87 -0.88
N ALA A 1141 15.78 9.56 0.39
CA ALA A 1141 15.69 8.15 0.78
C ALA A 1141 14.38 7.54 0.32
N ASP A 1142 14.31 6.22 0.44
CA ASP A 1142 13.09 5.51 0.09
C ASP A 1142 11.99 5.78 1.10
N VAL A 1143 12.14 5.34 2.32
CA VAL A 1143 11.21 5.75 3.36
C VAL A 1143 11.71 7.09 3.90
N GLY A 1144 10.85 7.83 4.57
CA GLY A 1144 11.16 9.22 4.88
C GLY A 1144 10.86 9.72 6.27
N ILE A 1145 11.21 9.00 7.34
CA ILE A 1145 10.77 9.36 8.69
C ILE A 1145 11.32 10.72 9.09
N GLY A 1146 10.51 11.51 9.80
CA GLY A 1146 10.96 12.75 10.38
C GLY A 1146 10.61 12.80 11.85
N ILE A 1147 11.27 13.71 12.56
CA ILE A 1147 11.10 13.84 14.01
C ILE A 1147 10.45 15.19 14.30
N ALA A 1148 9.33 15.16 14.99
CA ALA A 1148 8.67 16.39 15.41
C ALA A 1148 9.33 16.92 16.68
N GLY A 1149 9.85 18.13 16.61
CA GLY A 1149 10.40 18.80 17.77
C GLY A 1149 9.37 19.66 18.46
N GLU A 1150 9.86 20.68 19.17
CA GLU A 1150 8.98 21.60 19.90
C GLU A 1150 8.14 22.43 18.95
N GLU A 1151 8.69 22.78 17.79
CA GLU A 1151 7.97 23.52 16.76
C GLU A 1151 7.93 22.71 15.47
N GLY A 1152 6.98 23.05 14.60
CA GLY A 1152 6.81 22.33 13.36
C GLY A 1152 7.87 22.67 12.33
N ARG A 1153 8.79 21.75 12.08
CA ARG A 1153 9.97 22.06 11.29
C ARG A 1153 9.84 21.51 9.87
N GLN A 1154 10.86 21.82 9.05
CA GLN A 1154 10.79 21.53 7.62
C GLN A 1154 10.95 20.06 7.34
N ALA A 1155 11.53 19.29 8.27
CA ALA A 1155 11.75 17.89 8.02
C ALA A 1155 10.46 17.10 8.16
N VAL A 1156 9.59 17.51 9.10
CA VAL A 1156 8.32 16.83 9.32
C VAL A 1156 7.39 17.01 8.13
N MET A 1157 7.34 18.21 7.57
CA MET A 1157 6.42 18.45 6.47
C MET A 1157 6.91 17.84 5.16
N CYS A 1158 8.22 17.62 5.04
CA CYS A 1158 8.79 16.93 3.89
C CYS A 1158 9.03 15.45 4.16
N SER A 1159 8.35 14.86 5.14
CA SER A 1159 8.64 13.51 5.56
C SER A 1159 7.62 12.54 4.96
N ASP A 1160 7.77 11.26 5.31
CA ASP A 1160 6.78 10.25 5.02
C ASP A 1160 6.05 9.77 6.26
N TYR A 1161 6.73 9.74 7.41
CA TYR A 1161 6.10 9.57 8.70
C TYR A 1161 6.71 10.60 9.63
N ALA A 1162 6.05 10.82 10.77
CA ALA A 1162 6.53 11.85 11.67
C ALA A 1162 6.24 11.40 13.10
N ILE A 1163 7.30 11.09 13.83
CA ILE A 1163 7.20 10.61 15.20
C ILE A 1163 7.78 11.66 16.13
N GLY A 1164 7.34 11.63 17.38
CA GLY A 1164 7.74 12.64 18.33
C GLY A 1164 9.19 12.49 18.77
N GLN A 1165 9.71 11.27 18.78
CA GLN A 1165 11.08 11.00 19.18
C GLN A 1165 11.65 9.91 18.27
N PHE A 1166 12.97 9.72 18.35
CA PHE A 1166 13.60 8.56 17.71
C PHE A 1166 13.17 7.26 18.36
N ARG A 1167 12.70 7.33 19.60
CA ARG A 1167 12.26 6.17 20.36
C ARG A 1167 11.15 5.40 19.65
N TYR A 1168 10.32 6.08 18.85
CA TYR A 1168 9.18 5.44 18.22
C TYR A 1168 9.53 4.77 16.90
N LEU A 1169 10.76 4.93 16.40
CA LEU A 1169 11.13 4.31 15.14
C LEU A 1169 11.19 2.80 15.27
N ALA A 1170 11.47 2.29 16.46
CA ALA A 1170 11.50 0.86 16.67
C ALA A 1170 10.12 0.24 16.51
N ARG A 1171 9.11 0.85 17.12
CA ARG A 1171 7.77 0.31 16.94
C ARG A 1171 7.22 0.60 15.55
N LEU A 1172 7.63 1.71 14.95
CA LEU A 1172 7.14 2.03 13.61
C LEU A 1172 7.73 1.08 12.56
N VAL A 1173 8.98 0.68 12.74
CA VAL A 1173 9.62 -0.19 11.76
C VAL A 1173 9.37 -1.66 12.10
N LEU A 1174 9.61 -2.06 13.35
CA LEU A 1174 9.57 -3.47 13.68
C LEU A 1174 8.16 -3.99 13.91
N VAL A 1175 7.21 -3.14 14.27
CA VAL A 1175 5.86 -3.64 14.47
C VAL A 1175 5.01 -3.26 13.27
N HIS A 1176 4.84 -1.97 13.02
CA HIS A 1176 3.91 -1.52 12.00
C HIS A 1176 4.41 -1.78 10.59
N GLY A 1177 5.72 -1.73 10.39
CA GLY A 1177 6.22 -1.96 9.06
C GLY A 1177 6.31 -3.42 8.75
N ARG A 1178 6.84 -4.19 9.70
CA ARG A 1178 7.07 -5.61 9.50
C ARG A 1178 5.76 -6.36 9.35
N TRP A 1179 4.70 -5.89 10.02
CA TRP A 1179 3.36 -6.39 9.75
C TRP A 1179 2.93 -6.04 8.34
N SER A 1180 2.95 -4.75 8.01
CA SER A 1180 2.42 -4.27 6.74
C SER A 1180 3.20 -4.76 5.54
N TYR A 1181 4.45 -5.19 5.72
CA TYR A 1181 5.13 -5.94 4.69
C TYR A 1181 4.49 -7.31 4.51
N LYS A 1182 4.46 -8.11 5.57
CA LYS A 1182 3.97 -9.48 5.47
C LYS A 1182 2.47 -9.55 5.24
N ARG A 1183 1.73 -8.52 5.63
CA ARG A 1183 0.32 -8.42 5.26
C ARG A 1183 0.16 -8.26 3.77
N LEU A 1184 0.91 -7.36 3.17
CA LEU A 1184 0.73 -7.08 1.76
C LEU A 1184 1.45 -8.10 0.89
N ALA A 1185 2.58 -8.65 1.37
CA ALA A 1185 3.25 -9.71 0.65
C ALA A 1185 2.49 -11.03 0.70
N GLU A 1186 1.50 -11.15 1.59
CA GLU A 1186 0.60 -12.28 1.52
C GLU A 1186 -0.64 -11.95 0.71
N MET A 1187 -1.14 -10.71 0.82
CA MET A 1187 -2.41 -10.31 0.21
C MET A 1187 -2.37 -10.41 -1.29
N ILE A 1188 -1.31 -9.91 -1.91
CA ILE A 1188 -1.20 -9.83 -3.36
C ILE A 1188 -1.11 -11.21 -4.02
N PRO A 1189 -0.34 -12.19 -3.53
CA PRO A 1189 -0.49 -13.54 -4.09
C PRO A 1189 -1.84 -14.18 -3.81
N GLU A 1190 -2.54 -13.74 -2.76
CA GLU A 1190 -3.91 -14.21 -2.55
C GLU A 1190 -4.89 -13.56 -3.50
N PHE A 1191 -4.59 -12.36 -4.00
CA PHE A 1191 -5.54 -11.71 -4.90
C PHE A 1191 -5.45 -12.28 -6.30
N PHE A 1192 -4.27 -12.67 -6.73
CA PHE A 1192 -4.20 -13.29 -8.05
C PHE A 1192 -4.64 -14.74 -7.96
N TYR A 1193 -4.55 -15.32 -6.78
CA TYR A 1193 -5.14 -16.63 -6.52
C TYR A 1193 -6.66 -16.60 -6.70
N LYS A 1194 -7.34 -15.62 -6.09
CA LYS A 1194 -8.79 -15.64 -6.06
C LYS A 1194 -9.40 -15.40 -7.43
N ASN A 1195 -8.72 -14.66 -8.30
CA ASN A 1195 -9.20 -14.55 -9.67
C ASN A 1195 -8.83 -15.77 -10.48
N MET A 1196 -7.82 -16.53 -10.04
CA MET A 1196 -7.36 -17.65 -10.83
C MET A 1196 -8.29 -18.84 -10.68
N ILE A 1197 -8.78 -19.07 -9.46
CA ILE A 1197 -9.64 -20.21 -9.19
C ILE A 1197 -10.99 -20.04 -9.87
N PHE A 1198 -11.45 -18.81 -10.02
CA PHE A 1198 -12.79 -18.56 -10.51
C PHE A 1198 -12.83 -18.36 -12.01
N ALA A 1199 -11.94 -17.54 -12.54
CA ALA A 1199 -12.00 -17.16 -13.94
C ALA A 1199 -11.38 -18.19 -14.86
N LEU A 1200 -10.73 -19.20 -14.32
CA LEU A 1200 -10.28 -20.31 -15.16
C LEU A 1200 -11.23 -21.49 -15.10
N ALA A 1201 -12.11 -21.56 -14.12
CA ALA A 1201 -13.10 -22.62 -14.12
C ALA A 1201 -14.25 -22.35 -15.08
N LEU A 1202 -14.27 -21.19 -15.74
CA LEU A 1202 -15.07 -21.04 -16.93
C LEU A 1202 -14.20 -20.96 -18.18
N PHE A 1203 -12.89 -21.10 -18.01
CA PHE A 1203 -12.06 -21.56 -19.12
C PHE A 1203 -12.13 -23.07 -19.27
N TRP A 1204 -12.19 -23.81 -18.17
CA TRP A 1204 -12.26 -25.26 -18.30
C TRP A 1204 -13.63 -25.71 -18.77
N TYR A 1205 -14.65 -24.85 -18.65
CA TYR A 1205 -15.92 -25.12 -19.31
C TYR A 1205 -15.82 -24.90 -20.80
N GLY A 1206 -14.82 -24.15 -21.26
CA GLY A 1206 -14.65 -23.92 -22.69
C GLY A 1206 -14.36 -25.19 -23.47
N ILE A 1207 -13.80 -26.20 -22.80
CA ILE A 1207 -13.60 -27.51 -23.43
C ILE A 1207 -14.94 -28.14 -23.78
N TYR A 1208 -15.98 -27.83 -23.02
CA TYR A 1208 -17.23 -28.55 -23.08
C TYR A 1208 -18.33 -27.79 -23.80
N ASN A 1209 -18.13 -26.50 -24.08
CA ASN A 1209 -18.98 -25.83 -25.05
C ASN A 1209 -18.23 -25.48 -26.32
N ASP A 1210 -17.12 -26.17 -26.58
CA ASP A 1210 -16.27 -26.00 -27.76
C ASP A 1210 -15.74 -24.58 -27.87
N PHE A 1211 -15.50 -23.97 -26.71
CA PHE A 1211 -15.00 -22.61 -26.54
C PHE A 1211 -15.88 -21.57 -27.21
N ASP A 1212 -17.19 -21.82 -27.28
CA ASP A 1212 -18.06 -20.83 -27.87
C ASP A 1212 -18.40 -19.72 -26.90
N GLY A 1213 -17.99 -19.83 -25.65
CA GLY A 1213 -18.12 -18.73 -24.72
C GLY A 1213 -19.52 -18.51 -24.21
N SER A 1214 -20.24 -19.60 -23.93
CA SER A 1214 -21.50 -19.51 -23.22
C SER A 1214 -21.19 -19.52 -21.73
N TYR A 1215 -21.76 -18.57 -21.01
CA TYR A 1215 -21.36 -18.28 -19.65
C TYR A 1215 -21.80 -19.39 -18.69
N LEU A 1216 -20.88 -19.80 -17.84
CA LEU A 1216 -21.18 -20.75 -16.80
C LEU A 1216 -21.78 -20.11 -15.55
N TYR A 1217 -21.58 -18.81 -15.31
CA TYR A 1217 -21.78 -18.26 -13.97
C TYR A 1217 -22.91 -17.26 -13.81
N GLU A 1218 -23.90 -17.24 -14.70
CA GLU A 1218 -25.17 -16.52 -14.57
C GLU A 1218 -25.07 -15.00 -14.68
N TYR A 1219 -23.86 -14.46 -14.60
CA TYR A 1219 -23.58 -13.04 -14.42
C TYR A 1219 -24.51 -12.39 -13.40
N THR A 1220 -24.45 -12.91 -12.18
CA THR A 1220 -24.39 -12.11 -10.97
C THR A 1220 -23.32 -12.68 -10.04
N TYR A 1221 -22.73 -13.80 -10.41
CA TYR A 1221 -21.59 -14.37 -9.74
C TYR A 1221 -20.30 -13.88 -10.33
N MET A 1222 -20.36 -13.28 -11.51
CA MET A 1222 -19.19 -12.63 -12.06
C MET A 1222 -19.20 -11.16 -11.68
N MET A 1223 -20.39 -10.60 -11.47
CA MET A 1223 -20.51 -9.29 -10.85
C MET A 1223 -19.97 -9.28 -9.44
N PHE A 1224 -20.61 -10.04 -8.55
CA PHE A 1224 -20.34 -9.96 -7.12
C PHE A 1224 -19.17 -10.82 -6.67
N TYR A 1225 -18.37 -11.38 -7.56
CA TYR A 1225 -17.24 -12.17 -7.10
C TYR A 1225 -16.16 -11.27 -6.53
N ASN A 1226 -15.71 -10.29 -7.31
CA ASN A 1226 -14.64 -9.42 -6.86
C ASN A 1226 -15.15 -8.32 -5.95
N LEU A 1227 -16.45 -8.26 -5.69
CA LEU A 1227 -17.05 -7.21 -4.88
C LEU A 1227 -17.51 -7.72 -3.51
N ALA A 1228 -18.32 -8.75 -3.50
CA ALA A 1228 -18.95 -9.15 -2.24
C ALA A 1228 -18.58 -10.57 -1.83
N PHE A 1229 -18.42 -11.47 -2.80
CA PHE A 1229 -18.29 -12.88 -2.47
C PHE A 1229 -16.94 -13.19 -1.87
N THR A 1230 -15.87 -12.59 -2.39
CA THR A 1230 -14.56 -12.87 -1.83
C THR A 1230 -13.65 -11.65 -1.80
N SER A 1231 -14.18 -10.43 -1.81
CA SER A 1231 -13.32 -9.26 -1.75
C SER A 1231 -12.86 -8.99 -0.32
N LEU A 1232 -13.80 -9.04 0.63
CA LEU A 1232 -13.48 -8.68 2.01
C LEU A 1232 -12.49 -9.58 2.76
N PRO A 1233 -12.35 -10.90 2.53
CA PRO A 1233 -11.29 -11.62 3.27
C PRO A 1233 -9.89 -11.22 2.88
N VAL A 1234 -9.69 -10.87 1.61
CA VAL A 1234 -8.36 -10.49 1.17
C VAL A 1234 -8.04 -9.09 1.64
N ILE A 1235 -9.06 -8.25 1.80
CA ILE A 1235 -8.89 -6.92 2.39
C ILE A 1235 -8.48 -7.05 3.85
N PHE A 1236 -9.16 -7.91 4.59
CA PHE A 1236 -8.93 -8.02 6.02
C PHE A 1236 -7.72 -8.87 6.36
N LEU A 1237 -7.23 -9.68 5.43
CA LEU A 1237 -5.89 -10.22 5.55
C LEU A 1237 -4.85 -9.12 5.38
N GLY A 1238 -5.15 -8.13 4.55
CA GLY A 1238 -4.18 -7.05 4.36
C GLY A 1238 -4.16 -6.05 5.48
N ILE A 1239 -5.29 -5.88 6.17
CA ILE A 1239 -5.40 -4.85 7.19
C ILE A 1239 -5.06 -5.39 8.57
N LEU A 1240 -5.56 -6.57 8.93
CA LEU A 1240 -5.60 -7.00 10.32
C LEU A 1240 -4.92 -8.35 10.49
N ASP A 1241 -3.77 -8.56 9.86
CA ASP A 1241 -3.00 -9.78 10.04
C ASP A 1241 -1.72 -9.45 10.79
N GLN A 1242 -1.45 -10.18 11.86
CA GLN A 1242 -0.23 -10.01 12.62
C GLN A 1242 0.39 -11.39 12.77
N ASP A 1243 1.61 -11.54 12.25
CA ASP A 1243 2.31 -12.80 12.38
C ASP A 1243 2.62 -13.14 13.82
N VAL A 1244 3.15 -12.19 14.58
CA VAL A 1244 3.24 -12.30 16.04
C VAL A 1244 2.63 -11.03 16.61
N ASN A 1245 2.61 -10.92 17.92
CA ASN A 1245 2.01 -9.78 18.60
C ASN A 1245 2.88 -8.54 18.42
N ASP A 1246 2.37 -7.39 18.88
CA ASP A 1246 3.21 -6.20 18.86
C ASP A 1246 4.32 -6.25 19.90
N THR A 1247 4.14 -7.02 20.96
CA THR A 1247 5.19 -7.18 21.95
C THR A 1247 6.30 -8.08 21.41
N ILE A 1248 5.93 -9.22 20.82
CA ILE A 1248 6.89 -10.21 20.36
C ILE A 1248 7.65 -9.69 19.15
N SER A 1249 7.04 -8.77 18.40
CA SER A 1249 7.72 -8.07 17.33
C SER A 1249 8.91 -7.27 17.83
N LEU A 1250 8.86 -6.81 19.08
CA LEU A 1250 9.96 -6.08 19.68
C LEU A 1250 10.83 -6.99 20.54
N VAL A 1251 10.29 -8.07 21.08
CA VAL A 1251 11.12 -9.00 21.85
C VAL A 1251 12.04 -9.77 20.93
N VAL A 1252 11.52 -10.25 19.80
CA VAL A 1252 12.33 -10.88 18.78
C VAL A 1252 12.33 -9.96 17.56
N PRO A 1253 13.28 -9.03 17.45
CA PRO A 1253 13.29 -8.17 16.26
C PRO A 1253 14.02 -8.77 15.08
N GLN A 1254 14.59 -9.97 15.22
CA GLN A 1254 15.22 -10.62 14.08
C GLN A 1254 14.21 -11.16 13.09
N LEU A 1255 12.92 -11.17 13.48
CA LEU A 1255 11.81 -11.42 12.57
C LEU A 1255 11.77 -10.45 11.40
N TYR A 1256 12.31 -9.24 11.58
CA TYR A 1256 12.34 -8.22 10.55
C TYR A 1256 13.18 -8.62 9.34
N ARG A 1257 14.12 -9.56 9.50
CA ARG A 1257 15.06 -9.89 8.44
C ARG A 1257 14.40 -10.53 7.23
N VAL A 1258 13.17 -11.02 7.36
CA VAL A 1258 12.47 -11.54 6.20
C VAL A 1258 12.09 -10.45 5.20
N GLY A 1259 12.05 -9.20 5.63
CA GLY A 1259 11.84 -8.12 4.69
C GLY A 1259 13.16 -7.65 4.11
N ILE A 1260 14.20 -7.70 4.94
CA ILE A 1260 15.54 -7.37 4.48
C ILE A 1260 16.00 -8.37 3.44
N LEU A 1261 15.78 -9.65 3.69
CA LEU A 1261 16.10 -10.71 2.75
C LEU A 1261 15.19 -10.72 1.53
N ARG A 1262 14.10 -9.95 1.56
CA ARG A 1262 13.02 -9.98 0.56
C ARG A 1262 12.52 -11.41 0.37
N LYS A 1263 12.23 -12.06 1.48
CA LYS A 1263 11.97 -13.49 1.46
C LYS A 1263 10.49 -13.79 1.40
N GLU A 1264 9.64 -12.79 1.56
CA GLU A 1264 8.20 -12.99 1.47
C GLU A 1264 7.65 -12.61 0.11
N TRP A 1265 7.84 -11.38 -0.36
CA TRP A 1265 7.34 -10.99 -1.67
C TRP A 1265 8.42 -11.17 -2.73
N ASN A 1266 8.14 -12.06 -3.67
CA ASN A 1266 8.92 -12.22 -4.88
C ASN A 1266 8.00 -12.78 -5.95
N GLN A 1267 8.45 -12.72 -7.20
CA GLN A 1267 7.62 -13.24 -8.27
C GLN A 1267 7.61 -14.76 -8.32
N ARG A 1268 8.53 -15.44 -7.64
CA ARG A 1268 8.43 -16.88 -7.47
C ARG A 1268 7.16 -17.26 -6.73
N LYS A 1269 6.89 -16.61 -5.59
CA LYS A 1269 5.68 -16.87 -4.81
C LYS A 1269 4.44 -16.58 -5.60
N PHE A 1270 4.47 -15.52 -6.39
CA PHE A 1270 3.32 -15.14 -7.22
C PHE A 1270 3.00 -16.21 -8.26
N LEU A 1271 4.02 -16.81 -8.86
CA LEU A 1271 3.78 -17.89 -9.81
C LEU A 1271 3.26 -19.14 -9.12
N TRP A 1272 3.70 -19.40 -7.88
CA TRP A 1272 3.17 -20.54 -7.16
C TRP A 1272 1.77 -20.31 -6.63
N TYR A 1273 1.33 -19.05 -6.56
CA TYR A 1273 -0.06 -18.79 -6.19
C TYR A 1273 -0.97 -18.72 -7.40
N MET A 1274 -0.43 -18.42 -8.58
CA MET A 1274 -1.20 -18.64 -9.79
C MET A 1274 -1.36 -20.13 -10.06
N LEU A 1275 -0.28 -20.88 -9.94
CA LEU A 1275 -0.30 -22.31 -10.23
C LEU A 1275 -1.11 -23.08 -9.20
N ASP A 1276 -1.14 -22.62 -7.95
CA ASP A 1276 -2.07 -23.21 -7.00
C ASP A 1276 -3.50 -22.81 -7.34
N GLY A 1277 -3.70 -21.57 -7.80
CA GLY A 1277 -5.02 -21.17 -8.23
C GLY A 1277 -5.46 -21.89 -9.49
N LEU A 1278 -4.53 -22.14 -10.40
CA LEU A 1278 -4.84 -22.92 -11.60
C LEU A 1278 -5.12 -24.37 -11.26
N TYR A 1279 -4.47 -24.91 -10.24
CA TYR A 1279 -4.81 -26.25 -9.77
C TYR A 1279 -6.21 -26.28 -9.19
N GLN A 1280 -6.54 -25.33 -8.33
CA GLN A 1280 -7.84 -25.33 -7.69
C GLN A 1280 -8.95 -24.95 -8.64
N SER A 1281 -8.62 -24.32 -9.77
CA SER A 1281 -9.60 -24.13 -10.82
C SER A 1281 -9.99 -25.45 -11.47
N ILE A 1282 -9.02 -26.35 -11.66
CA ILE A 1282 -9.28 -27.70 -12.13
C ILE A 1282 -10.15 -28.45 -11.13
N ILE A 1283 -9.91 -28.23 -9.85
CA ILE A 1283 -10.71 -28.93 -8.86
C ILE A 1283 -12.11 -28.32 -8.77
N CYS A 1284 -12.21 -27.00 -8.80
CA CYS A 1284 -13.52 -26.41 -8.61
C CYS A 1284 -14.37 -26.44 -9.87
N PHE A 1285 -13.86 -26.93 -11.00
CA PHE A 1285 -14.72 -27.21 -12.15
C PHE A 1285 -14.94 -28.69 -12.36
N PHE A 1286 -13.89 -29.50 -12.38
CA PHE A 1286 -14.05 -30.89 -12.77
C PHE A 1286 -14.65 -31.74 -11.68
N PHE A 1287 -14.72 -31.25 -10.48
CA PHE A 1287 -15.44 -31.96 -9.44
C PHE A 1287 -16.93 -31.69 -9.55
N PRO A 1288 -17.40 -30.48 -9.87
CA PRO A 1288 -18.79 -30.39 -10.36
C PRO A 1288 -19.02 -31.09 -11.68
N TYR A 1289 -18.04 -31.09 -12.58
CA TYR A 1289 -18.22 -31.74 -13.88
C TYR A 1289 -18.36 -33.24 -13.73
N LEU A 1290 -17.48 -33.86 -12.97
CA LEU A 1290 -17.56 -35.31 -12.87
C LEU A 1290 -18.67 -35.81 -11.94
N VAL A 1291 -19.46 -34.95 -11.30
CA VAL A 1291 -20.71 -35.46 -10.75
C VAL A 1291 -21.83 -35.36 -11.77
N TYR A 1292 -21.65 -34.57 -12.83
CA TYR A 1292 -22.59 -34.50 -13.94
C TYR A 1292 -22.24 -35.39 -15.11
N HIS A 1293 -20.97 -35.74 -15.29
CA HIS A 1293 -20.49 -36.24 -16.58
C HIS A 1293 -21.05 -37.59 -16.93
N LYS A 1294 -21.47 -38.37 -15.93
CA LYS A 1294 -21.86 -39.74 -16.21
C LYS A 1294 -23.28 -39.79 -16.74
N ASN A 1295 -24.22 -39.18 -16.04
CA ASN A 1295 -25.60 -39.23 -16.48
C ASN A 1295 -26.41 -37.96 -16.24
N MET A 1296 -25.80 -36.86 -15.80
CA MET A 1296 -26.39 -35.51 -15.75
C MET A 1296 -27.60 -35.41 -14.82
N ILE A 1297 -27.80 -36.39 -13.96
CA ILE A 1297 -28.86 -36.39 -12.97
C ILE A 1297 -28.17 -36.28 -11.62
N VAL A 1298 -28.25 -35.10 -11.01
CA VAL A 1298 -27.61 -34.86 -9.72
C VAL A 1298 -28.61 -34.59 -8.62
N THR A 1299 -29.89 -34.48 -8.93
CA THR A 1299 -30.89 -34.18 -7.93
C THR A 1299 -31.34 -35.43 -7.19
N SER A 1300 -31.84 -35.22 -5.98
CA SER A 1300 -32.44 -36.32 -5.24
C SER A 1300 -33.76 -36.75 -5.84
N ASN A 1301 -34.45 -35.85 -6.54
CA ASN A 1301 -35.78 -36.14 -7.09
C ASN A 1301 -35.77 -36.20 -8.61
N GLY A 1302 -34.60 -36.36 -9.22
CA GLY A 1302 -34.47 -36.65 -10.63
C GLY A 1302 -34.94 -35.57 -11.59
N LEU A 1303 -35.17 -34.35 -11.12
CA LEU A 1303 -35.88 -33.36 -11.91
C LEU A 1303 -34.99 -32.54 -12.83
N GLY A 1304 -33.67 -32.52 -12.61
CA GLY A 1304 -32.80 -31.89 -13.57
C GLY A 1304 -32.20 -30.55 -13.19
N LEU A 1305 -30.92 -30.56 -12.83
CA LEU A 1305 -30.12 -29.35 -12.66
C LEU A 1305 -29.10 -29.20 -13.79
N ASP A 1306 -29.45 -29.65 -14.98
CA ASP A 1306 -28.45 -29.73 -16.03
C ASP A 1306 -28.12 -28.38 -16.65
N HIS A 1307 -28.77 -27.31 -16.23
CA HIS A 1307 -28.51 -25.99 -16.78
C HIS A 1307 -27.12 -25.53 -16.35
N ARG A 1308 -26.47 -24.73 -17.20
CA ARG A 1308 -25.08 -24.39 -16.97
C ARG A 1308 -24.94 -23.38 -15.84
N TYR A 1309 -25.99 -22.61 -15.54
CA TYR A 1309 -25.95 -21.73 -14.39
C TYR A 1309 -26.03 -22.52 -13.11
N PHE A 1310 -26.73 -23.64 -13.13
CA PHE A 1310 -26.83 -24.47 -11.93
C PHE A 1310 -25.55 -25.23 -11.67
N VAL A 1311 -24.85 -25.65 -12.73
CA VAL A 1311 -23.48 -26.14 -12.60
C VAL A 1311 -22.55 -24.99 -12.21
N GLY A 1312 -22.89 -23.76 -12.58
CA GLY A 1312 -22.10 -22.63 -12.15
C GLY A 1312 -22.17 -22.36 -10.67
N VAL A 1313 -23.28 -22.70 -10.03
CA VAL A 1313 -23.40 -22.57 -8.58
C VAL A 1313 -22.58 -23.62 -7.87
N TYR A 1314 -22.59 -24.85 -8.39
CA TYR A 1314 -21.61 -25.88 -8.00
C TYR A 1314 -20.19 -25.36 -8.07
N VAL A 1315 -19.83 -24.72 -9.17
CA VAL A 1315 -18.46 -24.27 -9.38
C VAL A 1315 -18.16 -23.04 -8.53
N THR A 1316 -19.12 -22.11 -8.40
CA THR A 1316 -18.87 -20.87 -7.67
C THR A 1316 -18.71 -21.12 -6.19
N THR A 1317 -19.64 -21.87 -5.60
CA THR A 1317 -19.66 -22.06 -4.15
C THR A 1317 -18.46 -22.87 -3.67
N ILE A 1318 -17.98 -23.80 -4.48
CA ILE A 1318 -16.70 -24.41 -4.19
C ILE A 1318 -15.59 -23.37 -4.31
N ALA A 1319 -15.66 -22.53 -5.32
CA ALA A 1319 -14.55 -21.62 -5.55
C ALA A 1319 -14.60 -20.39 -4.65
N VAL A 1320 -15.75 -20.10 -4.04
CA VAL A 1320 -15.79 -19.00 -3.09
C VAL A 1320 -15.31 -19.44 -1.72
N ILE A 1321 -15.84 -20.56 -1.22
CA ILE A 1321 -15.48 -21.04 0.11
C ILE A 1321 -14.04 -21.54 0.15
N SER A 1322 -13.58 -22.20 -0.92
CA SER A 1322 -12.19 -22.61 -0.93
C SER A 1322 -11.24 -21.46 -1.20
N CYS A 1323 -11.74 -20.35 -1.74
CA CYS A 1323 -10.94 -19.13 -1.77
C CYS A 1323 -10.84 -18.51 -0.39
N ASN A 1324 -11.96 -18.37 0.30
CA ASN A 1324 -11.93 -17.62 1.55
C ASN A 1324 -11.33 -18.45 2.67
N THR A 1325 -11.41 -19.77 2.58
CA THR A 1325 -10.70 -20.58 3.55
C THR A 1325 -9.21 -20.62 3.22
N TYR A 1326 -8.86 -20.43 1.96
CA TYR A 1326 -7.46 -20.30 1.60
C TYR A 1326 -6.88 -19.01 2.15
N VAL A 1327 -7.69 -17.96 2.22
CA VAL A 1327 -7.28 -16.73 2.88
C VAL A 1327 -7.22 -16.93 4.39
N LEU A 1328 -8.18 -17.66 4.95
CA LEU A 1328 -8.20 -17.92 6.38
C LEU A 1328 -7.04 -18.81 6.81
N LEU A 1329 -6.67 -19.78 5.98
CA LEU A 1329 -5.56 -20.66 6.31
C LEU A 1329 -4.21 -20.02 6.10
N HIS A 1330 -4.17 -18.82 5.51
CA HIS A 1330 -2.92 -18.12 5.27
C HIS A 1330 -2.78 -16.88 6.10
N GLN A 1331 -3.78 -16.56 6.92
CA GLN A 1331 -3.63 -15.45 7.84
C GLN A 1331 -3.18 -16.01 9.18
N TYR A 1332 -2.28 -15.30 9.82
CA TYR A 1332 -1.98 -15.53 11.21
C TYR A 1332 -3.04 -14.81 12.03
N ARG A 1333 -3.27 -15.27 13.26
CA ARG A 1333 -4.26 -14.74 14.19
C ARG A 1333 -5.67 -14.62 13.61
N TRP A 1334 -6.40 -15.73 13.62
CA TRP A 1334 -7.79 -15.69 13.20
C TRP A 1334 -8.53 -14.86 14.23
N ASP A 1335 -8.64 -13.57 13.98
CA ASP A 1335 -9.38 -12.71 14.88
C ASP A 1335 -10.87 -12.82 14.60
N TRP A 1336 -11.67 -12.27 15.53
CA TRP A 1336 -13.11 -12.36 15.35
C TRP A 1336 -13.59 -11.50 14.22
N PHE A 1337 -12.89 -10.40 13.92
CA PHE A 1337 -13.41 -9.45 12.96
C PHE A 1337 -13.18 -9.93 11.54
N SER A 1338 -11.96 -10.37 11.22
CA SER A 1338 -11.76 -10.96 9.91
C SER A 1338 -12.36 -12.36 9.84
N GLY A 1339 -12.47 -13.03 10.98
CA GLY A 1339 -13.15 -14.32 11.01
C GLY A 1339 -14.64 -14.20 10.78
N LEU A 1340 -15.25 -13.09 11.17
CA LEU A 1340 -16.66 -12.89 10.87
C LEU A 1340 -16.86 -12.60 9.39
N PHE A 1341 -15.97 -11.82 8.77
CA PHE A 1341 -16.17 -11.50 7.37
C PHE A 1341 -15.53 -12.48 6.41
N ILE A 1342 -14.83 -13.49 6.90
CA ILE A 1342 -14.60 -14.67 6.08
C ILE A 1342 -15.83 -15.55 6.08
N ALA A 1343 -16.50 -15.66 7.24
CA ALA A 1343 -17.76 -16.39 7.30
C ALA A 1343 -18.86 -15.65 6.55
N LEU A 1344 -18.86 -14.32 6.63
CA LEU A 1344 -19.92 -13.57 5.96
C LEU A 1344 -19.70 -13.50 4.46
N SER A 1345 -18.46 -13.58 3.99
CA SER A 1345 -18.22 -13.65 2.56
C SER A 1345 -18.51 -15.03 1.99
N CYS A 1346 -18.38 -16.08 2.81
CA CYS A 1346 -18.78 -17.41 2.38
C CYS A 1346 -20.29 -17.59 2.43
N LEU A 1347 -20.97 -16.96 3.38
CA LEU A 1347 -22.42 -17.06 3.51
C LEU A 1347 -23.15 -15.92 2.83
N VAL A 1348 -22.48 -15.11 2.03
CA VAL A 1348 -23.21 -14.20 1.15
C VAL A 1348 -23.43 -14.84 -0.22
N VAL A 1349 -22.61 -15.84 -0.59
CA VAL A 1349 -22.82 -16.51 -1.87
C VAL A 1349 -23.97 -17.48 -1.77
N PHE A 1350 -24.37 -17.87 -0.55
CA PHE A 1350 -25.62 -18.57 -0.35
C PHE A 1350 -26.77 -17.60 -0.17
N ALA A 1351 -26.52 -16.47 0.48
CA ALA A 1351 -27.60 -15.51 0.72
C ALA A 1351 -28.03 -14.83 -0.56
N TRP A 1352 -27.12 -14.70 -1.52
CA TRP A 1352 -27.48 -14.02 -2.76
C TRP A 1352 -28.37 -14.88 -3.63
N THR A 1353 -28.00 -16.14 -3.84
CA THR A 1353 -28.87 -17.06 -4.57
C THR A 1353 -30.14 -17.40 -3.82
N GLY A 1354 -30.18 -17.22 -2.50
CA GLY A 1354 -31.43 -17.37 -1.80
C GLY A 1354 -32.42 -16.29 -2.16
N ILE A 1355 -31.93 -15.09 -2.47
CA ILE A 1355 -32.83 -13.97 -2.70
C ILE A 1355 -32.80 -13.49 -4.14
N TRP A 1356 -31.82 -13.95 -4.91
CA TRP A 1356 -31.89 -13.63 -6.35
C TRP A 1356 -32.54 -14.76 -7.12
N SER A 1357 -32.29 -16.00 -6.74
CA SER A 1357 -33.04 -17.09 -7.34
C SER A 1357 -34.26 -17.44 -6.50
N SER A 1358 -34.99 -16.39 -6.16
CA SER A 1358 -36.34 -16.51 -5.67
C SER A 1358 -37.20 -15.42 -6.27
N ALA A 1359 -36.62 -14.53 -7.06
CA ALA A 1359 -37.36 -13.61 -7.90
C ALA A 1359 -37.50 -14.20 -9.30
N ILE A 1360 -38.57 -13.80 -9.99
CA ILE A 1360 -38.76 -14.20 -11.38
C ILE A 1360 -37.82 -13.44 -12.30
N ALA A 1361 -37.21 -12.36 -11.80
CA ALA A 1361 -36.29 -11.57 -12.61
C ALA A 1361 -35.01 -12.32 -12.96
N SER A 1362 -34.63 -13.29 -12.13
CA SER A 1362 -33.56 -14.21 -12.51
C SER A 1362 -34.17 -15.21 -13.47
N ARG A 1363 -33.95 -14.97 -14.76
CA ARG A 1363 -34.73 -15.58 -15.83
C ARG A 1363 -34.55 -17.08 -15.90
N GLU A 1364 -33.39 -17.56 -16.34
CA GLU A 1364 -33.12 -18.99 -16.34
C GLU A 1364 -32.77 -19.50 -14.95
N PHE A 1365 -32.35 -18.61 -14.08
CA PHE A 1365 -31.84 -18.90 -12.74
C PHE A 1365 -32.95 -18.77 -11.72
N PHE A 1366 -34.11 -19.39 -11.96
CA PHE A 1366 -35.30 -18.93 -11.26
C PHE A 1366 -35.35 -19.41 -9.84
N LYS A 1367 -35.19 -20.69 -9.61
CA LYS A 1367 -35.14 -21.12 -8.23
C LYS A 1367 -33.95 -22.04 -8.10
N ALA A 1368 -32.78 -21.44 -8.05
CA ALA A 1368 -31.55 -22.18 -7.87
C ALA A 1368 -31.18 -22.36 -6.42
N ALA A 1369 -31.81 -21.61 -5.51
CA ALA A 1369 -31.61 -21.87 -4.10
C ALA A 1369 -32.27 -23.19 -3.72
N ALA A 1370 -33.55 -23.34 -4.00
CA ALA A 1370 -34.29 -24.50 -3.51
C ALA A 1370 -33.90 -25.79 -4.22
N ARG A 1371 -33.44 -25.69 -5.47
CA ARG A 1371 -33.12 -26.88 -6.25
C ARG A 1371 -31.70 -27.36 -6.02
N ILE A 1372 -30.75 -26.44 -5.86
CA ILE A 1372 -29.35 -26.86 -5.72
C ILE A 1372 -29.02 -27.14 -4.26
N TYR A 1373 -29.52 -26.32 -3.33
CA TYR A 1373 -29.22 -26.58 -1.93
C TYR A 1373 -30.12 -27.66 -1.34
N GLY A 1374 -31.26 -27.94 -1.96
CA GLY A 1374 -32.02 -29.12 -1.62
C GLY A 1374 -31.44 -30.40 -2.18
N ALA A 1375 -30.41 -30.30 -2.99
CA ALA A 1375 -29.77 -31.43 -3.64
C ALA A 1375 -28.55 -31.88 -2.85
N PRO A 1376 -28.50 -33.13 -2.41
CA PRO A 1376 -27.35 -33.59 -1.62
C PRO A 1376 -26.07 -33.71 -2.43
N SER A 1377 -26.14 -33.81 -3.76
CA SER A 1377 -24.93 -33.90 -4.56
C SER A 1377 -24.20 -32.57 -4.63
N PHE A 1378 -24.88 -31.47 -4.39
CA PHE A 1378 -24.20 -30.20 -4.17
C PHE A 1378 -23.32 -30.29 -2.95
N TRP A 1379 -23.92 -30.58 -1.79
CA TRP A 1379 -23.21 -30.63 -0.53
C TRP A 1379 -22.22 -31.77 -0.47
N ALA A 1380 -22.40 -32.81 -1.27
CA ALA A 1380 -21.41 -33.87 -1.30
C ALA A 1380 -20.13 -33.40 -1.98
N VAL A 1381 -20.25 -32.69 -3.10
CA VAL A 1381 -19.06 -32.26 -3.80
C VAL A 1381 -18.56 -30.94 -3.23
N PHE A 1382 -19.39 -30.20 -2.50
CA PHE A 1382 -18.92 -28.98 -1.87
C PHE A 1382 -17.97 -29.27 -0.73
N PHE A 1383 -18.20 -30.36 0.01
CA PHE A 1383 -17.37 -30.65 1.16
C PHE A 1383 -16.10 -31.39 0.78
N VAL A 1384 -15.96 -31.80 -0.48
CA VAL A 1384 -14.76 -32.52 -0.87
C VAL A 1384 -13.98 -31.83 -1.99
N ALA A 1385 -14.60 -30.93 -2.74
CA ALA A 1385 -13.81 -30.13 -3.64
C ALA A 1385 -13.36 -28.85 -2.99
N VAL A 1386 -13.73 -28.62 -1.73
CA VAL A 1386 -13.01 -27.68 -0.91
C VAL A 1386 -11.83 -28.38 -0.24
N LEU A 1387 -11.94 -29.69 -0.02
CA LEU A 1387 -10.80 -30.46 0.45
C LEU A 1387 -9.67 -30.44 -0.55
N PHE A 1388 -9.89 -30.96 -1.75
CA PHE A 1388 -8.81 -31.09 -2.72
C PHE A 1388 -8.31 -29.77 -3.27
N CYS A 1389 -9.05 -28.69 -3.11
CA CYS A 1389 -8.46 -27.38 -3.36
C CYS A 1389 -7.45 -27.03 -2.28
N LEU A 1390 -7.83 -27.20 -1.02
CA LEU A 1390 -7.01 -26.69 0.07
C LEU A 1390 -5.95 -27.69 0.50
N LEU A 1391 -6.14 -28.97 0.18
CA LEU A 1391 -5.26 -30.00 0.71
C LEU A 1391 -3.81 -29.94 0.21
N PRO A 1392 -3.49 -29.71 -1.08
CA PRO A 1392 -2.06 -29.63 -1.43
C PRO A 1392 -1.35 -28.39 -0.90
N ARG A 1393 -2.05 -27.30 -0.64
CA ARG A 1393 -1.39 -26.18 -0.02
C ARG A 1393 -1.24 -26.39 1.48
N PHE A 1394 -2.28 -26.90 2.13
CA PHE A 1394 -2.20 -27.25 3.54
C PHE A 1394 -1.30 -28.46 3.78
N THR A 1395 -0.96 -29.21 2.74
CA THR A 1395 0.13 -30.18 2.88
C THR A 1395 1.48 -29.52 2.72
N TYR A 1396 1.63 -28.69 1.69
CA TYR A 1396 2.88 -27.95 1.50
C TYR A 1396 3.15 -26.99 2.64
N ASP A 1397 2.12 -26.40 3.24
CA ASP A 1397 2.35 -25.55 4.39
C ASP A 1397 2.66 -26.35 5.64
N SER A 1398 2.01 -27.50 5.84
CA SER A 1398 2.29 -28.31 7.01
C SER A 1398 3.61 -29.04 6.90
N PHE A 1399 4.01 -29.43 5.69
CA PHE A 1399 5.35 -29.98 5.50
C PHE A 1399 6.41 -28.91 5.68
N GLN A 1400 6.12 -27.68 5.29
CA GLN A 1400 7.05 -26.58 5.53
C GLN A 1400 7.17 -26.27 7.00
N LYS A 1401 6.04 -26.08 7.69
CA LYS A 1401 6.06 -25.67 9.09
C LYS A 1401 6.54 -26.76 10.04
N PHE A 1402 6.86 -27.95 9.57
CA PHE A 1402 7.41 -29.00 10.41
C PHE A 1402 8.89 -29.22 10.16
N PHE A 1403 9.32 -29.16 8.91
CA PHE A 1403 10.65 -29.60 8.53
C PHE A 1403 11.55 -28.51 8.02
N TYR A 1404 11.01 -27.46 7.41
CA TYR A 1404 11.81 -26.28 7.06
C TYR A 1404 11.08 -25.02 7.51
N PRO A 1405 10.90 -24.83 8.81
CA PRO A 1405 10.06 -23.72 9.26
C PRO A 1405 10.81 -22.40 9.14
N THR A 1406 10.04 -21.35 8.88
CA THR A 1406 10.63 -20.02 8.91
C THR A 1406 10.84 -19.59 10.35
N ASP A 1407 11.41 -18.40 10.51
CA ASP A 1407 11.65 -17.89 11.85
C ASP A 1407 10.35 -17.60 12.58
N VAL A 1408 9.31 -17.18 11.85
CA VAL A 1408 8.11 -16.73 12.52
C VAL A 1408 7.24 -17.88 12.96
N GLU A 1409 7.34 -19.09 12.34
CA GLU A 1409 6.79 -20.33 12.95
C GLU A 1409 7.56 -20.80 14.16
N ILE A 1410 8.89 -20.61 14.16
CA ILE A 1410 9.67 -20.93 15.35
C ILE A 1410 9.26 -20.01 16.51
N VAL A 1411 9.02 -18.73 16.21
CA VAL A 1411 8.62 -17.79 17.25
C VAL A 1411 7.20 -18.08 17.71
N ARG A 1412 6.32 -18.43 16.80
CA ARG A 1412 4.94 -18.74 17.16
C ARG A 1412 4.83 -20.08 17.89
N GLU A 1413 5.74 -21.02 17.63
CA GLU A 1413 5.81 -22.22 18.45
C GLU A 1413 6.33 -21.91 19.84
N MET A 1414 7.19 -20.89 19.97
CA MET A 1414 7.53 -20.39 21.29
C MET A 1414 6.37 -19.63 21.92
N TRP A 1415 5.44 -19.14 21.13
CA TRP A 1415 4.33 -18.36 21.66
C TRP A 1415 3.21 -19.22 22.23
N GLN A 1416 2.97 -20.41 21.68
CA GLN A 1416 2.10 -21.37 22.35
C GLN A 1416 2.66 -21.77 23.70
N HIS A 1417 3.98 -21.94 23.78
CA HIS A 1417 4.62 -22.09 25.08
C HIS A 1417 4.69 -20.74 25.78
N GLY A 1418 5.11 -20.76 27.02
CA GLY A 1418 5.20 -19.52 27.76
C GLY A 1418 6.54 -18.83 27.60
N HIS A 1419 6.95 -18.56 26.36
CA HIS A 1419 8.20 -17.86 26.15
C HIS A 1419 8.02 -16.35 26.07
N PHE A 1420 6.79 -15.88 25.94
CA PHE A 1420 6.53 -14.46 25.83
C PHE A 1420 5.42 -13.99 26.75
N ASP A 1421 5.04 -14.81 27.74
CA ASP A 1421 4.02 -14.41 28.69
C ASP A 1421 4.56 -13.48 29.77
N HIS A 1422 5.88 -13.36 29.89
CA HIS A 1422 6.48 -12.41 30.82
C HIS A 1422 6.19 -10.98 30.41
N TYR A 1423 6.05 -10.74 29.11
CA TYR A 1423 6.01 -9.38 28.61
C TYR A 1423 4.60 -8.82 28.69
N PRO A 1424 4.43 -7.59 29.14
CA PRO A 1424 3.09 -7.00 29.29
C PRO A 1424 2.47 -6.71 27.95
N PRO A 1425 1.14 -6.60 27.88
CA PRO A 1425 0.50 -6.21 26.61
C PRO A 1425 0.76 -4.75 26.29
N GLY A 1426 1.16 -4.51 25.05
CA GLY A 1426 1.66 -3.19 24.69
C GLY A 1426 3.05 -2.95 25.23
N TYR A 1427 3.91 -3.97 25.16
CA TYR A 1427 5.28 -3.86 25.65
C TYR A 1427 6.07 -2.91 24.77
N ASP A 1428 6.85 -2.06 25.41
CA ASP A 1428 7.61 -1.02 24.72
C ASP A 1428 8.99 -0.98 25.34
N PRO A 1429 9.92 -1.79 24.84
CA PRO A 1429 11.23 -1.92 25.51
C PRO A 1429 12.14 -0.73 25.33
N THR A 1430 11.76 0.26 24.53
CA THR A 1430 12.53 1.48 24.42
C THR A 1430 11.96 2.61 25.27
N ASP A 1431 10.80 2.41 25.87
CA ASP A 1431 10.25 3.34 26.85
C ASP A 1431 11.15 3.35 28.09
N PRO A 1432 11.58 4.52 28.57
CA PRO A 1432 12.49 4.53 29.74
C PRO A 1432 11.84 4.09 31.04
N ASN A 1433 10.57 4.45 31.28
CA ASN A 1433 9.86 4.01 32.47
C ASN A 1433 9.03 2.78 32.13
N ARG A 1434 9.65 1.61 32.27
CA ARG A 1434 9.04 0.31 32.00
C ARG A 1434 9.49 -0.65 33.10
N PRO A 1435 8.74 -1.70 33.36
CA PRO A 1435 9.21 -2.72 34.30
C PRO A 1435 10.26 -3.62 33.69
N LYS A 1436 10.90 -4.40 34.56
CA LYS A 1436 11.94 -5.33 34.14
C LYS A 1436 11.32 -6.69 33.78
N VAL A 1437 12.04 -7.41 32.91
CA VAL A 1437 11.60 -8.73 32.47
C VAL A 1437 12.01 -9.79 33.49
N ASN B 50 -7.78 15.92 23.75
CA ASN B 50 -6.62 16.34 22.98
C ASN B 50 -6.45 15.55 21.68
N ARG B 51 -5.26 15.62 21.11
CA ARG B 51 -4.92 14.91 19.87
C ARG B 51 -4.24 13.61 20.27
N ARG B 52 -5.02 12.68 20.81
CA ARG B 52 -4.52 11.38 21.21
C ARG B 52 -5.46 10.36 20.60
N PRO B 53 -4.96 9.31 19.95
CA PRO B 53 -5.86 8.39 19.25
C PRO B 53 -6.66 7.54 20.20
N LYS B 54 -7.80 7.05 19.71
CA LYS B 54 -8.76 6.31 20.53
C LYS B 54 -8.20 4.94 20.83
N GLU B 55 -7.95 4.67 22.10
CA GLU B 55 -7.46 3.37 22.55
C GLU B 55 -8.68 2.52 22.83
N ASP B 56 -9.14 1.78 21.82
CA ASP B 56 -10.40 1.07 21.89
C ASP B 56 -10.24 -0.36 21.39
N ALA B 57 -8.98 -0.82 21.35
CA ALA B 57 -8.54 -2.19 21.00
C ALA B 57 -8.89 -2.61 19.58
N PHE B 58 -9.43 -1.73 18.74
CA PHE B 58 -9.44 -1.94 17.31
C PHE B 58 -8.44 -1.06 16.59
N THR B 59 -8.33 0.21 16.98
CA THR B 59 -7.24 1.02 16.49
C THR B 59 -5.91 0.61 17.08
N GLN B 60 -5.94 -0.11 18.20
CA GLN B 60 -4.75 -0.63 18.83
C GLN B 60 -4.33 -1.98 18.30
N GLN B 61 -5.08 -2.54 17.33
CA GLN B 61 -4.74 -3.78 16.64
C GLN B 61 -4.61 -4.95 17.61
N ARG B 62 -5.44 -4.98 18.64
CA ARG B 62 -5.47 -6.05 19.62
C ARG B 62 -6.92 -6.52 19.74
N LEU B 63 -7.33 -7.39 18.82
CA LEU B 63 -8.66 -7.97 18.83
C LEU B 63 -8.59 -9.37 19.43
N ALA B 64 -9.73 -10.04 19.52
CA ALA B 64 -9.82 -11.34 20.17
C ALA B 64 -9.49 -12.48 19.21
N ALA B 65 -8.20 -12.72 18.97
CA ALA B 65 -7.80 -13.76 18.03
C ALA B 65 -7.58 -15.10 18.71
N ILE B 66 -7.72 -16.18 17.93
CA ILE B 66 -7.44 -17.51 18.45
C ILE B 66 -6.01 -17.91 18.14
N ASN B 67 -5.46 -17.40 17.03
CA ASN B 67 -4.05 -17.40 16.65
C ASN B 67 -3.44 -18.80 16.53
N PRO B 68 -3.80 -19.57 15.51
CA PRO B 68 -3.37 -20.97 15.44
C PRO B 68 -1.91 -21.10 15.04
N VAL B 69 -1.23 -22.04 15.68
CA VAL B 69 0.13 -22.44 15.31
C VAL B 69 0.07 -23.92 14.96
N LEU B 70 0.51 -24.25 13.76
CA LEU B 70 0.30 -25.58 13.20
C LEU B 70 1.45 -26.50 13.63
N THR B 71 1.38 -26.93 14.88
CA THR B 71 2.30 -27.91 15.43
C THR B 71 1.82 -29.32 15.06
N PRO B 72 2.74 -30.30 14.96
CA PRO B 72 2.31 -31.66 14.61
C PRO B 72 1.45 -32.36 15.65
N ARG B 73 1.37 -31.85 16.87
CA ARG B 73 0.45 -32.44 17.83
C ARG B 73 -0.99 -31.98 17.63
N THR B 74 -1.23 -31.06 16.70
CA THR B 74 -2.59 -30.61 16.40
C THR B 74 -3.01 -30.90 14.97
N VAL B 75 -2.10 -30.79 14.02
CA VAL B 75 -2.41 -30.99 12.62
C VAL B 75 -2.51 -32.47 12.26
N LEU B 76 -1.66 -33.30 12.85
CA LEU B 76 -1.78 -34.74 12.67
C LEU B 76 -3.08 -35.35 13.22
N PRO B 77 -3.69 -34.86 14.31
CA PRO B 77 -5.10 -35.22 14.54
C PRO B 77 -6.06 -34.70 13.49
N LEU B 78 -5.81 -33.52 12.92
CA LEU B 78 -6.72 -32.96 11.92
C LEU B 78 -6.70 -33.76 10.62
N TYR B 79 -5.51 -34.13 10.14
CA TYR B 79 -5.41 -35.04 9.01
C TYR B 79 -6.02 -36.39 9.32
N LEU B 80 -5.91 -36.86 10.56
CA LEU B 80 -6.56 -38.10 10.94
C LEU B 80 -8.07 -37.94 10.96
N LEU B 81 -8.56 -36.77 11.36
CA LEU B 81 -9.99 -36.53 11.41
C LEU B 81 -10.59 -36.40 10.02
N ILE B 82 -9.94 -35.63 9.14
CA ILE B 82 -10.46 -35.43 7.79
C ILE B 82 -10.38 -36.73 6.99
N ALA B 83 -9.35 -37.55 7.24
CA ALA B 83 -9.26 -38.84 6.56
C ALA B 83 -10.34 -39.80 7.05
N VAL B 84 -10.53 -39.89 8.37
CA VAL B 84 -11.43 -40.91 8.88
C VAL B 84 -12.88 -40.49 8.69
N VAL B 85 -13.15 -39.19 8.51
CA VAL B 85 -14.49 -38.78 8.11
C VAL B 85 -14.74 -39.15 6.66
N PHE B 86 -13.80 -38.85 5.79
CA PHE B 86 -14.06 -39.04 4.36
C PHE B 86 -13.95 -40.49 3.91
N VAL B 87 -13.31 -41.37 4.68
CA VAL B 87 -13.44 -42.77 4.30
C VAL B 87 -14.78 -43.32 4.77
N ILE B 88 -15.37 -42.75 5.82
CA ILE B 88 -16.73 -43.11 6.18
C ILE B 88 -17.71 -42.57 5.15
N VAL B 89 -17.54 -41.30 4.75
CA VAL B 89 -18.38 -40.74 3.69
C VAL B 89 -18.07 -41.39 2.36
N GLY B 90 -16.82 -41.80 2.15
CA GLY B 90 -16.51 -42.60 0.97
C GLY B 90 -17.04 -44.01 1.05
N GLY B 91 -17.20 -44.53 2.27
CA GLY B 91 -17.86 -45.81 2.42
C GLY B 91 -19.37 -45.67 2.28
N CYS B 92 -19.95 -44.65 2.91
CA CYS B 92 -21.41 -44.52 2.92
C CYS B 92 -21.96 -44.08 1.57
N ILE B 93 -21.17 -43.36 0.76
CA ILE B 93 -21.64 -43.01 -0.57
C ILE B 93 -21.67 -44.23 -1.48
N LEU B 94 -20.59 -45.01 -1.54
CA LEU B 94 -20.59 -46.20 -2.39
C LEU B 94 -21.50 -47.30 -1.87
N ALA B 95 -21.81 -47.29 -0.57
CA ALA B 95 -22.87 -48.16 -0.07
C ALA B 95 -24.24 -47.72 -0.63
N GLN B 96 -24.38 -46.46 -0.98
CA GLN B 96 -25.62 -46.00 -1.59
C GLN B 96 -25.53 -46.01 -3.11
N ASN B 97 -24.32 -45.83 -3.65
CA ASN B 97 -24.18 -45.59 -5.08
C ASN B 97 -24.03 -46.89 -5.87
N SER B 98 -23.48 -47.93 -5.25
CA SER B 98 -23.39 -49.21 -5.95
C SER B 98 -24.75 -49.86 -6.10
N LYS B 99 -25.69 -49.53 -5.21
CA LYS B 99 -27.02 -50.11 -5.25
C LYS B 99 -27.92 -49.47 -6.28
N VAL B 100 -27.47 -48.41 -6.96
CA VAL B 100 -28.30 -47.73 -7.93
C VAL B 100 -28.35 -48.55 -9.22
N ASP B 101 -29.55 -48.85 -9.68
CA ASP B 101 -29.75 -49.58 -10.92
C ASP B 101 -30.14 -48.59 -12.02
N GLU B 102 -29.59 -48.80 -13.21
CA GLU B 102 -29.83 -47.90 -14.32
C GLU B 102 -29.93 -48.71 -15.60
N VAL B 103 -30.68 -48.19 -16.56
CA VAL B 103 -30.87 -48.81 -17.87
C VAL B 103 -30.60 -47.74 -18.91
N THR B 104 -29.56 -47.95 -19.72
CA THR B 104 -29.16 -46.96 -20.70
C THR B 104 -29.20 -47.59 -22.08
N ILE B 105 -30.25 -47.30 -22.83
CA ILE B 105 -30.42 -47.85 -24.17
C ILE B 105 -30.40 -46.69 -25.16
N TYR B 106 -29.40 -46.67 -26.03
CA TYR B 106 -29.31 -45.68 -27.10
C TYR B 106 -30.00 -46.21 -28.34
N TYR B 107 -30.90 -45.42 -28.91
CA TYR B 107 -31.75 -45.93 -29.98
C TYR B 107 -31.61 -45.15 -31.28
N GLN B 108 -30.49 -44.49 -31.50
CA GLN B 108 -30.33 -43.67 -32.70
C GLN B 108 -30.26 -44.51 -33.98
N ASP B 109 -30.04 -45.82 -33.87
CA ASP B 109 -29.88 -46.69 -35.02
C ASP B 109 -31.08 -47.62 -35.22
N CYS B 110 -32.26 -47.27 -34.72
CA CYS B 110 -33.43 -48.09 -34.98
C CYS B 110 -33.83 -48.05 -36.45
N MET B 111 -33.68 -46.89 -37.08
CA MET B 111 -34.16 -46.73 -38.44
C MET B 111 -33.24 -47.42 -39.44
N THR B 112 -32.02 -47.76 -39.04
CA THR B 112 -31.09 -48.49 -39.90
C THR B 112 -30.80 -49.90 -39.38
N ASN B 113 -30.34 -50.02 -38.14
CA ASN B 113 -29.82 -51.29 -37.63
C ASN B 113 -30.87 -52.14 -36.95
N ALA B 114 -32.15 -51.94 -37.22
CA ALA B 114 -33.19 -52.75 -36.62
C ALA B 114 -34.18 -53.18 -37.69
N THR B 115 -34.53 -54.45 -37.68
CA THR B 115 -35.50 -55.00 -38.61
C THR B 115 -36.91 -54.85 -38.04
N SER B 116 -37.90 -55.26 -38.83
CA SER B 116 -39.28 -55.19 -38.36
C SER B 116 -39.56 -56.28 -37.32
N SER B 117 -38.81 -57.37 -37.38
CA SER B 117 -38.86 -58.37 -36.34
C SER B 117 -37.87 -58.04 -35.24
N TRP B 118 -37.95 -58.78 -34.14
CA TRP B 118 -37.12 -58.50 -32.97
C TRP B 118 -35.70 -59.00 -33.20
N SER B 119 -34.75 -58.07 -33.21
CA SER B 119 -33.34 -58.38 -33.20
C SER B 119 -32.76 -57.82 -31.92
N ASP B 120 -31.62 -58.33 -31.48
CA ASP B 120 -31.01 -57.80 -30.27
C ASP B 120 -30.37 -56.45 -30.55
N ILE B 121 -30.30 -55.62 -29.52
CA ILE B 121 -29.49 -54.41 -29.64
C ILE B 121 -28.01 -54.81 -29.61
N PRO B 122 -27.17 -54.28 -30.50
CA PRO B 122 -25.74 -54.56 -30.42
C PRO B 122 -25.13 -54.01 -29.13
N SER B 123 -23.94 -54.50 -28.79
CA SER B 123 -23.37 -54.28 -27.46
C SER B 123 -23.05 -52.82 -27.19
N GLU B 124 -22.91 -52.00 -28.22
CA GLU B 124 -22.51 -50.62 -28.03
C GLU B 124 -23.64 -49.77 -27.47
N HIS B 125 -24.88 -50.06 -27.86
CA HIS B 125 -25.96 -49.12 -27.61
C HIS B 125 -26.56 -49.30 -26.21
N TRP B 126 -26.72 -50.54 -25.76
CA TRP B 126 -27.33 -50.76 -24.46
C TRP B 126 -26.29 -50.83 -23.37
N GLN B 127 -26.59 -50.21 -22.22
CA GLN B 127 -25.81 -50.37 -21.01
C GLN B 127 -26.76 -50.69 -19.87
N PHE B 128 -26.56 -51.84 -19.23
CA PHE B 128 -27.36 -52.25 -18.09
C PHE B 128 -26.50 -52.24 -16.84
N VAL B 129 -27.06 -51.76 -15.74
CA VAL B 129 -26.43 -51.91 -14.44
C VAL B 129 -27.46 -52.48 -13.48
N PHE B 130 -27.20 -53.68 -13.00
CA PHE B 130 -28.00 -54.30 -11.96
C PHE B 130 -27.04 -54.95 -10.98
N HIS B 131 -26.97 -54.41 -9.76
CA HIS B 131 -25.97 -54.86 -8.80
C HIS B 131 -26.28 -56.25 -8.27
N LYS B 132 -27.52 -56.73 -8.41
CA LYS B 132 -27.79 -58.16 -8.30
C LYS B 132 -27.46 -58.78 -9.65
N TYR B 133 -26.22 -59.24 -9.80
CA TYR B 133 -25.71 -59.74 -11.08
C TYR B 133 -26.32 -61.11 -11.36
N LYS B 134 -27.53 -61.08 -11.94
CA LYS B 134 -28.25 -62.31 -12.24
C LYS B 134 -28.72 -62.33 -13.70
N THR B 135 -29.03 -61.16 -14.27
CA THR B 135 -29.46 -61.02 -15.66
C THR B 135 -28.76 -59.81 -16.29
N TYR B 136 -27.43 -59.74 -16.16
CA TYR B 136 -26.72 -58.56 -16.65
C TYR B 136 -26.20 -58.76 -18.07
N ASN B 137 -26.05 -60.00 -18.51
CA ASN B 137 -25.51 -60.24 -19.84
C ASN B 137 -26.58 -60.39 -20.92
N THR B 138 -27.85 -60.46 -20.55
CA THR B 138 -28.89 -60.65 -21.56
C THR B 138 -29.17 -59.35 -22.29
N ALA B 139 -29.21 -59.43 -23.61
CA ALA B 139 -29.37 -58.26 -24.44
C ALA B 139 -30.84 -57.91 -24.52
N PRO B 140 -31.21 -56.64 -24.55
CA PRO B 140 -32.56 -56.25 -24.91
C PRO B 140 -32.74 -56.40 -26.41
N GLN B 141 -33.99 -56.37 -26.86
CA GLN B 141 -34.27 -56.49 -28.28
C GLN B 141 -35.12 -55.32 -28.76
N TRP B 142 -35.15 -55.13 -30.08
CA TRP B 142 -35.67 -53.89 -30.64
C TRP B 142 -36.12 -54.14 -32.08
N ARG B 143 -37.33 -53.68 -32.39
CA ARG B 143 -37.83 -53.73 -33.75
C ARG B 143 -38.06 -52.30 -34.20
N PHE B 144 -38.52 -52.15 -35.43
CA PHE B 144 -38.79 -50.84 -36.00
C PHE B 144 -39.97 -50.91 -36.94
N VAL B 145 -41.02 -50.16 -36.62
CA VAL B 145 -42.21 -50.06 -37.45
C VAL B 145 -42.09 -48.78 -38.27
N ASP B 146 -41.95 -48.93 -39.59
CA ASP B 146 -41.53 -47.81 -40.44
C ASP B 146 -42.68 -46.84 -40.68
N ASP B 147 -43.90 -47.35 -40.77
CA ASP B 147 -45.20 -46.66 -40.87
C ASP B 147 -45.44 -45.99 -42.23
N GLU B 148 -44.39 -45.79 -43.03
CA GLU B 148 -44.40 -45.44 -44.46
C GLU B 148 -45.13 -44.12 -44.80
N SER B 149 -45.69 -43.43 -43.81
CA SER B 149 -46.57 -42.30 -44.08
C SER B 149 -46.07 -40.99 -43.50
N ASP B 150 -44.96 -41.01 -42.78
CA ASP B 150 -44.47 -39.80 -42.11
C ASP B 150 -43.88 -38.84 -43.12
N ASP B 151 -43.33 -39.37 -44.22
CA ASP B 151 -42.67 -38.72 -45.37
C ASP B 151 -41.49 -37.83 -44.99
N PHE B 152 -40.99 -37.92 -43.76
CA PHE B 152 -39.83 -37.13 -43.36
C PHE B 152 -38.54 -37.88 -43.68
N THR B 153 -38.51 -39.20 -43.49
CA THR B 153 -37.51 -40.16 -43.98
C THR B 153 -36.10 -39.96 -43.46
N LYS B 154 -35.88 -38.96 -42.60
CA LYS B 154 -34.62 -38.82 -41.91
C LYS B 154 -34.69 -39.41 -40.52
N GLN B 155 -35.83 -39.22 -39.84
CA GLN B 155 -36.10 -39.90 -38.58
C GLN B 155 -37.62 -40.04 -38.51
N ARG B 156 -38.10 -41.24 -38.82
CA ARG B 156 -39.53 -41.49 -38.78
C ARG B 156 -39.76 -42.85 -38.14
N GLY B 157 -41.03 -43.20 -38.00
CA GLY B 157 -41.36 -44.53 -37.57
C GLY B 157 -41.57 -44.62 -36.07
N THR B 158 -41.39 -45.82 -35.56
CA THR B 158 -41.59 -46.14 -34.15
C THR B 158 -40.57 -47.20 -33.77
N CYS B 159 -39.56 -46.81 -33.01
CA CYS B 159 -38.65 -47.80 -32.48
C CYS B 159 -39.23 -48.41 -31.23
N GLN B 160 -39.54 -49.70 -31.30
CA GLN B 160 -40.07 -50.41 -30.16
C GLN B 160 -38.93 -51.14 -29.48
N ILE B 161 -38.60 -50.72 -28.27
CA ILE B 161 -37.48 -51.24 -27.51
C ILE B 161 -38.00 -52.17 -26.43
N ARG B 162 -37.45 -53.37 -26.36
CA ARG B 162 -37.92 -54.41 -25.47
C ARG B 162 -36.76 -54.79 -24.55
N PHE B 163 -36.84 -54.38 -23.30
CA PHE B 163 -35.78 -54.65 -22.33
C PHE B 163 -36.32 -55.45 -21.17
N THR B 164 -35.42 -56.09 -20.44
CA THR B 164 -35.77 -56.94 -19.32
C THR B 164 -34.94 -56.55 -18.10
N THR B 165 -35.60 -56.23 -17.00
CA THR B 165 -34.92 -55.85 -15.78
C THR B 165 -35.07 -56.95 -14.74
N PRO B 166 -33.99 -57.43 -14.13
CA PRO B 166 -34.15 -58.49 -13.13
C PRO B 166 -34.49 -58.00 -11.75
N SER B 167 -34.22 -56.74 -11.44
CA SER B 167 -34.47 -56.20 -10.12
C SER B 167 -35.55 -55.15 -10.21
N ASP B 168 -36.39 -55.10 -9.19
CA ASP B 168 -37.45 -54.11 -9.18
C ASP B 168 -36.95 -52.75 -8.72
N MET B 169 -37.06 -51.75 -9.59
CA MET B 169 -36.75 -50.39 -9.24
C MET B 169 -37.83 -49.81 -8.34
N LYS B 170 -37.42 -48.95 -7.41
CA LYS B 170 -38.30 -48.52 -6.34
C LYS B 170 -39.31 -47.48 -6.85
N ASN B 171 -40.01 -46.86 -5.89
CA ASN B 171 -41.32 -46.27 -6.19
C ASN B 171 -41.22 -45.03 -7.06
N ASN B 172 -40.09 -44.34 -7.05
CA ASN B 172 -39.84 -43.24 -8.00
C ASN B 172 -39.01 -43.77 -9.15
N VAL B 173 -39.64 -43.96 -10.30
CA VAL B 173 -38.96 -44.40 -11.51
C VAL B 173 -38.88 -43.21 -12.47
N TYR B 174 -37.68 -42.91 -12.92
CA TYR B 174 -37.43 -41.78 -13.80
C TYR B 174 -37.04 -42.31 -15.17
N LEU B 175 -37.76 -41.88 -16.19
CA LEU B 175 -37.42 -42.21 -17.56
C LEU B 175 -36.84 -40.96 -18.18
N ASN B 176 -35.56 -41.02 -18.51
CA ASN B 176 -34.84 -39.89 -19.06
C ASN B 176 -34.53 -40.20 -20.51
N TYR B 177 -34.33 -39.18 -21.31
CA TYR B 177 -33.75 -39.36 -22.64
C TYR B 177 -32.34 -38.80 -22.63
N VAL B 178 -31.41 -39.59 -23.07
CA VAL B 178 -30.01 -39.20 -23.12
C VAL B 178 -29.67 -38.77 -24.53
N LEU B 179 -29.02 -37.62 -24.66
CA LEU B 179 -28.57 -37.14 -25.96
C LEU B 179 -27.07 -36.93 -25.90
N GLU B 180 -26.31 -37.79 -26.56
CA GLU B 180 -24.90 -37.52 -26.69
C GLU B 180 -24.63 -36.78 -27.99
N LYS B 181 -23.56 -35.97 -27.97
CA LYS B 181 -23.03 -35.15 -29.06
C LYS B 181 -24.00 -34.09 -29.56
N PHE B 182 -25.15 -33.91 -28.95
CA PHE B 182 -25.97 -32.74 -29.25
C PHE B 182 -25.40 -31.55 -28.51
N ALA B 183 -25.22 -30.46 -29.22
CA ALA B 183 -24.49 -29.31 -28.69
C ALA B 183 -25.51 -28.27 -28.27
N ALA B 184 -25.98 -28.41 -27.04
CA ALA B 184 -26.98 -27.52 -26.47
C ALA B 184 -26.36 -26.40 -25.67
N ASN B 185 -25.05 -26.24 -25.73
CA ASN B 185 -24.36 -25.33 -24.82
C ASN B 185 -23.62 -24.21 -25.52
N HIS B 186 -24.00 -23.86 -26.74
CA HIS B 186 -23.28 -22.83 -27.46
C HIS B 186 -23.89 -21.46 -27.24
N ARG B 187 -23.14 -20.44 -27.65
CA ARG B 187 -23.37 -19.06 -27.25
C ARG B 187 -24.67 -18.51 -27.80
N ARG B 188 -24.88 -18.64 -29.11
CA ARG B 188 -26.11 -18.12 -29.70
C ARG B 188 -27.29 -19.01 -29.40
N TYR B 189 -27.05 -20.32 -29.24
CA TYR B 189 -28.12 -21.26 -28.95
C TYR B 189 -28.75 -20.96 -27.60
N VAL B 190 -27.95 -20.98 -26.52
CA VAL B 190 -28.49 -20.88 -25.17
C VAL B 190 -29.09 -19.54 -24.83
N LEU B 191 -28.94 -18.53 -25.68
CA LEU B 191 -29.50 -17.22 -25.42
C LEU B 191 -30.70 -16.94 -26.31
N SER B 192 -31.20 -17.95 -27.02
CA SER B 192 -32.24 -17.75 -28.03
C SER B 192 -33.55 -18.26 -27.45
N PHE B 193 -34.22 -17.38 -26.71
CA PHE B 193 -35.63 -17.53 -26.36
C PHE B 193 -36.14 -16.16 -25.95
N SER B 194 -37.37 -16.12 -25.45
CA SER B 194 -37.97 -14.87 -25.00
C SER B 194 -38.54 -15.13 -23.62
N GLU B 195 -37.98 -14.46 -22.62
CA GLU B 195 -38.46 -14.64 -21.25
C GLU B 195 -39.87 -14.09 -21.08
N ASP B 196 -40.21 -13.04 -21.81
CA ASP B 196 -41.58 -12.54 -21.78
C ASP B 196 -42.53 -13.49 -22.51
N GLN B 197 -42.06 -14.26 -23.48
CA GLN B 197 -42.92 -15.31 -24.02
C GLN B 197 -42.98 -16.53 -23.11
N ILE B 198 -41.90 -16.79 -22.37
CA ILE B 198 -41.94 -17.84 -21.36
C ILE B 198 -42.90 -17.46 -20.24
N ARG B 199 -42.97 -16.19 -19.87
CA ARG B 199 -43.88 -15.74 -18.83
C ARG B 199 -45.28 -15.46 -19.33
N GLY B 200 -45.63 -15.98 -20.50
CA GLY B 200 -46.98 -15.91 -21.02
C GLY B 200 -47.43 -14.55 -21.47
N GLU B 201 -46.52 -13.61 -21.62
CA GLU B 201 -46.89 -12.27 -22.06
C GLU B 201 -46.98 -12.27 -23.58
N ASP B 202 -48.01 -11.62 -24.12
CA ASP B 202 -48.18 -11.55 -25.56
C ASP B 202 -47.18 -10.57 -26.18
N ALA B 203 -45.91 -10.97 -26.19
CA ALA B 203 -44.82 -10.08 -26.55
C ALA B 203 -44.85 -9.78 -28.05
N SER B 204 -44.55 -8.54 -28.40
CA SER B 204 -44.57 -8.13 -29.79
C SER B 204 -43.31 -8.62 -30.50
N TYR B 205 -43.14 -8.20 -31.75
CA TYR B 205 -41.95 -8.59 -32.50
C TYR B 205 -40.72 -7.86 -31.98
N GLU B 206 -40.88 -6.64 -31.49
CA GLU B 206 -39.73 -5.87 -31.04
C GLU B 206 -39.16 -6.44 -29.74
N THR B 207 -40.02 -7.02 -28.90
CA THR B 207 -39.56 -7.50 -27.60
C THR B 207 -39.10 -8.94 -27.67
N VAL B 208 -39.25 -9.60 -28.81
CA VAL B 208 -38.66 -10.93 -28.98
C VAL B 208 -37.42 -10.87 -29.86
N HIS B 209 -37.37 -9.95 -30.84
CA HIS B 209 -36.22 -9.91 -31.72
C HIS B 209 -35.09 -9.08 -31.12
N ASP B 210 -35.33 -7.79 -30.94
CA ASP B 210 -34.33 -6.89 -30.38
C ASP B 210 -34.64 -6.74 -28.91
N ALA B 211 -34.27 -7.74 -28.13
CA ALA B 211 -34.20 -7.62 -26.68
C ALA B 211 -32.74 -7.74 -26.30
N THR B 212 -32.39 -7.14 -25.17
CA THR B 212 -31.00 -7.18 -24.74
C THR B 212 -30.70 -8.53 -24.10
N GLY B 213 -29.49 -9.02 -24.31
CA GLY B 213 -29.07 -10.29 -23.73
C GLY B 213 -29.75 -11.49 -24.36
N ILE B 214 -30.73 -12.05 -23.66
CA ILE B 214 -31.47 -13.18 -24.19
C ILE B 214 -32.58 -12.69 -25.11
N ASN B 215 -32.50 -13.06 -26.38
CA ASN B 215 -33.52 -12.80 -27.37
C ASN B 215 -33.44 -13.86 -28.45
N CYS B 216 -34.54 -14.04 -29.17
CA CYS B 216 -34.59 -15.06 -30.20
C CYS B 216 -34.20 -14.54 -31.57
N LYS B 217 -32.89 -14.37 -31.78
CA LYS B 217 -32.38 -13.66 -32.95
C LYS B 217 -32.56 -14.37 -34.29
N PRO B 218 -32.21 -15.65 -34.50
CA PRO B 218 -32.40 -16.19 -35.85
C PRO B 218 -33.83 -16.58 -36.12
N LEU B 219 -34.63 -16.80 -35.06
CA LEU B 219 -36.00 -17.30 -35.13
C LEU B 219 -36.98 -16.36 -34.47
N SER B 220 -36.99 -15.08 -34.83
CA SER B 220 -37.98 -14.18 -34.23
C SER B 220 -39.33 -14.31 -34.91
N LYS B 221 -39.37 -14.19 -36.24
CA LYS B 221 -40.63 -14.35 -36.97
C LYS B 221 -40.36 -15.02 -38.31
N ASN B 222 -41.40 -15.61 -38.86
CA ASN B 222 -41.30 -16.32 -40.13
C ASN B 222 -41.55 -15.37 -41.30
N ALA B 223 -41.80 -15.96 -42.48
CA ALA B 223 -41.85 -15.19 -43.72
C ALA B 223 -43.09 -14.31 -43.81
N ASP B 224 -44.25 -14.82 -43.40
CA ASP B 224 -45.47 -14.03 -43.57
C ASP B 224 -45.76 -13.10 -42.39
N GLY B 225 -44.79 -12.86 -41.52
CA GLY B 225 -44.87 -11.79 -40.56
C GLY B 225 -45.35 -12.17 -39.17
N LYS B 226 -45.66 -13.43 -38.92
CA LYS B 226 -46.08 -13.84 -37.58
C LYS B 226 -44.87 -14.25 -36.76
N ILE B 227 -44.85 -13.85 -35.51
CA ILE B 227 -43.77 -14.26 -34.63
C ILE B 227 -43.97 -15.71 -34.23
N TYR B 228 -42.88 -16.33 -33.80
CA TYR B 228 -42.97 -17.69 -33.30
C TYR B 228 -43.31 -17.59 -31.83
N TYR B 229 -44.29 -18.37 -31.38
CA TYR B 229 -44.60 -18.27 -29.95
C TYR B 229 -43.52 -18.91 -29.09
N PRO B 230 -43.08 -20.12 -29.32
CA PRO B 230 -41.86 -20.45 -28.58
C PRO B 230 -40.68 -20.13 -29.49
N CYS B 231 -40.38 -18.84 -29.62
CA CYS B 231 -39.33 -18.41 -30.52
C CYS B 231 -37.96 -18.78 -29.95
N GLY B 232 -37.01 -18.93 -30.85
CA GLY B 232 -35.65 -19.19 -30.44
C GLY B 232 -35.15 -20.54 -30.90
N LEU B 233 -33.83 -20.65 -30.95
CA LEU B 233 -33.21 -21.92 -31.29
C LEU B 233 -33.46 -22.98 -30.24
N ILE B 234 -33.69 -22.61 -28.99
CA ILE B 234 -33.86 -23.63 -27.95
C ILE B 234 -35.20 -24.31 -28.10
N ALA B 235 -36.26 -23.52 -28.16
CA ALA B 235 -37.60 -24.08 -28.30
C ALA B 235 -37.83 -24.66 -29.68
N ASN B 236 -37.13 -24.16 -30.69
CA ASN B 236 -37.20 -24.82 -31.99
C ASN B 236 -36.53 -26.16 -31.96
N SER B 237 -35.46 -26.32 -31.18
CA SER B 237 -34.66 -27.53 -31.19
C SER B 237 -35.22 -28.61 -30.29
N MET B 238 -36.51 -28.59 -30.01
CA MET B 238 -37.08 -29.41 -28.95
C MET B 238 -37.04 -30.88 -29.32
N PHE B 239 -36.61 -31.69 -28.37
CA PHE B 239 -36.58 -33.13 -28.53
C PHE B 239 -37.98 -33.64 -28.75
N ASN B 240 -38.23 -34.14 -29.95
CA ASN B 240 -39.57 -34.52 -30.38
C ASN B 240 -40.07 -35.80 -29.77
N ASP B 241 -39.24 -36.84 -29.76
CA ASP B 241 -39.61 -38.26 -29.73
C ASP B 241 -40.71 -38.59 -28.74
N THR B 242 -41.84 -39.05 -29.27
CA THR B 242 -43.04 -39.23 -28.48
C THR B 242 -42.83 -40.44 -27.61
N PHE B 243 -42.45 -40.22 -26.38
CA PHE B 243 -42.33 -41.37 -25.52
C PHE B 243 -43.73 -41.77 -25.05
N PRO B 244 -43.96 -43.04 -24.77
CA PRO B 244 -45.30 -43.47 -24.38
C PRO B 244 -45.63 -43.04 -22.98
N LEU B 245 -46.92 -43.07 -22.68
CA LEU B 245 -47.35 -42.82 -21.32
C LEU B 245 -47.43 -44.09 -20.49
N GLN B 246 -46.75 -45.17 -20.91
CA GLN B 246 -46.70 -46.42 -20.18
C GLN B 246 -45.52 -47.25 -20.65
N LEU B 247 -45.09 -48.20 -19.82
CA LEU B 247 -44.19 -49.26 -20.25
C LEU B 247 -45.07 -50.49 -20.35
N THR B 248 -45.40 -50.90 -21.57
CA THR B 248 -46.26 -52.04 -21.74
C THR B 248 -45.54 -53.35 -21.38
N ASN B 249 -45.97 -53.94 -20.27
CA ASN B 249 -45.43 -55.23 -19.85
C ASN B 249 -45.91 -56.31 -20.79
N VAL B 250 -45.01 -57.19 -21.20
CA VAL B 250 -45.29 -58.16 -22.25
C VAL B 250 -45.22 -59.56 -21.65
N GLY B 251 -45.97 -60.48 -22.24
CA GLY B 251 -45.83 -61.89 -21.97
C GLY B 251 -46.34 -62.37 -20.62
N ASP B 252 -45.63 -62.00 -19.55
CA ASP B 252 -45.88 -62.65 -18.26
C ASP B 252 -47.07 -62.05 -17.53
N THR B 253 -47.30 -60.76 -17.69
CA THR B 253 -48.39 -60.15 -16.93
C THR B 253 -49.41 -59.47 -17.82
N SER B 254 -48.95 -58.74 -18.85
CA SER B 254 -49.79 -57.94 -19.76
C SER B 254 -50.66 -56.95 -18.99
N ASN B 255 -50.10 -56.35 -17.94
CA ASN B 255 -50.68 -55.21 -17.26
C ASN B 255 -49.66 -54.09 -17.27
N ASN B 256 -50.03 -52.99 -17.92
CA ASN B 256 -49.04 -52.03 -18.38
C ASN B 256 -48.61 -51.12 -17.24
N TYR B 257 -47.31 -50.88 -17.13
CA TYR B 257 -46.73 -50.02 -16.11
C TYR B 257 -46.83 -48.57 -16.57
N SER B 258 -47.62 -47.77 -15.86
CA SER B 258 -47.90 -46.41 -16.30
C SER B 258 -46.70 -45.50 -16.09
N LEU B 259 -46.67 -44.41 -16.86
CA LEU B 259 -45.63 -43.39 -16.77
C LEU B 259 -46.34 -42.06 -17.01
N THR B 260 -46.31 -41.17 -16.02
CA THR B 260 -46.93 -39.88 -16.24
C THR B 260 -45.95 -38.89 -16.83
N ASN B 261 -46.49 -37.92 -17.56
CA ASN B 261 -45.73 -36.74 -17.92
C ASN B 261 -46.05 -35.54 -17.04
N LYS B 262 -46.59 -35.77 -15.85
CA LYS B 262 -46.82 -34.70 -14.90
C LYS B 262 -45.85 -34.83 -13.74
N GLY B 263 -45.30 -33.70 -13.32
CA GLY B 263 -44.23 -33.73 -12.35
C GLY B 263 -42.87 -33.94 -12.95
N ILE B 264 -42.70 -33.60 -14.24
CA ILE B 264 -41.45 -33.87 -14.93
C ILE B 264 -40.44 -32.77 -14.67
N ASN B 265 -40.89 -31.53 -14.63
CA ASN B 265 -40.02 -30.45 -14.18
C ASN B 265 -40.37 -30.16 -12.72
N TRP B 266 -39.64 -29.21 -12.14
CA TRP B 266 -39.91 -28.74 -10.79
C TRP B 266 -41.29 -28.10 -10.73
N GLU B 267 -41.97 -28.31 -9.60
CA GLU B 267 -43.32 -27.77 -9.45
C GLU B 267 -43.30 -26.25 -9.39
N SER B 268 -42.24 -25.69 -8.81
CA SER B 268 -42.08 -24.25 -8.74
C SER B 268 -41.69 -23.63 -10.07
N ASP B 269 -41.49 -24.42 -11.11
CA ASP B 269 -41.14 -23.84 -12.40
C ASP B 269 -42.38 -23.35 -13.13
N LYS B 270 -43.57 -23.62 -12.60
CA LYS B 270 -44.80 -23.08 -13.14
C LYS B 270 -45.04 -21.64 -12.75
N LYS B 271 -44.11 -21.02 -12.02
CA LYS B 271 -44.24 -19.61 -11.69
C LYS B 271 -43.62 -18.73 -12.78
N ARG B 272 -42.66 -19.25 -13.55
CA ARG B 272 -42.13 -18.49 -14.67
C ARG B 272 -42.63 -18.96 -16.02
N TYR B 273 -43.11 -20.19 -16.12
CA TYR B 273 -43.81 -20.66 -17.30
C TYR B 273 -45.29 -20.48 -17.01
N LYS B 274 -45.92 -19.55 -17.71
CA LYS B 274 -47.34 -19.31 -17.51
C LYS B 274 -48.05 -19.31 -18.85
N LYS B 275 -49.37 -19.50 -18.79
CA LYS B 275 -50.20 -19.64 -19.99
C LYS B 275 -50.18 -18.36 -20.80
N THR B 276 -50.03 -18.51 -22.11
CA THR B 276 -49.78 -17.38 -22.97
C THR B 276 -51.05 -16.57 -23.25
N LYS B 277 -50.84 -15.34 -23.68
CA LYS B 277 -51.93 -14.39 -23.91
C LYS B 277 -52.03 -13.97 -25.37
N TYR B 278 -51.47 -14.76 -26.28
CA TYR B 278 -51.55 -14.42 -27.69
C TYR B 278 -52.92 -14.77 -28.28
N ASN B 279 -53.37 -13.95 -29.21
CA ASN B 279 -54.66 -14.05 -29.87
C ASN B 279 -54.65 -15.01 -31.06
N TYR B 280 -53.72 -15.97 -31.09
CA TYR B 280 -53.60 -17.10 -32.03
C TYR B 280 -53.44 -16.71 -33.50
N THR B 281 -53.46 -15.41 -33.81
CA THR B 281 -53.36 -14.95 -35.18
C THR B 281 -52.05 -14.23 -35.42
N GLN B 282 -51.36 -13.86 -34.34
CA GLN B 282 -50.05 -13.27 -34.51
C GLN B 282 -48.92 -14.24 -34.21
N ILE B 283 -49.23 -15.49 -33.85
CA ILE B 283 -48.16 -16.46 -33.61
C ILE B 283 -48.17 -17.56 -34.65
N ALA B 284 -47.03 -18.22 -34.75
CA ALA B 284 -46.78 -19.35 -35.63
C ALA B 284 -45.91 -20.33 -34.84
N PRO B 285 -45.94 -21.61 -35.21
CA PRO B 285 -45.03 -22.55 -34.58
C PRO B 285 -43.64 -22.37 -35.14
N PRO B 286 -42.60 -22.75 -34.39
CA PRO B 286 -41.21 -22.66 -34.88
C PRO B 286 -41.01 -23.49 -36.11
N PRO B 287 -40.03 -23.16 -36.97
CA PRO B 287 -39.97 -23.80 -38.28
C PRO B 287 -39.67 -25.28 -38.26
N TYR B 288 -39.20 -25.81 -37.15
CA TYR B 288 -39.10 -27.24 -37.02
C TYR B 288 -40.24 -27.83 -36.20
N TRP B 289 -41.21 -27.03 -35.77
CA TRP B 289 -42.41 -27.57 -35.17
C TRP B 289 -43.55 -27.70 -36.15
N GLU B 290 -43.32 -27.43 -37.42
CA GLU B 290 -44.44 -27.33 -38.34
C GLU B 290 -44.91 -28.66 -38.89
N LYS B 291 -44.46 -29.79 -38.33
CA LYS B 291 -45.11 -31.05 -38.66
C LYS B 291 -46.07 -31.48 -37.54
N MET B 292 -45.76 -31.12 -36.29
CA MET B 292 -46.72 -31.38 -35.22
C MET B 292 -47.80 -30.32 -35.15
N TYR B 293 -47.59 -29.18 -35.82
CA TYR B 293 -48.64 -28.20 -36.06
C TYR B 293 -48.62 -27.88 -37.55
N PRO B 294 -49.24 -28.73 -38.37
CA PRO B 294 -49.09 -28.56 -39.82
C PRO B 294 -49.81 -27.35 -40.36
N ASP B 295 -50.93 -26.96 -39.76
CA ASP B 295 -51.70 -25.80 -40.21
C ASP B 295 -51.50 -24.59 -39.32
N GLY B 296 -50.29 -24.43 -38.75
CA GLY B 296 -50.04 -23.32 -37.86
C GLY B 296 -50.72 -23.54 -36.54
N TYR B 297 -51.23 -22.46 -35.94
CA TYR B 297 -52.01 -22.57 -34.73
C TYR B 297 -53.48 -22.31 -35.01
N ASN B 298 -54.34 -23.13 -34.41
CA ASN B 298 -55.77 -22.89 -34.42
C ASN B 298 -56.11 -21.87 -33.34
N GLU B 299 -57.41 -21.75 -33.04
CA GLU B 299 -57.81 -20.95 -31.89
C GLU B 299 -57.78 -21.77 -30.62
N THR B 300 -57.45 -23.05 -30.71
CA THR B 300 -57.53 -23.95 -29.56
C THR B 300 -56.28 -24.80 -29.33
N ASN B 301 -55.34 -24.87 -30.26
CA ASN B 301 -54.21 -25.78 -30.10
C ASN B 301 -52.92 -25.09 -29.68
N ILE B 302 -53.00 -23.87 -29.16
CA ILE B 302 -51.78 -23.24 -28.65
C ILE B 302 -51.30 -23.98 -27.42
N PRO B 303 -50.04 -24.40 -27.36
CA PRO B 303 -49.57 -25.13 -26.19
C PRO B 303 -49.45 -24.23 -24.99
N ASP B 304 -50.19 -24.58 -23.96
CA ASP B 304 -50.00 -24.00 -22.63
C ASP B 304 -48.67 -24.53 -22.13
N ILE B 305 -47.65 -23.67 -22.09
CA ILE B 305 -46.34 -24.13 -21.66
C ILE B 305 -46.25 -24.24 -20.15
N GLN B 306 -47.28 -23.80 -19.42
CA GLN B 306 -47.27 -23.88 -17.97
C GLN B 306 -47.38 -25.32 -17.50
N ASP B 307 -48.20 -26.12 -18.16
CA ASP B 307 -48.30 -27.53 -17.81
C ASP B 307 -47.64 -28.45 -18.81
N TRP B 308 -46.97 -27.92 -19.82
CA TRP B 308 -46.29 -28.75 -20.81
C TRP B 308 -44.84 -28.85 -20.43
N GLU B 309 -44.55 -29.83 -19.57
CA GLU B 309 -43.29 -29.86 -18.86
C GLU B 309 -42.14 -30.41 -19.68
N GLU B 310 -42.42 -31.15 -20.76
CA GLU B 310 -41.33 -31.54 -21.66
C GLU B 310 -40.70 -30.32 -22.32
N PHE B 311 -41.51 -29.32 -22.61
CA PHE B 311 -41.00 -28.04 -23.07
C PHE B 311 -40.18 -27.38 -21.98
N GLN B 312 -40.68 -27.41 -20.75
CA GLN B 312 -40.00 -26.76 -19.63
C GLN B 312 -38.68 -27.42 -19.29
N ASN B 313 -38.51 -28.71 -19.59
CA ASN B 313 -37.20 -29.32 -19.44
C ASN B 313 -36.29 -28.96 -20.60
N TRP B 314 -36.84 -28.82 -21.79
CA TRP B 314 -36.01 -28.57 -22.94
C TRP B 314 -35.56 -27.12 -22.98
N MET B 315 -36.34 -26.22 -22.41
CA MET B 315 -35.98 -24.81 -22.33
C MET B 315 -34.96 -24.50 -21.27
N ARG B 316 -34.44 -25.54 -20.63
CA ARG B 316 -33.34 -25.52 -19.69
C ARG B 316 -32.18 -26.20 -20.38
N PRO B 317 -31.37 -25.48 -21.15
CA PRO B 317 -30.35 -26.14 -21.99
C PRO B 317 -29.27 -26.81 -21.17
N GLY B 318 -28.92 -28.01 -21.60
CA GLY B 318 -27.93 -28.79 -20.87
C GLY B 318 -26.56 -28.16 -20.94
N ALA B 319 -25.78 -28.40 -19.89
CA ALA B 319 -24.50 -27.73 -19.78
C ALA B 319 -23.44 -28.36 -20.65
N PHE B 320 -23.51 -29.66 -20.89
CA PHE B 320 -22.43 -30.36 -21.55
C PHE B 320 -22.94 -31.04 -22.81
N ASP B 321 -22.09 -31.86 -23.43
CA ASP B 321 -22.43 -32.55 -24.66
C ASP B 321 -23.26 -33.80 -24.42
N LYS B 322 -23.51 -34.17 -23.17
CA LYS B 322 -24.48 -35.18 -22.83
C LYS B 322 -25.67 -34.49 -22.18
N ILE B 323 -26.82 -34.59 -22.80
CA ILE B 323 -28.05 -34.03 -22.28
C ILE B 323 -28.86 -35.18 -21.73
N THR B 324 -29.27 -35.07 -20.48
CA THR B 324 -30.17 -36.04 -19.86
C THR B 324 -31.30 -35.27 -19.21
N LYS B 325 -32.50 -35.44 -19.73
CA LYS B 325 -33.66 -34.71 -19.28
C LYS B 325 -34.77 -35.69 -18.93
N LEU B 326 -35.48 -35.40 -17.85
CA LEU B 326 -36.62 -36.22 -17.48
C LEU B 326 -37.73 -36.03 -18.50
N ILE B 327 -38.39 -37.12 -18.87
CA ILE B 327 -39.56 -37.03 -19.73
C ILE B 327 -40.75 -37.84 -19.23
N ARG B 328 -40.55 -38.92 -18.47
CA ARG B 328 -41.63 -39.72 -17.96
C ARG B 328 -41.29 -40.14 -16.55
N ILE B 329 -42.21 -39.93 -15.63
CA ILE B 329 -42.01 -40.31 -14.24
C ILE B 329 -43.15 -41.24 -13.86
N ASN B 330 -42.89 -42.09 -12.87
CA ASN B 330 -43.97 -42.79 -12.20
C ASN B 330 -43.62 -42.77 -10.71
N LYS B 331 -44.22 -41.84 -9.98
CA LYS B 331 -43.98 -41.72 -8.56
C LYS B 331 -44.77 -42.73 -7.75
N ASN B 332 -45.85 -43.27 -8.33
CA ASN B 332 -46.80 -44.08 -7.58
C ASN B 332 -46.33 -45.51 -7.39
N ASP B 333 -45.86 -46.16 -8.45
CA ASP B 333 -45.75 -47.62 -8.46
C ASP B 333 -44.30 -48.08 -8.53
N THR B 334 -44.00 -49.12 -7.79
CA THR B 334 -42.77 -49.88 -7.97
C THR B 334 -42.84 -50.60 -9.32
N LEU B 335 -41.73 -50.56 -10.06
CA LEU B 335 -41.64 -51.24 -11.34
C LEU B 335 -41.12 -52.65 -11.10
N PRO B 336 -41.93 -53.69 -11.25
CA PRO B 336 -41.46 -55.04 -10.93
C PRO B 336 -40.47 -55.56 -11.95
N ALA B 337 -39.80 -56.63 -11.58
CA ALA B 337 -38.90 -57.30 -12.49
C ALA B 337 -39.69 -57.96 -13.62
N GLY B 338 -39.29 -57.68 -14.85
CA GLY B 338 -40.02 -58.22 -15.97
C GLY B 338 -39.54 -57.59 -17.26
N GLU B 339 -40.13 -58.07 -18.34
CA GLU B 339 -39.79 -57.65 -19.68
C GLU B 339 -40.75 -56.56 -20.11
N TYR B 340 -40.22 -55.38 -20.41
CA TYR B 340 -41.04 -54.23 -20.73
C TYR B 340 -40.78 -53.77 -22.14
N GLN B 341 -41.78 -53.16 -22.75
CA GLN B 341 -41.67 -52.61 -24.09
C GLN B 341 -41.87 -51.10 -24.03
N LEU B 342 -41.05 -50.37 -24.77
CA LEU B 342 -41.06 -48.92 -24.79
C LEU B 342 -41.14 -48.47 -26.23
N ASP B 343 -42.19 -47.74 -26.58
CA ASP B 343 -42.52 -47.46 -27.97
C ASP B 343 -42.23 -45.99 -28.27
N ILE B 344 -41.07 -45.73 -28.86
CA ILE B 344 -40.62 -44.37 -29.10
C ILE B 344 -40.93 -44.00 -30.53
N GLY B 345 -41.82 -43.03 -30.71
CA GLY B 345 -42.06 -42.48 -32.03
C GLY B 345 -40.85 -41.66 -32.45
N LEU B 346 -40.08 -42.16 -33.40
CA LEU B 346 -38.83 -41.53 -33.79
C LEU B 346 -39.13 -40.28 -34.59
N HIS B 347 -38.77 -39.12 -34.09
CA HIS B 347 -38.88 -37.90 -34.87
C HIS B 347 -37.70 -36.97 -34.78
N TRP B 348 -36.74 -37.19 -33.89
CA TRP B 348 -35.68 -36.21 -33.63
C TRP B 348 -34.39 -36.72 -34.24
N PRO B 349 -33.89 -36.13 -35.33
CA PRO B 349 -32.74 -36.73 -36.02
C PRO B 349 -31.39 -36.41 -35.42
N VAL B 350 -30.57 -37.45 -35.24
CA VAL B 350 -29.27 -37.35 -34.59
C VAL B 350 -28.15 -37.92 -35.43
N LEU B 351 -28.43 -38.50 -36.58
CA LEU B 351 -27.37 -39.20 -37.28
C LEU B 351 -26.56 -38.26 -38.15
N GLU B 352 -27.09 -37.08 -38.47
CA GLU B 352 -26.35 -36.16 -39.33
C GLU B 352 -25.20 -35.50 -38.59
N PHE B 353 -25.25 -35.45 -37.26
CA PHE B 353 -24.10 -35.03 -36.49
C PHE B 353 -23.45 -36.18 -35.74
N ASN B 354 -23.75 -37.41 -36.15
CA ASN B 354 -23.15 -38.65 -35.65
C ASN B 354 -23.42 -38.84 -34.15
N GLY B 355 -24.47 -38.22 -33.66
CA GLY B 355 -24.72 -38.20 -32.24
C GLY B 355 -25.66 -39.28 -31.79
N LYS B 356 -25.55 -39.62 -30.52
CA LYS B 356 -26.33 -40.68 -29.95
C LYS B 356 -27.58 -40.10 -29.30
N LYS B 357 -28.61 -40.93 -29.23
CA LYS B 357 -29.92 -40.54 -28.72
C LYS B 357 -30.43 -41.70 -27.90
N GLY B 358 -30.81 -41.45 -26.65
CA GLY B 358 -30.94 -42.58 -25.76
C GLY B 358 -32.08 -42.55 -24.78
N ILE B 359 -32.03 -43.48 -23.84
CA ILE B 359 -33.05 -43.68 -22.82
C ILE B 359 -32.34 -43.97 -21.51
N TYR B 360 -32.75 -43.33 -20.44
CA TYR B 360 -32.15 -43.60 -19.13
C TYR B 360 -33.27 -43.86 -18.14
N LEU B 361 -33.40 -45.12 -17.77
CA LEU B 361 -34.41 -45.58 -16.84
C LEU B 361 -33.75 -45.79 -15.49
N THR B 362 -34.18 -45.01 -14.50
CA THR B 362 -33.44 -45.04 -13.25
C THR B 362 -34.36 -44.71 -12.09
N HIS B 363 -34.01 -45.26 -10.94
CA HIS B 363 -34.41 -44.76 -9.64
C HIS B 363 -33.12 -44.26 -9.00
N GLY B 364 -32.78 -43.01 -9.26
CA GLY B 364 -31.53 -42.47 -8.75
C GLY B 364 -31.63 -42.26 -7.25
N SER B 365 -30.47 -42.23 -6.60
CA SER B 365 -30.44 -42.00 -5.16
C SER B 365 -30.57 -40.51 -4.85
N HIS B 366 -30.26 -40.16 -3.60
CA HIS B 366 -30.27 -38.77 -3.18
C HIS B 366 -29.18 -37.98 -3.88
N LEU B 367 -28.05 -38.64 -4.18
CA LEU B 367 -27.03 -38.02 -4.99
C LEU B 367 -27.46 -37.92 -6.45
N GLY B 368 -28.39 -38.77 -6.86
CA GLY B 368 -28.92 -38.74 -8.20
C GLY B 368 -28.05 -39.53 -9.14
N GLY B 369 -28.61 -40.54 -9.79
CA GLY B 369 -27.89 -41.28 -10.79
C GLY B 369 -26.80 -42.18 -10.23
N ARG B 370 -26.32 -43.06 -11.08
CA ARG B 370 -25.18 -43.91 -10.76
C ARG B 370 -23.95 -43.20 -11.29
N ASN B 371 -23.23 -42.54 -10.40
CA ASN B 371 -21.98 -41.90 -10.76
C ASN B 371 -21.01 -42.22 -9.64
N PRO B 372 -20.00 -43.05 -9.87
CA PRO B 372 -19.08 -43.43 -8.80
C PRO B 372 -18.08 -42.37 -8.40
N PHE B 373 -18.22 -41.13 -8.88
CA PHE B 373 -17.20 -40.12 -8.68
C PHE B 373 -17.10 -39.67 -7.23
N LEU B 374 -18.25 -39.48 -6.57
CA LEU B 374 -18.21 -38.97 -5.21
C LEU B 374 -17.69 -40.01 -4.23
N GLY B 375 -17.94 -41.29 -4.49
CA GLY B 375 -17.38 -42.31 -3.63
C GLY B 375 -15.89 -42.49 -3.84
N ILE B 376 -15.43 -42.40 -5.09
CA ILE B 376 -14.01 -42.55 -5.36
C ILE B 376 -13.23 -41.37 -4.80
N VAL B 377 -13.81 -40.18 -4.84
CA VAL B 377 -13.10 -38.99 -4.39
C VAL B 377 -13.00 -38.92 -2.87
N TYR B 378 -14.11 -39.18 -2.17
CA TYR B 378 -14.06 -39.23 -0.71
C TYR B 378 -13.14 -40.34 -0.20
N LEU B 379 -12.97 -41.44 -0.94
CA LEU B 379 -11.94 -42.39 -0.56
C LEU B 379 -10.55 -41.84 -0.84
N ILE B 380 -10.35 -41.22 -2.01
CA ILE B 380 -9.06 -40.61 -2.33
C ILE B 380 -8.78 -39.44 -1.39
N GLY B 381 -9.81 -38.71 -1.01
CA GLY B 381 -9.64 -37.67 0.00
C GLY B 381 -9.28 -38.23 1.36
N GLY B 382 -9.83 -39.39 1.70
CA GLY B 382 -9.47 -40.02 2.95
C GLY B 382 -8.16 -40.78 2.88
N CYS B 383 -7.78 -41.23 1.69
CA CYS B 383 -6.54 -41.97 1.57
C CYS B 383 -5.35 -41.03 1.37
N ILE B 384 -5.58 -39.82 0.88
CA ILE B 384 -4.48 -38.86 0.81
C ILE B 384 -4.26 -38.19 2.16
N CYS B 385 -5.35 -37.84 2.86
CA CYS B 385 -5.21 -37.23 4.19
C CYS B 385 -4.65 -38.19 5.22
N ALA B 386 -4.76 -39.50 4.98
CA ALA B 386 -4.11 -40.46 5.85
C ALA B 386 -2.67 -40.69 5.42
N ALA B 387 -2.40 -40.65 4.10
CA ALA B 387 -1.02 -40.83 3.64
C ALA B 387 -0.18 -39.61 3.92
N MET B 388 -0.75 -38.42 3.78
CA MET B 388 -0.02 -37.22 4.18
C MET B 388 0.15 -37.14 5.68
N ALA B 389 -0.75 -37.75 6.45
CA ALA B 389 -0.49 -37.90 7.87
C ALA B 389 0.56 -38.97 8.14
N LEU B 390 0.56 -40.04 7.33
CA LEU B 390 1.57 -41.07 7.49
C LEU B 390 2.94 -40.57 7.05
N ILE B 391 2.98 -39.66 6.07
CA ILE B 391 4.25 -39.07 5.69
C ILE B 391 4.71 -38.06 6.75
N LEU B 392 3.82 -37.19 7.20
CA LEU B 392 4.21 -36.17 8.17
C LEU B 392 4.23 -36.69 9.61
N LEU B 393 4.10 -37.99 9.84
CA LEU B 393 4.40 -38.58 11.13
C LEU B 393 5.62 -39.50 11.09
N THR B 394 5.80 -40.26 10.01
CA THR B 394 6.98 -41.10 9.91
C THR B 394 8.22 -40.33 9.50
N PHE B 395 8.06 -39.21 8.81
CA PHE B 395 9.18 -38.29 8.67
C PHE B 395 9.40 -37.44 9.91
N TRP B 396 8.43 -37.37 10.81
CA TRP B 396 8.53 -36.56 12.01
C TRP B 396 9.18 -37.31 13.16
N LEU B 397 8.93 -38.61 13.28
CA LEU B 397 9.55 -39.37 14.36
C LEU B 397 10.82 -40.09 13.91
N PHE B 398 10.69 -40.99 12.93
CA PHE B 398 11.78 -41.92 12.64
C PHE B 398 12.91 -41.28 11.87
N GLY B 399 12.68 -40.08 11.31
CA GLY B 399 13.72 -39.05 11.18
C GLY B 399 13.15 -37.70 11.50
N GLY B 400 13.78 -36.67 10.94
CA GLY B 400 13.20 -35.34 10.93
C GLY B 400 13.66 -34.41 12.02
N ARG B 401 12.76 -33.54 12.47
CA ARG B 401 13.07 -32.51 13.45
C ARG B 401 12.09 -32.61 14.61
N LYS B 402 12.43 -31.93 15.70
CA LYS B 402 11.57 -31.88 16.88
C LYS B 402 11.51 -30.44 17.37
N ILE B 403 10.38 -30.06 17.94
CA ILE B 403 10.21 -28.71 18.50
C ILE B 403 10.73 -28.79 19.93
N ALA B 404 12.04 -28.67 20.07
CA ALA B 404 12.70 -28.73 21.35
C ALA B 404 13.55 -27.52 21.67
N ASP B 405 13.75 -26.62 20.72
CA ASP B 405 14.73 -25.55 20.86
C ASP B 405 14.16 -24.21 20.42
N ALA B 406 14.83 -23.16 20.90
CA ALA B 406 14.70 -21.80 20.39
C ALA B 406 15.95 -21.38 19.63
N SER B 407 16.83 -22.33 19.31
CA SER B 407 18.06 -22.08 18.58
C SER B 407 17.95 -22.53 17.14
N SER B 408 16.77 -22.37 16.55
CA SER B 408 16.55 -22.74 15.16
C SER B 408 16.44 -21.55 14.24
N LEU B 409 16.39 -20.33 14.79
CA LEU B 409 16.24 -19.17 13.92
C LEU B 409 17.59 -18.48 13.65
N SER B 410 18.23 -17.97 14.69
CA SER B 410 19.53 -17.32 14.60
C SER B 410 20.36 -17.86 15.75
N TRP B 411 21.32 -18.69 15.42
CA TRP B 411 21.94 -19.57 16.39
C TRP B 411 23.28 -19.03 16.89
C1 NAG C . -39.12 -32.81 -34.92
C2 NAG C . -37.66 -32.67 -35.40
C3 NAG C . -37.58 -32.08 -36.78
C4 NAG C . -38.45 -32.86 -37.74
C5 NAG C . -39.88 -32.83 -37.23
C6 NAG C . -40.81 -33.67 -38.04
C7 NAG C . -37.03 -30.63 -34.11
C8 NAG C . -35.96 -30.07 -33.28
N2 NAG C . -36.82 -31.89 -34.50
O3 NAG C . -36.22 -32.18 -37.18
O4 NAG C . -38.32 -32.44 -39.09
O5 NAG C . -39.91 -33.42 -35.92
O6 NAG C . -41.54 -34.55 -37.19
O7 NAG C . -38.04 -30.00 -34.34
C1 NAG C . -38.17 -31.08 -39.48
C2 NAG C . -36.83 -30.85 -40.21
C3 NAG C . -36.83 -29.53 -40.98
C4 NAG C . -38.08 -29.39 -41.83
C5 NAG C . -39.29 -29.52 -40.93
C6 NAG C . -40.60 -29.46 -41.67
C7 NAG C . -34.46 -31.20 -39.62
C8 NAG C . -33.44 -31.16 -38.53
N2 NAG C . -35.71 -30.88 -39.28
O3 NAG C . -35.67 -29.46 -41.81
O4 NAG C . -38.07 -28.12 -42.48
O5 NAG C . -39.24 -30.82 -40.34
O6 NAG C . -41.16 -30.76 -41.83
O7 NAG C . -34.17 -31.50 -40.78
C1 BMA C . -37.96 -28.35 -43.91
C2 BMA C . -38.73 -27.19 -44.59
C3 BMA C . -38.51 -27.20 -46.09
C4 BMA C . -37.01 -27.41 -46.46
C5 BMA C . -36.43 -28.61 -45.71
C6 BMA C . -34.95 -28.82 -45.95
O2 BMA C . -38.27 -25.96 -44.11
O3 BMA C . -39.02 -26.03 -46.69
O4 BMA C . -36.89 -27.64 -47.85
O5 BMA C . -36.60 -28.37 -44.31
O6 BMA C . -34.55 -30.02 -45.29
PG ACP D . 22.91 17.70 12.77
O1G ACP D . 23.48 16.90 13.88
O2G ACP D . 23.80 17.46 11.45
O3G ACP D . 21.39 17.25 12.49
PB ACP D . 24.65 20.04 13.35
O1B ACP D . 25.12 19.85 14.73
O2B ACP D . 25.63 19.24 12.36
C3B ACP D . 22.95 19.45 13.22
PA ACP D . 25.19 22.10 11.58
O1A ACP D . 24.23 23.09 10.95
O2A ACP D . 25.70 20.93 10.80
O3A ACP D . 24.59 21.60 12.98
O5' ACP D . 26.47 22.88 12.16
C5' ACP D . 27.75 22.35 11.87
C4' ACP D . 28.70 22.82 12.95
O4' ACP D . 28.43 24.18 13.22
C3' ACP D . 28.43 22.05 14.23
O3' ACP D . 29.56 21.24 14.54
C2' ACP D . 28.29 23.10 15.31
O2' ACP D . 29.34 22.92 16.26
C1' ACP D . 28.42 24.43 14.61
N9 ACP D . 27.25 25.25 14.95
C8 ACP D . 25.99 24.80 14.98
N7 ACP D . 25.13 25.79 15.33
C5 ACP D . 25.86 26.90 15.53
C6 ACP D . 25.59 28.31 15.91
N6 ACP D . 24.34 28.75 16.16
N1 ACP D . 26.64 29.14 16.01
C2 ACP D . 27.90 28.73 15.77
N3 ACP D . 28.22 27.49 15.41
C4 ACP D . 27.26 26.53 15.28
MG MG E . 19.42 17.51 13.16
#